data_4N30
# 
_entry.id   4N30 
# 
_audit_conform.dict_name       mmcif_pdbx.dic 
_audit_conform.dict_version    5.397 
_audit_conform.dict_location   http://mmcif.pdb.org/dictionaries/ascii/mmcif_pdbx.dic 
# 
loop_
_database_2.database_id 
_database_2.database_code 
_database_2.pdbx_database_accession 
_database_2.pdbx_DOI 
PDB   4N30         pdb_00004n30 10.2210/pdb4n30/pdb 
RCSB  RCSB082687   ?            ?                   
WWPDB D_1000082687 ?            ?                   
# 
loop_
_pdbx_audit_revision_history.ordinal 
_pdbx_audit_revision_history.data_content_type 
_pdbx_audit_revision_history.major_revision 
_pdbx_audit_revision_history.minor_revision 
_pdbx_audit_revision_history.revision_date 
1 'Structure model' 1 0 2013-12-04 
2 'Structure model' 1 1 2014-01-08 
3 'Structure model' 1 2 2024-10-16 
# 
_pdbx_audit_revision_details.ordinal             1 
_pdbx_audit_revision_details.revision_ordinal    1 
_pdbx_audit_revision_details.data_content_type   'Structure model' 
_pdbx_audit_revision_details.provider            repository 
_pdbx_audit_revision_details.type                'Initial release' 
_pdbx_audit_revision_details.description         ? 
_pdbx_audit_revision_details.details             ? 
# 
loop_
_pdbx_audit_revision_group.ordinal 
_pdbx_audit_revision_group.revision_ordinal 
_pdbx_audit_revision_group.data_content_type 
_pdbx_audit_revision_group.group 
1 2 'Structure model' 'Database references' 
2 3 'Structure model' 'Data collection'     
3 3 'Structure model' 'Database references' 
4 3 'Structure model' 'Structure summary'   
# 
loop_
_pdbx_audit_revision_category.ordinal 
_pdbx_audit_revision_category.revision_ordinal 
_pdbx_audit_revision_category.data_content_type 
_pdbx_audit_revision_category.category 
1 3 'Structure model' chem_comp_atom            
2 3 'Structure model' chem_comp_bond            
3 3 'Structure model' database_2                
4 3 'Structure model' pdbx_entry_details        
5 3 'Structure model' pdbx_modification_feature 
6 3 'Structure model' struct_ref_seq_dif        
# 
loop_
_pdbx_audit_revision_item.ordinal 
_pdbx_audit_revision_item.revision_ordinal 
_pdbx_audit_revision_item.data_content_type 
_pdbx_audit_revision_item.item 
1 3 'Structure model' '_database_2.pdbx_DOI'                
2 3 'Structure model' '_database_2.pdbx_database_accession' 
3 3 'Structure model' '_struct_ref_seq_dif.details'         
# 
_pdbx_database_status.status_code                     REL 
_pdbx_database_status.entry_id                        4N30 
_pdbx_database_status.recvd_initial_deposition_date   2013-10-06 
_pdbx_database_status.deposit_site                    RCSB 
_pdbx_database_status.process_site                    RCSB 
_pdbx_database_status.status_code_sf                  REL 
_pdbx_database_status.status_code_mr                  ? 
_pdbx_database_status.SG_entry                        ? 
_pdbx_database_status.status_code_cs                  ? 
_pdbx_database_status.methods_development_category    ? 
_pdbx_database_status.pdb_format_compatible           Y 
_pdbx_database_status.status_code_nmr_data            ? 
# 
loop_
_audit_author.name 
_audit_author.pdbx_ordinal 
'Tamu, V.D.'  1 
'Wahni, K.'   2 
'Messens, J.' 3 
# 
_citation.id                        primary 
_citation.title                     'Dissecting the machinery that introduces disulfide bonds in Pseudomonas aeruginosa.' 
_citation.journal_abbrev            MBio 
_citation.journal_volume            4 
_citation.page_first                e00912 
_citation.page_last                 e00913 
_citation.year                      2013 
_citation.journal_id_ASTM           ? 
_citation.country                   US 
_citation.journal_id_ISSN           2150-7511 
_citation.journal_id_CSD            ? 
_citation.book_publisher            ? 
_citation.pdbx_database_id_PubMed   24327342 
_citation.pdbx_database_id_DOI      10.1128/mBio.00912-13 
# 
loop_
_citation_author.citation_id 
_citation_author.name 
_citation_author.ordinal 
_citation_author.identifier_ORCID 
primary 'Arts, I.S.'    1  ? 
primary 'Ball, G.'      2  ? 
primary 'Leverrier, P.' 3  ? 
primary 'Garvis, S.'    4  ? 
primary 'Nicolaes, V.'  5  ? 
primary 'Vertommen, D.' 6  ? 
primary 'Ize, B.'       7  ? 
primary 'Tamu Dufe, V.' 8  ? 
primary 'Messens, J.'   9  ? 
primary 'Voulhoux, R.'  10 ? 
primary 'Collet, J.F.'  11 ? 
# 
loop_
_entity.id 
_entity.type 
_entity.src_method 
_entity.pdbx_description 
_entity.formula_weight 
_entity.pdbx_number_of_molecules 
_entity.pdbx_ec 
_entity.pdbx_mutation 
_entity.pdbx_fragment 
_entity.details 
1 polymer man 'Protein disulfide isomerase' 24091.699 1   ? ? ? ? 
2 water   nat water                         18.015    136 ? ? ? ? 
# 
_entity_poly.entity_id                      1 
_entity_poly.type                           'polypeptide(L)' 
_entity_poly.nstd_linkage                   no 
_entity_poly.nstd_monomer                   no 
_entity_poly.pdbx_seq_one_letter_code       
;MRLLKGGWAAKRFQGPALPWAGLLLVLLAASAVGVELLVKGLPANHSLYGDAKARWTINEYADLECPFCKVYTPRLKRWV
DSHPDVNLVWRHLPLQMHGEAARHQARLVECAGIQGGAKAFWSAIDAIFAQSAGNGGGLPGGTLDFPELDQARLEKCAKD
NELIDSDIKLDIDIARSKGITATPTLVIRDNQTGRSVKLEGMADETTLLSAIDWLAKDLLE
;
_entity_poly.pdbx_seq_one_letter_code_can   
;MRLLKGGWAAKRFQGPALPWAGLLLVLLAASAVGVELLVKGLPANHSLYGDAKARWTINEYADLECPFCKVYTPRLKRWV
DSHPDVNLVWRHLPLQMHGEAARHQARLVECAGIQGGAKAFWSAIDAIFAQSAGNGGGLPGGTLDFPELDQARLEKCAKD
NELIDSDIKLDIDIARSKGITATPTLVIRDNQTGRSVKLEGMADETTLLSAIDWLAKDLLE
;
_entity_poly.pdbx_strand_id                 A 
_entity_poly.pdbx_target_identifier         ? 
# 
_pdbx_entity_nonpoly.entity_id   2 
_pdbx_entity_nonpoly.name        water 
_pdbx_entity_nonpoly.comp_id     HOH 
# 
loop_
_entity_poly_seq.entity_id 
_entity_poly_seq.num 
_entity_poly_seq.mon_id 
_entity_poly_seq.hetero 
1 1   MET n 
1 2   ARG n 
1 3   LEU n 
1 4   LEU n 
1 5   LYS n 
1 6   GLY n 
1 7   GLY n 
1 8   TRP n 
1 9   ALA n 
1 10  ALA n 
1 11  LYS n 
1 12  ARG n 
1 13  PHE n 
1 14  GLN n 
1 15  GLY n 
1 16  PRO n 
1 17  ALA n 
1 18  LEU n 
1 19  PRO n 
1 20  TRP n 
1 21  ALA n 
1 22  GLY n 
1 23  LEU n 
1 24  LEU n 
1 25  LEU n 
1 26  VAL n 
1 27  LEU n 
1 28  LEU n 
1 29  ALA n 
1 30  ALA n 
1 31  SER n 
1 32  ALA n 
1 33  VAL n 
1 34  GLY n 
1 35  VAL n 
1 36  GLU n 
1 37  LEU n 
1 38  LEU n 
1 39  VAL n 
1 40  LYS n 
1 41  GLY n 
1 42  LEU n 
1 43  PRO n 
1 44  ALA n 
1 45  ASN n 
1 46  HIS n 
1 47  SER n 
1 48  LEU n 
1 49  TYR n 
1 50  GLY n 
1 51  ASP n 
1 52  ALA n 
1 53  LYS n 
1 54  ALA n 
1 55  ARG n 
1 56  TRP n 
1 57  THR n 
1 58  ILE n 
1 59  ASN n 
1 60  GLU n 
1 61  TYR n 
1 62  ALA n 
1 63  ASP n 
1 64  LEU n 
1 65  GLU n 
1 66  CYS n 
1 67  PRO n 
1 68  PHE n 
1 69  CYS n 
1 70  LYS n 
1 71  VAL n 
1 72  TYR n 
1 73  THR n 
1 74  PRO n 
1 75  ARG n 
1 76  LEU n 
1 77  LYS n 
1 78  ARG n 
1 79  TRP n 
1 80  VAL n 
1 81  ASP n 
1 82  SER n 
1 83  HIS n 
1 84  PRO n 
1 85  ASP n 
1 86  VAL n 
1 87  ASN n 
1 88  LEU n 
1 89  VAL n 
1 90  TRP n 
1 91  ARG n 
1 92  HIS n 
1 93  LEU n 
1 94  PRO n 
1 95  LEU n 
1 96  GLN n 
1 97  MET n 
1 98  HIS n 
1 99  GLY n 
1 100 GLU n 
1 101 ALA n 
1 102 ALA n 
1 103 ARG n 
1 104 HIS n 
1 105 GLN n 
1 106 ALA n 
1 107 ARG n 
1 108 LEU n 
1 109 VAL n 
1 110 GLU n 
1 111 CYS n 
1 112 ALA n 
1 113 GLY n 
1 114 ILE n 
1 115 GLN n 
1 116 GLY n 
1 117 GLY n 
1 118 ALA n 
1 119 LYS n 
1 120 ALA n 
1 121 PHE n 
1 122 TRP n 
1 123 SER n 
1 124 ALA n 
1 125 ILE n 
1 126 ASP n 
1 127 ALA n 
1 128 ILE n 
1 129 PHE n 
1 130 ALA n 
1 131 GLN n 
1 132 SER n 
1 133 ALA n 
1 134 GLY n 
1 135 ASN n 
1 136 GLY n 
1 137 GLY n 
1 138 GLY n 
1 139 LEU n 
1 140 PRO n 
1 141 GLY n 
1 142 GLY n 
1 143 THR n 
1 144 LEU n 
1 145 ASP n 
1 146 PHE n 
1 147 PRO n 
1 148 GLU n 
1 149 LEU n 
1 150 ASP n 
1 151 GLN n 
1 152 ALA n 
1 153 ARG n 
1 154 LEU n 
1 155 GLU n 
1 156 LYS n 
1 157 CYS n 
1 158 ALA n 
1 159 LYS n 
1 160 ASP n 
1 161 ASN n 
1 162 GLU n 
1 163 LEU n 
1 164 ILE n 
1 165 ASP n 
1 166 SER n 
1 167 ASP n 
1 168 ILE n 
1 169 LYS n 
1 170 LEU n 
1 171 ASP n 
1 172 ILE n 
1 173 ASP n 
1 174 ILE n 
1 175 ALA n 
1 176 ARG n 
1 177 SER n 
1 178 LYS n 
1 179 GLY n 
1 180 ILE n 
1 181 THR n 
1 182 ALA n 
1 183 THR n 
1 184 PRO n 
1 185 THR n 
1 186 LEU n 
1 187 VAL n 
1 188 ILE n 
1 189 ARG n 
1 190 ASP n 
1 191 ASN n 
1 192 GLN n 
1 193 THR n 
1 194 GLY n 
1 195 ARG n 
1 196 SER n 
1 197 VAL n 
1 198 LYS n 
1 199 LEU n 
1 200 GLU n 
1 201 GLY n 
1 202 MET n 
1 203 ALA n 
1 204 ASP n 
1 205 GLU n 
1 206 THR n 
1 207 THR n 
1 208 LEU n 
1 209 LEU n 
1 210 SER n 
1 211 ALA n 
1 212 ILE n 
1 213 ASP n 
1 214 TRP n 
1 215 LEU n 
1 216 ALA n 
1 217 LYS n 
1 218 ASP n 
1 219 LEU n 
1 220 LEU n 
1 221 GLU n 
# 
_entity_src_gen.entity_id                          1 
_entity_src_gen.pdbx_src_id                        1 
_entity_src_gen.pdbx_alt_source_flag               sample 
_entity_src_gen.pdbx_seq_type                      ? 
_entity_src_gen.pdbx_beg_seq_num                   ? 
_entity_src_gen.pdbx_end_seq_num                   ? 
_entity_src_gen.gene_src_common_name               ? 
_entity_src_gen.gene_src_genus                     ? 
_entity_src_gen.pdbx_gene_src_gene                 'dsbG, EXA31, RL020' 
_entity_src_gen.gene_src_species                   ? 
_entity_src_gen.gene_src_strain                    ? 
_entity_src_gen.gene_src_tissue                    ? 
_entity_src_gen.gene_src_tissue_fraction           ? 
_entity_src_gen.gene_src_details                   ? 
_entity_src_gen.pdbx_gene_src_fragment             ? 
_entity_src_gen.pdbx_gene_src_scientific_name      'Pseudomonas aeruginosa' 
_entity_src_gen.pdbx_gene_src_ncbi_taxonomy_id     287 
_entity_src_gen.pdbx_gene_src_variant              ? 
_entity_src_gen.pdbx_gene_src_cell_line            ? 
_entity_src_gen.pdbx_gene_src_atcc                 ? 
_entity_src_gen.pdbx_gene_src_organ                ? 
_entity_src_gen.pdbx_gene_src_organelle            ? 
_entity_src_gen.pdbx_gene_src_cell                 ? 
_entity_src_gen.pdbx_gene_src_cellular_location    ? 
_entity_src_gen.host_org_common_name               ? 
_entity_src_gen.pdbx_host_org_scientific_name      'Spodoptera frugiperda' 
_entity_src_gen.pdbx_host_org_ncbi_taxonomy_id     7108 
_entity_src_gen.host_org_genus                     ? 
_entity_src_gen.pdbx_host_org_gene                 ? 
_entity_src_gen.pdbx_host_org_organ                ? 
_entity_src_gen.host_org_species                   ? 
_entity_src_gen.pdbx_host_org_tissue               ? 
_entity_src_gen.pdbx_host_org_tissue_fraction      ? 
_entity_src_gen.pdbx_host_org_strain               ? 
_entity_src_gen.pdbx_host_org_variant              ? 
_entity_src_gen.pdbx_host_org_cell_line            ? 
_entity_src_gen.pdbx_host_org_atcc                 ? 
_entity_src_gen.pdbx_host_org_culture_collection   ? 
_entity_src_gen.pdbx_host_org_cell                 ? 
_entity_src_gen.pdbx_host_org_organelle            ? 
_entity_src_gen.pdbx_host_org_cellular_location    ? 
_entity_src_gen.pdbx_host_org_vector_type          ? 
_entity_src_gen.pdbx_host_org_vector               ? 
_entity_src_gen.host_org_details                   ? 
_entity_src_gen.expression_system_id               ? 
_entity_src_gen.plasmid_name                       ? 
_entity_src_gen.plasmid_details                    ? 
_entity_src_gen.pdbx_description                   ? 
# 
loop_
_chem_comp.id 
_chem_comp.type 
_chem_comp.mon_nstd_flag 
_chem_comp.name 
_chem_comp.pdbx_synonyms 
_chem_comp.formula 
_chem_comp.formula_weight 
ALA 'L-peptide linking' y ALANINE         ? 'C3 H7 N O2'     89.093  
ARG 'L-peptide linking' y ARGININE        ? 'C6 H15 N4 O2 1' 175.209 
ASN 'L-peptide linking' y ASPARAGINE      ? 'C4 H8 N2 O3'    132.118 
ASP 'L-peptide linking' y 'ASPARTIC ACID' ? 'C4 H7 N O4'     133.103 
CYS 'L-peptide linking' y CYSTEINE        ? 'C3 H7 N O2 S'   121.158 
GLN 'L-peptide linking' y GLUTAMINE       ? 'C5 H10 N2 O3'   146.144 
GLU 'L-peptide linking' y 'GLUTAMIC ACID' ? 'C5 H9 N O4'     147.129 
GLY 'peptide linking'   y GLYCINE         ? 'C2 H5 N O2'     75.067  
HIS 'L-peptide linking' y HISTIDINE       ? 'C6 H10 N3 O2 1' 156.162 
HOH non-polymer         . WATER           ? 'H2 O'           18.015  
ILE 'L-peptide linking' y ISOLEUCINE      ? 'C6 H13 N O2'    131.173 
LEU 'L-peptide linking' y LEUCINE         ? 'C6 H13 N O2'    131.173 
LYS 'L-peptide linking' y LYSINE          ? 'C6 H15 N2 O2 1' 147.195 
MET 'L-peptide linking' y METHIONINE      ? 'C5 H11 N O2 S'  149.211 
PHE 'L-peptide linking' y PHENYLALANINE   ? 'C9 H11 N O2'    165.189 
PRO 'L-peptide linking' y PROLINE         ? 'C5 H9 N O2'     115.130 
SER 'L-peptide linking' y SERINE          ? 'C3 H7 N O3'     105.093 
THR 'L-peptide linking' y THREONINE       ? 'C4 H9 N O3'     119.119 
TRP 'L-peptide linking' y TRYPTOPHAN      ? 'C11 H12 N2 O2'  204.225 
TYR 'L-peptide linking' y TYROSINE        ? 'C9 H11 N O3'    181.189 
VAL 'L-peptide linking' y VALINE          ? 'C5 H11 N O2'    117.146 
# 
loop_
_pdbx_poly_seq_scheme.asym_id 
_pdbx_poly_seq_scheme.entity_id 
_pdbx_poly_seq_scheme.seq_id 
_pdbx_poly_seq_scheme.mon_id 
_pdbx_poly_seq_scheme.ndb_seq_num 
_pdbx_poly_seq_scheme.pdb_seq_num 
_pdbx_poly_seq_scheme.auth_seq_num 
_pdbx_poly_seq_scheme.pdb_mon_id 
_pdbx_poly_seq_scheme.auth_mon_id 
_pdbx_poly_seq_scheme.pdb_strand_id 
_pdbx_poly_seq_scheme.pdb_ins_code 
_pdbx_poly_seq_scheme.hetero 
A 1 1   MET 1   1   ?   ?   ?   A . n 
A 1 2   ARG 2   2   ?   ?   ?   A . n 
A 1 3   LEU 3   3   ?   ?   ?   A . n 
A 1 4   LEU 4   4   ?   ?   ?   A . n 
A 1 5   LYS 5   5   ?   ?   ?   A . n 
A 1 6   GLY 6   6   ?   ?   ?   A . n 
A 1 7   GLY 7   7   ?   ?   ?   A . n 
A 1 8   TRP 8   8   ?   ?   ?   A . n 
A 1 9   ALA 9   9   ?   ?   ?   A . n 
A 1 10  ALA 10  10  ?   ?   ?   A . n 
A 1 11  LYS 11  11  ?   ?   ?   A . n 
A 1 12  ARG 12  12  ?   ?   ?   A . n 
A 1 13  PHE 13  13  ?   ?   ?   A . n 
A 1 14  GLN 14  14  ?   ?   ?   A . n 
A 1 15  GLY 15  15  ?   ?   ?   A . n 
A 1 16  PRO 16  16  ?   ?   ?   A . n 
A 1 17  ALA 17  17  ?   ?   ?   A . n 
A 1 18  LEU 18  18  ?   ?   ?   A . n 
A 1 19  PRO 19  19  ?   ?   ?   A . n 
A 1 20  TRP 20  20  ?   ?   ?   A . n 
A 1 21  ALA 21  21  ?   ?   ?   A . n 
A 1 22  GLY 22  22  ?   ?   ?   A . n 
A 1 23  LEU 23  23  ?   ?   ?   A . n 
A 1 24  LEU 24  24  ?   ?   ?   A . n 
A 1 25  LEU 25  25  ?   ?   ?   A . n 
A 1 26  VAL 26  26  ?   ?   ?   A . n 
A 1 27  LEU 27  27  ?   ?   ?   A . n 
A 1 28  LEU 28  28  ?   ?   ?   A . n 
A 1 29  ALA 29  29  ?   ?   ?   A . n 
A 1 30  ALA 30  30  ?   ?   ?   A . n 
A 1 31  SER 31  31  ?   ?   ?   A . n 
A 1 32  ALA 32  32  ?   ?   ?   A . n 
A 1 33  VAL 33  33  ?   ?   ?   A . n 
A 1 34  GLY 34  34  ?   ?   ?   A . n 
A 1 35  VAL 35  35  ?   ?   ?   A . n 
A 1 36  GLU 36  36  ?   ?   ?   A . n 
A 1 37  LEU 37  37  ?   ?   ?   A . n 
A 1 38  LEU 38  38  ?   ?   ?   A . n 
A 1 39  VAL 39  39  ?   ?   ?   A . n 
A 1 40  LYS 40  40  40  LYS LYS A . n 
A 1 41  GLY 41  41  41  GLY GLY A . n 
A 1 42  LEU 42  42  42  LEU LEU A . n 
A 1 43  PRO 43  43  43  PRO PRO A . n 
A 1 44  ALA 44  44  44  ALA ALA A . n 
A 1 45  ASN 45  45  45  ASN ASN A . n 
A 1 46  HIS 46  46  46  HIS HIS A . n 
A 1 47  SER 47  47  47  SER SER A . n 
A 1 48  LEU 48  48  48  LEU LEU A . n 
A 1 49  TYR 49  49  49  TYR TYR A . n 
A 1 50  GLY 50  50  50  GLY GLY A . n 
A 1 51  ASP 51  51  51  ASP ASP A . n 
A 1 52  ALA 52  52  52  ALA ALA A . n 
A 1 53  LYS 53  53  53  LYS LYS A . n 
A 1 54  ALA 54  54  54  ALA ALA A . n 
A 1 55  ARG 55  55  55  ARG ARG A . n 
A 1 56  TRP 56  56  56  TRP TRP A . n 
A 1 57  THR 57  57  57  THR THR A . n 
A 1 58  ILE 58  58  58  ILE ILE A . n 
A 1 59  ASN 59  59  59  ASN ASN A . n 
A 1 60  GLU 60  60  60  GLU GLU A . n 
A 1 61  TYR 61  61  61  TYR TYR A . n 
A 1 62  ALA 62  62  62  ALA ALA A . n 
A 1 63  ASP 63  63  63  ASP ASP A . n 
A 1 64  LEU 64  64  64  LEU LEU A . n 
A 1 65  GLU 65  65  65  GLU GLU A . n 
A 1 66  CYS 66  66  66  CYS CYS A . n 
A 1 67  PRO 67  67  67  PRO PRO A . n 
A 1 68  PHE 68  68  68  PHE PHE A . n 
A 1 69  CYS 69  69  69  CYS CYS A . n 
A 1 70  LYS 70  70  70  LYS LYS A . n 
A 1 71  VAL 71  71  71  VAL VAL A . n 
A 1 72  TYR 72  72  72  TYR TYR A . n 
A 1 73  THR 73  73  73  THR THR A . n 
A 1 74  PRO 74  74  74  PRO PRO A . n 
A 1 75  ARG 75  75  75  ARG ARG A . n 
A 1 76  LEU 76  76  76  LEU LEU A . n 
A 1 77  LYS 77  77  77  LYS LYS A . n 
A 1 78  ARG 78  78  78  ARG ARG A . n 
A 1 79  TRP 79  79  79  TRP TRP A . n 
A 1 80  VAL 80  80  80  VAL VAL A . n 
A 1 81  ASP 81  81  81  ASP ASP A . n 
A 1 82  SER 82  82  82  SER SER A . n 
A 1 83  HIS 83  83  83  HIS HIS A . n 
A 1 84  PRO 84  84  84  PRO PRO A . n 
A 1 85  ASP 85  85  85  ASP ASP A . n 
A 1 86  VAL 86  86  86  VAL VAL A . n 
A 1 87  ASN 87  87  87  ASN ASN A . n 
A 1 88  LEU 88  88  88  LEU LEU A . n 
A 1 89  VAL 89  89  89  VAL VAL A . n 
A 1 90  TRP 90  90  90  TRP TRP A . n 
A 1 91  ARG 91  91  91  ARG ARG A . n 
A 1 92  HIS 92  92  92  HIS HIS A . n 
A 1 93  LEU 93  93  93  LEU LEU A . n 
A 1 94  PRO 94  94  94  PRO PRO A . n 
A 1 95  LEU 95  95  95  LEU LEU A . n 
A 1 96  GLN 96  96  96  GLN GLN A . n 
A 1 97  MET 97  97  97  MET MET A . n 
A 1 98  HIS 98  98  98  HIS HIS A . n 
A 1 99  GLY 99  99  99  GLY GLY A . n 
A 1 100 GLU 100 100 100 GLU GLU A . n 
A 1 101 ALA 101 101 101 ALA ALA A . n 
A 1 102 ALA 102 102 102 ALA ALA A . n 
A 1 103 ARG 103 103 103 ARG ARG A . n 
A 1 104 HIS 104 104 104 HIS HIS A . n 
A 1 105 GLN 105 105 105 GLN GLN A . n 
A 1 106 ALA 106 106 106 ALA ALA A . n 
A 1 107 ARG 107 107 107 ARG ARG A . n 
A 1 108 LEU 108 108 108 LEU LEU A . n 
A 1 109 VAL 109 109 109 VAL VAL A . n 
A 1 110 GLU 110 110 110 GLU GLU A . n 
A 1 111 CYS 111 111 111 CYS CYS A . n 
A 1 112 ALA 112 112 112 ALA ALA A . n 
A 1 113 GLY 113 113 113 GLY GLY A . n 
A 1 114 ILE 114 114 114 ILE ILE A . n 
A 1 115 GLN 115 115 115 GLN GLN A . n 
A 1 116 GLY 116 116 116 GLY GLY A . n 
A 1 117 GLY 117 117 117 GLY GLY A . n 
A 1 118 ALA 118 118 118 ALA ALA A . n 
A 1 119 LYS 119 119 119 LYS LYS A . n 
A 1 120 ALA 120 120 120 ALA ALA A . n 
A 1 121 PHE 121 121 121 PHE PHE A . n 
A 1 122 TRP 122 122 122 TRP TRP A . n 
A 1 123 SER 123 123 123 SER SER A . n 
A 1 124 ALA 124 124 124 ALA ALA A . n 
A 1 125 ILE 125 125 125 ILE ILE A . n 
A 1 126 ASP 126 126 126 ASP ASP A . n 
A 1 127 ALA 127 127 127 ALA ALA A . n 
A 1 128 ILE 128 128 128 ILE ILE A . n 
A 1 129 PHE 129 129 129 PHE PHE A . n 
A 1 130 ALA 130 130 130 ALA ALA A . n 
A 1 131 GLN 131 131 131 GLN GLN A . n 
A 1 132 SER 132 132 132 SER SER A . n 
A 1 133 ALA 133 133 133 ALA ALA A . n 
A 1 134 GLY 134 134 134 GLY GLY A . n 
A 1 135 ASN 135 135 135 ASN ASN A . n 
A 1 136 GLY 136 136 136 GLY GLY A . n 
A 1 137 GLY 137 137 137 GLY GLY A . n 
A 1 138 GLY 138 138 138 GLY GLY A . n 
A 1 139 LEU 139 139 139 LEU LEU A . n 
A 1 140 PRO 140 140 140 PRO PRO A . n 
A 1 141 GLY 141 141 141 GLY GLY A . n 
A 1 142 GLY 142 142 142 GLY GLY A . n 
A 1 143 THR 143 143 143 THR THR A . n 
A 1 144 LEU 144 144 144 LEU LEU A . n 
A 1 145 ASP 145 145 145 ASP ASP A . n 
A 1 146 PHE 146 146 146 PHE PHE A . n 
A 1 147 PRO 147 147 147 PRO PRO A . n 
A 1 148 GLU 148 148 148 GLU GLU A . n 
A 1 149 LEU 149 149 149 LEU LEU A . n 
A 1 150 ASP 150 150 150 ASP ASP A . n 
A 1 151 GLN 151 151 151 GLN GLN A . n 
A 1 152 ALA 152 152 152 ALA ALA A . n 
A 1 153 ARG 153 153 153 ARG ARG A . n 
A 1 154 LEU 154 154 154 LEU LEU A . n 
A 1 155 GLU 155 155 155 GLU GLU A . n 
A 1 156 LYS 156 156 156 LYS LYS A . n 
A 1 157 CYS 157 157 157 CYS CYS A . n 
A 1 158 ALA 158 158 158 ALA ALA A . n 
A 1 159 LYS 159 159 159 LYS LYS A . n 
A 1 160 ASP 160 160 160 ASP ASP A . n 
A 1 161 ASN 161 161 161 ASN ASN A . n 
A 1 162 GLU 162 162 162 GLU GLU A . n 
A 1 163 LEU 163 163 163 LEU LEU A . n 
A 1 164 ILE 164 164 164 ILE ILE A . n 
A 1 165 ASP 165 165 165 ASP ASP A . n 
A 1 166 SER 166 166 166 SER SER A . n 
A 1 167 ASP 167 167 167 ASP ASP A . n 
A 1 168 ILE 168 168 168 ILE ILE A . n 
A 1 169 LYS 169 169 169 LYS LYS A . n 
A 1 170 LEU 170 170 170 LEU LEU A . n 
A 1 171 ASP 171 171 171 ASP ASP A . n 
A 1 172 ILE 172 172 172 ILE ILE A . n 
A 1 173 ASP 173 173 173 ASP ASP A . n 
A 1 174 ILE 174 174 174 ILE ILE A . n 
A 1 175 ALA 175 175 175 ALA ALA A . n 
A 1 176 ARG 176 176 176 ARG ARG A . n 
A 1 177 SER 177 177 177 SER SER A . n 
A 1 178 LYS 178 178 178 LYS LYS A . n 
A 1 179 GLY 179 179 179 GLY GLY A . n 
A 1 180 ILE 180 180 180 ILE ILE A . n 
A 1 181 THR 181 181 181 THR THR A . n 
A 1 182 ALA 182 182 182 ALA ALA A . n 
A 1 183 THR 183 183 183 THR THR A . n 
A 1 184 PRO 184 184 184 PRO PRO A . n 
A 1 185 THR 185 185 185 THR THR A . n 
A 1 186 LEU 186 186 186 LEU LEU A . n 
A 1 187 VAL 187 187 187 VAL VAL A . n 
A 1 188 ILE 188 188 188 ILE ILE A . n 
A 1 189 ARG 189 189 189 ARG ARG A . n 
A 1 190 ASP 190 190 190 ASP ASP A . n 
A 1 191 ASN 191 191 191 ASN ASN A . n 
A 1 192 GLN 192 192 192 GLN GLN A . n 
A 1 193 THR 193 193 193 THR THR A . n 
A 1 194 GLY 194 194 194 GLY GLY A . n 
A 1 195 ARG 195 195 195 ARG ARG A . n 
A 1 196 SER 196 196 196 SER SER A . n 
A 1 197 VAL 197 197 197 VAL VAL A . n 
A 1 198 LYS 198 198 198 LYS LYS A . n 
A 1 199 LEU 199 199 199 LEU LEU A . n 
A 1 200 GLU 200 200 200 GLU GLU A . n 
A 1 201 GLY 201 201 201 GLY GLY A . n 
A 1 202 MET 202 202 202 MET MET A . n 
A 1 203 ALA 203 203 203 ALA ALA A . n 
A 1 204 ASP 204 204 204 ASP ASP A . n 
A 1 205 GLU 205 205 205 GLU GLU A . n 
A 1 206 THR 206 206 206 THR THR A . n 
A 1 207 THR 207 207 207 THR THR A . n 
A 1 208 LEU 208 208 208 LEU LEU A . n 
A 1 209 LEU 209 209 209 LEU LEU A . n 
A 1 210 SER 210 210 210 SER SER A . n 
A 1 211 ALA 211 211 211 ALA ALA A . n 
A 1 212 ILE 212 212 212 ILE ILE A . n 
A 1 213 ASP 213 213 213 ASP ASP A . n 
A 1 214 TRP 214 214 214 TRP TRP A . n 
A 1 215 LEU 215 215 215 LEU LEU A . n 
A 1 216 ALA 216 216 216 ALA ALA A . n 
A 1 217 LYS 217 217 217 LYS LYS A . n 
A 1 218 ASP 218 218 218 ASP ASP A . n 
A 1 219 LEU 219 219 219 LEU LEU A . n 
A 1 220 LEU 220 220 220 LEU LEU A . n 
A 1 221 GLU 221 221 221 GLU GLU A . n 
# 
loop_
_pdbx_nonpoly_scheme.asym_id 
_pdbx_nonpoly_scheme.entity_id 
_pdbx_nonpoly_scheme.mon_id 
_pdbx_nonpoly_scheme.ndb_seq_num 
_pdbx_nonpoly_scheme.pdb_seq_num 
_pdbx_nonpoly_scheme.auth_seq_num 
_pdbx_nonpoly_scheme.pdb_mon_id 
_pdbx_nonpoly_scheme.auth_mon_id 
_pdbx_nonpoly_scheme.pdb_strand_id 
_pdbx_nonpoly_scheme.pdb_ins_code 
B 2 HOH 1   301 1   HOH HOH A . 
B 2 HOH 2   302 2   HOH HOH A . 
B 2 HOH 3   303 3   HOH HOH A . 
B 2 HOH 4   304 4   HOH HOH A . 
B 2 HOH 5   305 5   HOH HOH A . 
B 2 HOH 6   306 6   HOH HOH A . 
B 2 HOH 7   307 7   HOH HOH A . 
B 2 HOH 8   308 8   HOH HOH A . 
B 2 HOH 9   309 9   HOH HOH A . 
B 2 HOH 10  310 10  HOH HOH A . 
B 2 HOH 11  311 11  HOH HOH A . 
B 2 HOH 12  312 12  HOH HOH A . 
B 2 HOH 13  313 13  HOH HOH A . 
B 2 HOH 14  314 14  HOH HOH A . 
B 2 HOH 15  315 15  HOH HOH A . 
B 2 HOH 16  316 16  HOH HOH A . 
B 2 HOH 17  317 17  HOH HOH A . 
B 2 HOH 18  318 18  HOH HOH A . 
B 2 HOH 19  319 19  HOH HOH A . 
B 2 HOH 20  320 20  HOH HOH A . 
B 2 HOH 21  321 21  HOH HOH A . 
B 2 HOH 22  322 22  HOH HOH A . 
B 2 HOH 23  323 23  HOH HOH A . 
B 2 HOH 24  324 24  HOH HOH A . 
B 2 HOH 25  325 25  HOH HOH A . 
B 2 HOH 26  326 26  HOH HOH A . 
B 2 HOH 27  327 27  HOH HOH A . 
B 2 HOH 28  328 28  HOH HOH A . 
B 2 HOH 29  329 29  HOH HOH A . 
B 2 HOH 30  330 30  HOH HOH A . 
B 2 HOH 31  331 31  HOH HOH A . 
B 2 HOH 32  332 32  HOH HOH A . 
B 2 HOH 33  333 33  HOH HOH A . 
B 2 HOH 34  334 34  HOH HOH A . 
B 2 HOH 35  335 35  HOH HOH A . 
B 2 HOH 36  336 36  HOH HOH A . 
B 2 HOH 37  337 37  HOH HOH A . 
B 2 HOH 38  338 38  HOH HOH A . 
B 2 HOH 39  339 39  HOH HOH A . 
B 2 HOH 40  340 40  HOH HOH A . 
B 2 HOH 41  341 41  HOH HOH A . 
B 2 HOH 42  342 42  HOH HOH A . 
B 2 HOH 43  343 43  HOH HOH A . 
B 2 HOH 44  344 44  HOH HOH A . 
B 2 HOH 45  345 45  HOH HOH A . 
B 2 HOH 46  346 46  HOH HOH A . 
B 2 HOH 47  347 47  HOH HOH A . 
B 2 HOH 48  348 48  HOH HOH A . 
B 2 HOH 49  349 49  HOH HOH A . 
B 2 HOH 50  350 50  HOH HOH A . 
B 2 HOH 51  351 51  HOH HOH A . 
B 2 HOH 52  352 52  HOH HOH A . 
B 2 HOH 53  353 53  HOH HOH A . 
B 2 HOH 54  354 54  HOH HOH A . 
B 2 HOH 55  355 55  HOH HOH A . 
B 2 HOH 56  356 56  HOH HOH A . 
B 2 HOH 57  357 57  HOH HOH A . 
B 2 HOH 58  358 58  HOH HOH A . 
B 2 HOH 59  359 59  HOH HOH A . 
B 2 HOH 60  360 60  HOH HOH A . 
B 2 HOH 61  361 61  HOH HOH A . 
B 2 HOH 62  362 62  HOH HOH A . 
B 2 HOH 63  363 63  HOH HOH A . 
B 2 HOH 64  364 64  HOH HOH A . 
B 2 HOH 65  365 65  HOH HOH A . 
B 2 HOH 66  366 66  HOH HOH A . 
B 2 HOH 67  367 67  HOH HOH A . 
B 2 HOH 68  368 68  HOH HOH A . 
B 2 HOH 69  369 69  HOH HOH A . 
B 2 HOH 70  370 70  HOH HOH A . 
B 2 HOH 71  371 71  HOH HOH A . 
B 2 HOH 72  372 72  HOH HOH A . 
B 2 HOH 73  373 73  HOH HOH A . 
B 2 HOH 74  374 74  HOH HOH A . 
B 2 HOH 75  375 75  HOH HOH A . 
B 2 HOH 76  376 76  HOH HOH A . 
B 2 HOH 77  377 77  HOH HOH A . 
B 2 HOH 78  378 78  HOH HOH A . 
B 2 HOH 79  379 79  HOH HOH A . 
B 2 HOH 80  380 80  HOH HOH A . 
B 2 HOH 81  381 81  HOH HOH A . 
B 2 HOH 82  382 82  HOH HOH A . 
B 2 HOH 83  383 83  HOH HOH A . 
B 2 HOH 84  384 84  HOH HOH A . 
B 2 HOH 85  385 85  HOH HOH A . 
B 2 HOH 86  386 86  HOH HOH A . 
B 2 HOH 87  387 87  HOH HOH A . 
B 2 HOH 88  388 88  HOH HOH A . 
B 2 HOH 89  389 89  HOH HOH A . 
B 2 HOH 90  390 90  HOH HOH A . 
B 2 HOH 91  391 91  HOH HOH A . 
B 2 HOH 92  392 92  HOH HOH A . 
B 2 HOH 93  393 93  HOH HOH A . 
B 2 HOH 94  394 94  HOH HOH A . 
B 2 HOH 95  395 95  HOH HOH A . 
B 2 HOH 96  396 96  HOH HOH A . 
B 2 HOH 97  397 97  HOH HOH A . 
B 2 HOH 98  398 98  HOH HOH A . 
B 2 HOH 99  399 99  HOH HOH A . 
B 2 HOH 100 400 100 HOH HOH A . 
B 2 HOH 101 401 101 HOH HOH A . 
B 2 HOH 102 402 102 HOH HOH A . 
B 2 HOH 103 403 103 HOH HOH A . 
B 2 HOH 104 404 104 HOH HOH A . 
B 2 HOH 105 405 105 HOH HOH A . 
B 2 HOH 106 406 106 HOH HOH A . 
B 2 HOH 107 407 107 HOH HOH A . 
B 2 HOH 108 408 108 HOH HOH A . 
B 2 HOH 109 409 109 HOH HOH A . 
B 2 HOH 110 410 112 HOH HOH A . 
B 2 HOH 111 411 114 HOH HOH A . 
B 2 HOH 112 412 115 HOH HOH A . 
B 2 HOH 113 413 116 HOH HOH A . 
B 2 HOH 114 414 117 HOH HOH A . 
B 2 HOH 115 415 118 HOH HOH A . 
B 2 HOH 116 416 119 HOH HOH A . 
B 2 HOH 117 417 120 HOH HOH A . 
B 2 HOH 118 418 121 HOH HOH A . 
B 2 HOH 119 419 122 HOH HOH A . 
B 2 HOH 120 420 123 HOH HOH A . 
B 2 HOH 121 421 124 HOH HOH A . 
B 2 HOH 122 422 125 HOH HOH A . 
B 2 HOH 123 423 126 HOH HOH A . 
B 2 HOH 124 424 127 HOH HOH A . 
B 2 HOH 125 425 128 HOH HOH A . 
B 2 HOH 126 426 129 HOH HOH A . 
B 2 HOH 127 427 130 HOH HOH A . 
B 2 HOH 128 428 131 HOH HOH A . 
B 2 HOH 129 429 132 HOH HOH A . 
B 2 HOH 130 430 133 HOH HOH A . 
B 2 HOH 131 431 134 HOH HOH A . 
B 2 HOH 132 432 135 HOH HOH A . 
B 2 HOH 133 433 136 HOH HOH A . 
B 2 HOH 134 434 137 HOH HOH A . 
B 2 HOH 135 435 138 HOH HOH A . 
B 2 HOH 136 436 139 HOH HOH A . 
# 
loop_
_software.name 
_software.classification 
_software.version 
_software.citation_id 
_software.pdbx_ordinal 
HKL-3000  'data collection' .        ? 1 
MLPHARE   phasing           .        ? 2 
REFMAC    refinement        5.6.0117 ? 3 
HKL-3000  'data reduction'  .        ? 4 
SCALEPACK 'data scaling'    .        ? 5 
# 
_cell.entry_id           4N30 
_cell.length_a           47.797 
_cell.length_b           59.380 
_cell.length_c           59.553 
_cell.angle_alpha        90.00 
_cell.angle_beta         90.00 
_cell.angle_gamma        90.00 
_cell.Z_PDB              4 
_cell.pdbx_unique_axis   ? 
_cell.length_a_esd       ? 
_cell.length_b_esd       ? 
_cell.length_c_esd       ? 
_cell.angle_alpha_esd    ? 
_cell.angle_beta_esd     ? 
_cell.angle_gamma_esd    ? 
# 
_symmetry.entry_id                         4N30 
_symmetry.space_group_name_H-M             'P 21 21 21' 
_symmetry.pdbx_full_space_group_name_H-M   ? 
_symmetry.cell_setting                     ? 
_symmetry.Int_Tables_number                19 
_symmetry.space_group_name_Hall            ? 
# 
_exptl.entry_id          4N30 
_exptl.method            'X-RAY DIFFRACTION' 
_exptl.crystals_number   2 
# 
_exptl_crystal.id                    1 
_exptl_crystal.density_meas          ? 
_exptl_crystal.density_Matthews      1.75 
_exptl_crystal.density_percent_sol   29.87 
_exptl_crystal.description           ? 
_exptl_crystal.F_000                 ? 
_exptl_crystal.preparation           ? 
# 
_exptl_crystal_grow.crystal_id      1 
_exptl_crystal_grow.method          'VAPOR DIFFUSION, HANGING DROP' 
_exptl_crystal_grow.temp            298 
_exptl_crystal_grow.temp_details    ? 
_exptl_crystal_grow.pH              5.5 
_exptl_crystal_grow.pdbx_details    
'0.1mM Bis-Tris, pH 5.5, 1.5M ammonium sulphate, VAPOR DIFFUSION, HANGING DROP, temperature 298K' 
_exptl_crystal_grow.pdbx_pH_range   ? 
# 
_diffrn.id                     1 
_diffrn.ambient_temp           100 
_diffrn.ambient_temp_details   ? 
_diffrn.crystal_id             1 
# 
_diffrn_detector.diffrn_id              1 
_diffrn_detector.detector               CCD 
_diffrn_detector.type                   'RIGAKU SATURN 944+' 
_diffrn_detector.pdbx_collection_date   2012-05-08 
_diffrn_detector.details                ? 
# 
_diffrn_radiation.diffrn_id                        1 
_diffrn_radiation.wavelength_id                    1 
_diffrn_radiation.pdbx_monochromatic_or_laue_m_l   M 
_diffrn_radiation.monochromator                    CU 
_diffrn_radiation.pdbx_diffrn_protocol             'SINGLE WAVELENGTH' 
_diffrn_radiation.pdbx_scattering_type             x-ray 
# 
_diffrn_radiation_wavelength.id           1 
_diffrn_radiation_wavelength.wavelength   1.54178 
_diffrn_radiation_wavelength.wt           1.0 
# 
_diffrn_source.diffrn_id                   1 
_diffrn_source.source                      'ROTATING ANODE' 
_diffrn_source.type                        'RIGAKU MICROMAX-007 HF' 
_diffrn_source.pdbx_synchrotron_site       ? 
_diffrn_source.pdbx_synchrotron_beamline   ? 
_diffrn_source.pdbx_wavelength             ? 
_diffrn_source.pdbx_wavelength_list        1.54178 
# 
_reflns.entry_id                     4N30 
_reflns.observed_criterion_sigma_I   2 
_reflns.observed_criterion_sigma_F   2 
_reflns.d_resolution_low             42.05 
_reflns.d_resolution_high            1.3 
_reflns.number_obs                   38970 
_reflns.number_all                   41039 
_reflns.percent_possible_obs         98.5 
_reflns.pdbx_Rmerge_I_obs            ? 
_reflns.pdbx_Rsym_value              ? 
_reflns.pdbx_netI_over_sigmaI        ? 
_reflns.B_iso_Wilson_estimate        ? 
_reflns.pdbx_redundancy              ? 
_reflns.R_free_details               ? 
_reflns.limit_h_max                  ? 
_reflns.limit_h_min                  ? 
_reflns.limit_k_max                  ? 
_reflns.limit_k_min                  ? 
_reflns.limit_l_max                  ? 
_reflns.limit_l_min                  ? 
_reflns.observed_criterion_F_max     ? 
_reflns.observed_criterion_F_min     ? 
_reflns.pdbx_chi_squared             ? 
_reflns.pdbx_scaling_rejects         ? 
_reflns.pdbx_ordinal                 1 
_reflns.pdbx_diffrn_id               1 
# 
_reflns_shell.d_res_high             1.3 
_reflns_shell.d_res_low              1.331 
_reflns_shell.percent_possible_all   96.17 
_reflns_shell.Rmerge_I_obs           ? 
_reflns_shell.pdbx_Rsym_value        ? 
_reflns_shell.meanI_over_sigI_obs    ? 
_reflns_shell.pdbx_redundancy        ? 
_reflns_shell.percent_possible_obs   ? 
_reflns_shell.number_unique_all      ? 
_reflns_shell.number_measured_all    ? 
_reflns_shell.number_measured_obs    ? 
_reflns_shell.number_unique_obs      ? 
_reflns_shell.pdbx_chi_squared       ? 
_reflns_shell.pdbx_ordinal           1 
_reflns_shell.pdbx_diffrn_id         1 
# 
_refine.entry_id                                 4N30 
_refine.ls_number_reflns_obs                     38970 
_refine.ls_number_reflns_all                     41039 
_refine.pdbx_ls_sigma_I                          ? 
_refine.pdbx_ls_sigma_F                          2 
_refine.pdbx_data_cutoff_high_absF               ? 
_refine.pdbx_data_cutoff_low_absF                ? 
_refine.pdbx_data_cutoff_high_rms_absF           ? 
_refine.ls_d_res_low                             42.05 
_refine.ls_d_res_high                            1.30 
_refine.ls_percent_reflns_obs                    96.17 
_refine.ls_R_factor_obs                          0.19460 
_refine.ls_R_factor_all                          ? 
_refine.ls_R_factor_R_work                       0.19325 
_refine.ls_R_factor_R_free                       0.21969 
_refine.ls_R_factor_R_free_error                 ? 
_refine.ls_R_factor_R_free_error_details         ? 
_refine.ls_percent_reflns_R_free                 5.0 
_refine.ls_number_reflns_R_free                  2069 
_refine.ls_number_parameters                     ? 
_refine.ls_number_restraints                     ? 
_refine.occupancy_min                            ? 
_refine.occupancy_max                            ? 
_refine.correlation_coeff_Fo_to_Fc               0.963 
_refine.correlation_coeff_Fo_to_Fc_free          0.952 
_refine.B_iso_mean                               16.420 
_refine.aniso_B[1][1]                            -0.83 
_refine.aniso_B[2][2]                            0.74 
_refine.aniso_B[3][3]                            0.09 
_refine.aniso_B[1][2]                            0.00 
_refine.aniso_B[1][3]                            0.00 
_refine.aniso_B[2][3]                            0.00 
_refine.solvent_model_details                    MASK 
_refine.solvent_model_param_ksol                 ? 
_refine.solvent_model_param_bsol                 ? 
_refine.pdbx_solvent_vdw_probe_radii             1.20 
_refine.pdbx_solvent_ion_probe_radii             0.80 
_refine.pdbx_solvent_shrinkage_radii             0.80 
_refine.pdbx_ls_cross_valid_method               THROUGHOUT 
_refine.details                                  ? 
_refine.pdbx_starting_model                      ? 
_refine.pdbx_method_to_determine_struct          SAD 
_refine.pdbx_isotropic_thermal_model             ? 
_refine.pdbx_stereochemistry_target_values       'MAXIMUM LIKELIHOOD' 
_refine.pdbx_stereochem_target_val_spec_case     ? 
_refine.pdbx_R_Free_selection_details            RANDOM 
_refine.pdbx_overall_ESU_R                       0.057 
_refine.pdbx_overall_ESU_R_Free                  0.060 
_refine.overall_SU_ML                            0.034 
_refine.pdbx_overall_phase_error                 ? 
_refine.overall_SU_B                             0.794 
_refine.overall_SU_R_Cruickshank_DPI             ? 
_refine.ls_redundancy_reflns_obs                 ? 
_refine.B_iso_min                                ? 
_refine.B_iso_max                                ? 
_refine.overall_SU_R_free                        ? 
_refine.ls_wR_factor_R_free                      ? 
_refine.ls_wR_factor_R_work                      ? 
_refine.overall_FOM_free_R_set                   ? 
_refine.overall_FOM_work_R_set                   ? 
_refine.pdbx_diffrn_id                           1 
_refine.pdbx_refine_id                           'X-RAY DIFFRACTION' 
_refine.pdbx_TLS_residual_ADP_flag               ? 
_refine.pdbx_overall_SU_R_free_Cruickshank_DPI   ? 
_refine.pdbx_overall_SU_R_Blow_DPI               ? 
_refine.pdbx_overall_SU_R_free_Blow_DPI          ? 
# 
_refine_hist.pdbx_refine_id                   'X-RAY DIFFRACTION' 
_refine_hist.cycle_id                         LAST 
_refine_hist.pdbx_number_atoms_protein        1406 
_refine_hist.pdbx_number_atoms_nucleic_acid   0 
_refine_hist.pdbx_number_atoms_ligand         0 
_refine_hist.number_atoms_solvent             136 
_refine_hist.number_atoms_total               1542 
_refine_hist.d_res_high                       1.30 
_refine_hist.d_res_low                        42.05 
# 
loop_
_refine_ls_restr.type 
_refine_ls_restr.dev_ideal 
_refine_ls_restr.dev_ideal_target 
_refine_ls_restr.weight 
_refine_ls_restr.number 
_refine_ls_restr.pdbx_restraint_function 
_refine_ls_restr.pdbx_refine_id 
r_bond_refined_d             0.023  0.019  ? 1505 ? 'X-RAY DIFFRACTION' 
r_bond_other_d               ?      ?      ? ?    ? 'X-RAY DIFFRACTION' 
r_angle_refined_deg          2.283  1.960  ? 2057 ? 'X-RAY DIFFRACTION' 
r_angle_other_deg            ?      ?      ? ?    ? 'X-RAY DIFFRACTION' 
r_dihedral_angle_1_deg       6.317  5.000  ? 201  ? 'X-RAY DIFFRACTION' 
r_dihedral_angle_2_deg       35.728 24.348 ? 69   ? 'X-RAY DIFFRACTION' 
r_dihedral_angle_3_deg       12.369 15.000 ? 259  ? 'X-RAY DIFFRACTION' 
r_dihedral_angle_4_deg       20.623 15.000 ? 11   ? 'X-RAY DIFFRACTION' 
r_chiral_restr               0.146  0.200  ? 227  ? 'X-RAY DIFFRACTION' 
r_gen_planes_refined         0.014  0.021  ? 1163 ? 'X-RAY DIFFRACTION' 
r_gen_planes_other           ?      ?      ? ?    ? 'X-RAY DIFFRACTION' 
r_nbd_refined                ?      ?      ? ?    ? 'X-RAY DIFFRACTION' 
r_nbd_other                  ?      ?      ? ?    ? 'X-RAY DIFFRACTION' 
r_nbtor_refined              ?      ?      ? ?    ? 'X-RAY DIFFRACTION' 
r_nbtor_other                ?      ?      ? ?    ? 'X-RAY DIFFRACTION' 
r_xyhbond_nbd_refined        ?      ?      ? ?    ? 'X-RAY DIFFRACTION' 
r_xyhbond_nbd_other          ?      ?      ? ?    ? 'X-RAY DIFFRACTION' 
r_metal_ion_refined          ?      ?      ? ?    ? 'X-RAY DIFFRACTION' 
r_metal_ion_other            ?      ?      ? ?    ? 'X-RAY DIFFRACTION' 
r_symmetry_vdw_refined       ?      ?      ? ?    ? 'X-RAY DIFFRACTION' 
r_symmetry_vdw_other         ?      ?      ? ?    ? 'X-RAY DIFFRACTION' 
r_symmetry_hbond_refined     ?      ?      ? ?    ? 'X-RAY DIFFRACTION' 
r_symmetry_hbond_other       ?      ?      ? ?    ? 'X-RAY DIFFRACTION' 
r_symmetry_metal_ion_refined ?      ?      ? ?    ? 'X-RAY DIFFRACTION' 
r_symmetry_metal_ion_other   ?      ?      ? ?    ? 'X-RAY DIFFRACTION' 
r_mcbond_it                  ?      ?      ? ?    ? 'X-RAY DIFFRACTION' 
r_mcbond_other               ?      ?      ? ?    ? 'X-RAY DIFFRACTION' 
r_mcangle_it                 ?      ?      ? ?    ? 'X-RAY DIFFRACTION' 
r_mcangle_other              ?      ?      ? ?    ? 'X-RAY DIFFRACTION' 
r_scbond_it                  ?      ?      ? ?    ? 'X-RAY DIFFRACTION' 
r_scbond_other               ?      ?      ? ?    ? 'X-RAY DIFFRACTION' 
r_scangle_it                 ?      ?      ? ?    ? 'X-RAY DIFFRACTION' 
r_scangle_other              ?      ?      ? ?    ? 'X-RAY DIFFRACTION' 
r_long_range_B_refined       ?      ?      ? ?    ? 'X-RAY DIFFRACTION' 
r_long_range_B_other         ?      ?      ? ?    ? 'X-RAY DIFFRACTION' 
r_rigid_bond_restr           ?      ?      ? ?    ? 'X-RAY DIFFRACTION' 
r_sphericity_free            ?      ?      ? ?    ? 'X-RAY DIFFRACTION' 
r_sphericity_bonded          ?      ?      ? ?    ? 'X-RAY DIFFRACTION' 
# 
_refine_ls_shell.pdbx_total_number_of_bins_used   20 
_refine_ls_shell.d_res_high                       1.3 
_refine_ls_shell.d_res_low                        1.331 
_refine_ls_shell.number_reflns_R_work             2300 
_refine_ls_shell.R_factor_R_work                  0.372 
_refine_ls_shell.percent_reflns_obs               82.65 
_refine_ls_shell.R_factor_R_free                  0.446 
_refine_ls_shell.R_factor_R_free_error            ? 
_refine_ls_shell.percent_reflns_R_free            ? 
_refine_ls_shell.number_reflns_R_free             144 
_refine_ls_shell.number_reflns_all                ? 
_refine_ls_shell.R_factor_all                     ? 
_refine_ls_shell.number_reflns_obs                ? 
_refine_ls_shell.redundancy_reflns_obs            ? 
_refine_ls_shell.pdbx_refine_id                   'X-RAY DIFFRACTION' 
# 
_struct.entry_id                  4N30 
_struct.title                     'Crystal structure of Pseudomonas aeruginosa DsbA2' 
_struct.pdbx_model_details        ? 
_struct.pdbx_CASP_flag            ? 
_struct.pdbx_model_type_details   ? 
# 
_struct_keywords.entry_id        4N30 
_struct_keywords.pdbx_keywords   OXIDOREDUCTASE 
_struct_keywords.text            'Thioredoxin fold, Oxidoreductase' 
# 
loop_
_struct_asym.id 
_struct_asym.pdbx_blank_PDB_chainid_flag 
_struct_asym.pdbx_modified 
_struct_asym.entity_id 
_struct_asym.details 
A N N 1 ? 
B N N 2 ? 
# 
_struct_ref.id                         1 
_struct_ref.db_name                    UNP 
_struct_ref.db_code                    Q7WY37_PSEAI 
_struct_ref.pdbx_db_accession          Q7WY37 
_struct_ref.entity_id                  1 
_struct_ref.pdbx_seq_one_letter_code   
;MRLLKGGWAAKRFQGPALPWAGLLLVLLAASAVGVELLVKGLPANHSLYGDAKARWTINEYADLECPFCKVYTPRLKRWV
DSHPDVNLVWRHLPLQMHGEAARHQARLVECAGIQGGAKAFWSAIDAIFAQSAGNGGGLPGGTLDFPELDQARLEKCAKD
NELIDSDIKLDIDIARSKGITATPTLVIRDNQTGRSVKLEGMADETTLLSAIDWLAKDL
;
_struct_ref.pdbx_align_begin           1 
_struct_ref.pdbx_db_isoform            ? 
# 
_struct_ref_seq.align_id                      1 
_struct_ref_seq.ref_id                        1 
_struct_ref_seq.pdbx_PDB_id_code              4N30 
_struct_ref_seq.pdbx_strand_id                A 
_struct_ref_seq.seq_align_beg                 1 
_struct_ref_seq.pdbx_seq_align_beg_ins_code   ? 
_struct_ref_seq.seq_align_end                 219 
_struct_ref_seq.pdbx_seq_align_end_ins_code   ? 
_struct_ref_seq.pdbx_db_accession             Q7WY37 
_struct_ref_seq.db_align_beg                  1 
_struct_ref_seq.pdbx_db_align_beg_ins_code    ? 
_struct_ref_seq.db_align_end                  219 
_struct_ref_seq.pdbx_db_align_end_ins_code    ? 
_struct_ref_seq.pdbx_auth_seq_align_beg       1 
_struct_ref_seq.pdbx_auth_seq_align_end       219 
# 
loop_
_struct_ref_seq_dif.align_id 
_struct_ref_seq_dif.pdbx_pdb_id_code 
_struct_ref_seq_dif.mon_id 
_struct_ref_seq_dif.pdbx_pdb_strand_id 
_struct_ref_seq_dif.seq_num 
_struct_ref_seq_dif.pdbx_pdb_ins_code 
_struct_ref_seq_dif.pdbx_seq_db_name 
_struct_ref_seq_dif.pdbx_seq_db_accession_code 
_struct_ref_seq_dif.db_mon_id 
_struct_ref_seq_dif.pdbx_seq_db_seq_num 
_struct_ref_seq_dif.details 
_struct_ref_seq_dif.pdbx_auth_seq_num 
_struct_ref_seq_dif.pdbx_ordinal 
1 4N30 LEU A 220 ? UNP Q7WY37 ? ? 'expression tag' 220 1 
1 4N30 GLU A 221 ? UNP Q7WY37 ? ? 'expression tag' 221 2 
# 
_pdbx_struct_assembly.id                   1 
_pdbx_struct_assembly.details              author_and_software_defined_assembly 
_pdbx_struct_assembly.method_details       PISA 
_pdbx_struct_assembly.oligomeric_details   monomeric 
_pdbx_struct_assembly.oligomeric_count     1 
# 
_pdbx_struct_assembly_gen.assembly_id       1 
_pdbx_struct_assembly_gen.oper_expression   1 
_pdbx_struct_assembly_gen.asym_id_list      A,B 
# 
_pdbx_struct_oper_list.id                   1 
_pdbx_struct_oper_list.type                 'identity operation' 
_pdbx_struct_oper_list.name                 1_555 
_pdbx_struct_oper_list.symmetry_operation   x,y,z 
_pdbx_struct_oper_list.matrix[1][1]         1.0000000000 
_pdbx_struct_oper_list.matrix[1][2]         0.0000000000 
_pdbx_struct_oper_list.matrix[1][3]         0.0000000000 
_pdbx_struct_oper_list.vector[1]            0.0000000000 
_pdbx_struct_oper_list.matrix[2][1]         0.0000000000 
_pdbx_struct_oper_list.matrix[2][2]         1.0000000000 
_pdbx_struct_oper_list.matrix[2][3]         0.0000000000 
_pdbx_struct_oper_list.vector[2]            0.0000000000 
_pdbx_struct_oper_list.matrix[3][1]         0.0000000000 
_pdbx_struct_oper_list.matrix[3][2]         0.0000000000 
_pdbx_struct_oper_list.matrix[3][3]         1.0000000000 
_pdbx_struct_oper_list.vector[3]            0.0000000000 
# 
_struct_biol.id        1 
_struct_biol.details   ? 
# 
loop_
_struct_conf.conf_type_id 
_struct_conf.id 
_struct_conf.pdbx_PDB_helix_id 
_struct_conf.beg_label_comp_id 
_struct_conf.beg_label_asym_id 
_struct_conf.beg_label_seq_id 
_struct_conf.pdbx_beg_PDB_ins_code 
_struct_conf.end_label_comp_id 
_struct_conf.end_label_asym_id 
_struct_conf.end_label_seq_id 
_struct_conf.pdbx_end_PDB_ins_code 
_struct_conf.beg_auth_comp_id 
_struct_conf.beg_auth_asym_id 
_struct_conf.beg_auth_seq_id 
_struct_conf.end_auth_comp_id 
_struct_conf.end_auth_asym_id 
_struct_conf.end_auth_seq_id 
_struct_conf.pdbx_PDB_helix_class 
_struct_conf.details 
_struct_conf.pdbx_PDB_helix_length 
HELX_P HELX_P1 1 CYS A 66  ? SER A 82  ? CYS A 66  SER A 82  1 ? 17 
HELX_P HELX_P2 2 LEU A 95  ? MET A 97  ? LEU A 95  MET A 97  5 ? 3  
HELX_P HELX_P3 3 HIS A 98  ? SER A 132 ? HIS A 98  SER A 132 1 ? 35 
HELX_P HELX_P4 4 LEU A 139 ? THR A 143 ? LEU A 139 THR A 143 5 ? 5  
HELX_P HELX_P5 5 ASP A 150 ? ASN A 161 ? ASP A 150 ASN A 161 1 ? 12 
HELX_P HELX_P6 6 ASN A 161 ? LYS A 178 ? ASN A 161 LYS A 178 1 ? 18 
HELX_P HELX_P7 7 ASP A 204 ? LYS A 217 ? ASP A 204 LYS A 217 1 ? 14 
# 
_struct_conf_type.id          HELX_P 
_struct_conf_type.criteria    ? 
_struct_conf_type.reference   ? 
# 
_struct_conn.id                            disulf1 
_struct_conn.conn_type_id                  disulf 
_struct_conn.pdbx_leaving_atom_flag        ? 
_struct_conn.pdbx_PDB_id                   ? 
_struct_conn.ptnr1_label_asym_id           A 
_struct_conn.ptnr1_label_comp_id           CYS 
_struct_conn.ptnr1_label_seq_id            111 
_struct_conn.ptnr1_label_atom_id           SG 
_struct_conn.pdbx_ptnr1_label_alt_id       ? 
_struct_conn.pdbx_ptnr1_PDB_ins_code       ? 
_struct_conn.pdbx_ptnr1_standard_comp_id   ? 
_struct_conn.ptnr1_symmetry                1_555 
_struct_conn.ptnr2_label_asym_id           A 
_struct_conn.ptnr2_label_comp_id           CYS 
_struct_conn.ptnr2_label_seq_id            157 
_struct_conn.ptnr2_label_atom_id           SG 
_struct_conn.pdbx_ptnr2_label_alt_id       ? 
_struct_conn.pdbx_ptnr2_PDB_ins_code       ? 
_struct_conn.ptnr1_auth_asym_id            A 
_struct_conn.ptnr1_auth_comp_id            CYS 
_struct_conn.ptnr1_auth_seq_id             111 
_struct_conn.ptnr2_auth_asym_id            A 
_struct_conn.ptnr2_auth_comp_id            CYS 
_struct_conn.ptnr2_auth_seq_id             157 
_struct_conn.ptnr2_symmetry                1_555 
_struct_conn.pdbx_ptnr3_label_atom_id      ? 
_struct_conn.pdbx_ptnr3_label_seq_id       ? 
_struct_conn.pdbx_ptnr3_label_comp_id      ? 
_struct_conn.pdbx_ptnr3_label_asym_id      ? 
_struct_conn.pdbx_ptnr3_label_alt_id       ? 
_struct_conn.pdbx_ptnr3_PDB_ins_code       ? 
_struct_conn.details                       ? 
_struct_conn.pdbx_dist_value               1.998 
_struct_conn.pdbx_value_order              ? 
_struct_conn.pdbx_role                     ? 
# 
_struct_conn_type.id          disulf 
_struct_conn_type.criteria    ? 
_struct_conn_type.reference   ? 
# 
_pdbx_modification_feature.ordinal                            1 
_pdbx_modification_feature.label_comp_id                      CYS 
_pdbx_modification_feature.label_asym_id                      A 
_pdbx_modification_feature.label_seq_id                       111 
_pdbx_modification_feature.label_alt_id                       ? 
_pdbx_modification_feature.modified_residue_label_comp_id     CYS 
_pdbx_modification_feature.modified_residue_label_asym_id     A 
_pdbx_modification_feature.modified_residue_label_seq_id      157 
_pdbx_modification_feature.modified_residue_label_alt_id      ? 
_pdbx_modification_feature.auth_comp_id                       CYS 
_pdbx_modification_feature.auth_asym_id                       A 
_pdbx_modification_feature.auth_seq_id                        111 
_pdbx_modification_feature.PDB_ins_code                       ? 
_pdbx_modification_feature.symmetry                           1_555 
_pdbx_modification_feature.modified_residue_auth_comp_id      CYS 
_pdbx_modification_feature.modified_residue_auth_asym_id      A 
_pdbx_modification_feature.modified_residue_auth_seq_id       157 
_pdbx_modification_feature.modified_residue_PDB_ins_code      ? 
_pdbx_modification_feature.modified_residue_symmetry          1_555 
_pdbx_modification_feature.comp_id_linking_atom               SG 
_pdbx_modification_feature.modified_residue_id_linking_atom   SG 
_pdbx_modification_feature.modified_residue_id                . 
_pdbx_modification_feature.ref_pcm_id                         . 
_pdbx_modification_feature.ref_comp_id                        . 
_pdbx_modification_feature.type                               None 
_pdbx_modification_feature.category                           'Disulfide bridge' 
# 
_struct_mon_prot_cis.pdbx_id                1 
_struct_mon_prot_cis.label_comp_id          THR 
_struct_mon_prot_cis.label_seq_id           183 
_struct_mon_prot_cis.label_asym_id          A 
_struct_mon_prot_cis.label_alt_id           . 
_struct_mon_prot_cis.pdbx_PDB_ins_code      ? 
_struct_mon_prot_cis.auth_comp_id           THR 
_struct_mon_prot_cis.auth_seq_id            183 
_struct_mon_prot_cis.auth_asym_id           A 
_struct_mon_prot_cis.pdbx_label_comp_id_2   PRO 
_struct_mon_prot_cis.pdbx_label_seq_id_2    184 
_struct_mon_prot_cis.pdbx_label_asym_id_2   A 
_struct_mon_prot_cis.pdbx_PDB_ins_code_2    ? 
_struct_mon_prot_cis.pdbx_auth_comp_id_2    PRO 
_struct_mon_prot_cis.pdbx_auth_seq_id_2     184 
_struct_mon_prot_cis.pdbx_auth_asym_id_2    A 
_struct_mon_prot_cis.pdbx_PDB_model_num     1 
_struct_mon_prot_cis.pdbx_omega_angle       -3.36 
# 
_struct_sheet.id               A 
_struct_sheet.type             ? 
_struct_sheet.number_strands   5 
_struct_sheet.details          ? 
# 
loop_
_struct_sheet_order.sheet_id 
_struct_sheet_order.range_id_1 
_struct_sheet_order.range_id_2 
_struct_sheet_order.offset 
_struct_sheet_order.sense 
A 1 2 ? anti-parallel 
A 2 3 ? parallel      
A 3 4 ? anti-parallel 
A 4 5 ? anti-parallel 
# 
loop_
_struct_sheet_range.sheet_id 
_struct_sheet_range.id 
_struct_sheet_range.beg_label_comp_id 
_struct_sheet_range.beg_label_asym_id 
_struct_sheet_range.beg_label_seq_id 
_struct_sheet_range.pdbx_beg_PDB_ins_code 
_struct_sheet_range.end_label_comp_id 
_struct_sheet_range.end_label_asym_id 
_struct_sheet_range.end_label_seq_id 
_struct_sheet_range.pdbx_end_PDB_ins_code 
_struct_sheet_range.beg_auth_comp_id 
_struct_sheet_range.beg_auth_asym_id 
_struct_sheet_range.beg_auth_seq_id 
_struct_sheet_range.end_auth_comp_id 
_struct_sheet_range.end_auth_asym_id 
_struct_sheet_range.end_auth_seq_id 
A 1 LEU A 48  ? TYR A 49  ? LEU A 48  TYR A 49  
A 2 VAL A 86  ? HIS A 92  ? VAL A 86  HIS A 92  
A 3 TRP A 56  ? ALA A 62  ? TRP A 56  ALA A 62  
A 4 THR A 185 ? ASP A 190 ? THR A 185 ASP A 190 
A 5 SER A 196 ? GLU A 200 ? SER A 196 GLU A 200 
# 
loop_
_pdbx_struct_sheet_hbond.sheet_id 
_pdbx_struct_sheet_hbond.range_id_1 
_pdbx_struct_sheet_hbond.range_id_2 
_pdbx_struct_sheet_hbond.range_1_label_atom_id 
_pdbx_struct_sheet_hbond.range_1_label_comp_id 
_pdbx_struct_sheet_hbond.range_1_label_asym_id 
_pdbx_struct_sheet_hbond.range_1_label_seq_id 
_pdbx_struct_sheet_hbond.range_1_PDB_ins_code 
_pdbx_struct_sheet_hbond.range_1_auth_atom_id 
_pdbx_struct_sheet_hbond.range_1_auth_comp_id 
_pdbx_struct_sheet_hbond.range_1_auth_asym_id 
_pdbx_struct_sheet_hbond.range_1_auth_seq_id 
_pdbx_struct_sheet_hbond.range_2_label_atom_id 
_pdbx_struct_sheet_hbond.range_2_label_comp_id 
_pdbx_struct_sheet_hbond.range_2_label_asym_id 
_pdbx_struct_sheet_hbond.range_2_label_seq_id 
_pdbx_struct_sheet_hbond.range_2_PDB_ins_code 
_pdbx_struct_sheet_hbond.range_2_auth_atom_id 
_pdbx_struct_sheet_hbond.range_2_auth_comp_id 
_pdbx_struct_sheet_hbond.range_2_auth_asym_id 
_pdbx_struct_sheet_hbond.range_2_auth_seq_id 
A 1 2 N TYR A 49  ? N TYR A 49  O LEU A 88  ? O LEU A 88  
A 2 3 O ASN A 87  ? O ASN A 87  N ILE A 58  ? N ILE A 58  
A 3 4 N TYR A 61  ? N TYR A 61  O THR A 185 ? O THR A 185 
A 4 5 N LEU A 186 ? N LEU A 186 O LEU A 199 ? O LEU A 199 
# 
_pdbx_entry_details.entry_id                   4N30 
_pdbx_entry_details.compound_details           ? 
_pdbx_entry_details.source_details             ? 
_pdbx_entry_details.nonpolymer_details         ? 
_pdbx_entry_details.sequence_details           ? 
_pdbx_entry_details.has_ligand_of_interest     ? 
_pdbx_entry_details.has_protein_modification   Y 
# 
_pdbx_validate_close_contact.id               1 
_pdbx_validate_close_contact.PDB_model_num    1 
_pdbx_validate_close_contact.auth_atom_id_1   OE1 
_pdbx_validate_close_contact.auth_asym_id_1   A 
_pdbx_validate_close_contact.auth_comp_id_1   GLN 
_pdbx_validate_close_contact.auth_seq_id_1    151 
_pdbx_validate_close_contact.PDB_ins_code_1   ? 
_pdbx_validate_close_contact.label_alt_id_1   ? 
_pdbx_validate_close_contact.auth_atom_id_2   O 
_pdbx_validate_close_contact.auth_asym_id_2   A 
_pdbx_validate_close_contact.auth_comp_id_2   HOH 
_pdbx_validate_close_contact.auth_seq_id_2    427 
_pdbx_validate_close_contact.PDB_ins_code_2   ? 
_pdbx_validate_close_contact.label_alt_id_2   ? 
_pdbx_validate_close_contact.dist             1.97 
# 
loop_
_pdbx_validate_rmsd_bond.id 
_pdbx_validate_rmsd_bond.PDB_model_num 
_pdbx_validate_rmsd_bond.auth_atom_id_1 
_pdbx_validate_rmsd_bond.auth_asym_id_1 
_pdbx_validate_rmsd_bond.auth_comp_id_1 
_pdbx_validate_rmsd_bond.auth_seq_id_1 
_pdbx_validate_rmsd_bond.PDB_ins_code_1 
_pdbx_validate_rmsd_bond.label_alt_id_1 
_pdbx_validate_rmsd_bond.auth_atom_id_2 
_pdbx_validate_rmsd_bond.auth_asym_id_2 
_pdbx_validate_rmsd_bond.auth_comp_id_2 
_pdbx_validate_rmsd_bond.auth_seq_id_2 
_pdbx_validate_rmsd_bond.PDB_ins_code_2 
_pdbx_validate_rmsd_bond.label_alt_id_2 
_pdbx_validate_rmsd_bond.bond_value 
_pdbx_validate_rmsd_bond.bond_target_value 
_pdbx_validate_rmsd_bond.bond_deviation 
_pdbx_validate_rmsd_bond.bond_standard_deviation 
_pdbx_validate_rmsd_bond.linker_flag 
1 1 CG A HIS 46 ? ? CD2 A HIS 46 ? ? 1.417 1.354 0.063  0.009 N 
2 1 CD A GLU 60 ? ? OE1 A GLU 60 ? ? 1.179 1.252 -0.073 0.011 N 
3 1 CG A HIS 83 ? ? CD2 A HIS 83 ? ? 1.410 1.354 0.056  0.009 N 
# 
loop_
_pdbx_validate_rmsd_angle.id 
_pdbx_validate_rmsd_angle.PDB_model_num 
_pdbx_validate_rmsd_angle.auth_atom_id_1 
_pdbx_validate_rmsd_angle.auth_asym_id_1 
_pdbx_validate_rmsd_angle.auth_comp_id_1 
_pdbx_validate_rmsd_angle.auth_seq_id_1 
_pdbx_validate_rmsd_angle.PDB_ins_code_1 
_pdbx_validate_rmsd_angle.label_alt_id_1 
_pdbx_validate_rmsd_angle.auth_atom_id_2 
_pdbx_validate_rmsd_angle.auth_asym_id_2 
_pdbx_validate_rmsd_angle.auth_comp_id_2 
_pdbx_validate_rmsd_angle.auth_seq_id_2 
_pdbx_validate_rmsd_angle.PDB_ins_code_2 
_pdbx_validate_rmsd_angle.label_alt_id_2 
_pdbx_validate_rmsd_angle.auth_atom_id_3 
_pdbx_validate_rmsd_angle.auth_asym_id_3 
_pdbx_validate_rmsd_angle.auth_comp_id_3 
_pdbx_validate_rmsd_angle.auth_seq_id_3 
_pdbx_validate_rmsd_angle.PDB_ins_code_3 
_pdbx_validate_rmsd_angle.label_alt_id_3 
_pdbx_validate_rmsd_angle.angle_value 
_pdbx_validate_rmsd_angle.angle_target_value 
_pdbx_validate_rmsd_angle.angle_deviation 
_pdbx_validate_rmsd_angle.angle_standard_deviation 
_pdbx_validate_rmsd_angle.linker_flag 
1 1 CB A ASP 85  ? B CG A ASP 85  ? B OD1 A ASP 85  ? B 129.69 118.30 11.39 0.90 N 
2 1 CB A ASP 85  ? B CG A ASP 85  ? B OD2 A ASP 85  ? B 109.86 118.30 -8.44 0.90 N 
3 1 NE A ARG 103 ? ? CZ A ARG 103 ? ? NH1 A ARG 103 ? ? 123.41 120.30 3.11  0.50 N 
4 1 NE A ARG 103 ? ? CZ A ARG 103 ? ? NH2 A ARG 103 ? ? 116.81 120.30 -3.49 0.50 N 
5 1 NE A ARG 107 ? ? CZ A ARG 107 ? ? NH2 A ARG 107 ? ? 115.38 120.30 -4.92 0.50 N 
6 1 CB A ASP 173 ? ? CG A ASP 173 ? ? OD2 A ASP 173 ? ? 110.24 118.30 -8.06 0.90 N 
7 1 NE A ARG 176 ? ? CZ A ARG 176 ? ? NH2 A ARG 176 ? ? 116.44 120.30 -3.86 0.50 N 
8 1 NE A ARG 195 ? ? CZ A ARG 195 ? ? NH2 A ARG 195 ? ? 116.30 120.30 -4.00 0.50 N 
# 
loop_
_pdbx_validate_torsion.id 
_pdbx_validate_torsion.PDB_model_num 
_pdbx_validate_torsion.auth_comp_id 
_pdbx_validate_torsion.auth_asym_id 
_pdbx_validate_torsion.auth_seq_id 
_pdbx_validate_torsion.PDB_ins_code 
_pdbx_validate_torsion.label_alt_id 
_pdbx_validate_torsion.phi 
_pdbx_validate_torsion.psi 
1 1 ASN A 45  ? ? -132.21 -78.18 
2 1 ALA A 216 ? ? -153.15 28.84  
# 
loop_
_pdbx_unobs_or_zero_occ_residues.id 
_pdbx_unobs_or_zero_occ_residues.PDB_model_num 
_pdbx_unobs_or_zero_occ_residues.polymer_flag 
_pdbx_unobs_or_zero_occ_residues.occupancy_flag 
_pdbx_unobs_or_zero_occ_residues.auth_asym_id 
_pdbx_unobs_or_zero_occ_residues.auth_comp_id 
_pdbx_unobs_or_zero_occ_residues.auth_seq_id 
_pdbx_unobs_or_zero_occ_residues.PDB_ins_code 
_pdbx_unobs_or_zero_occ_residues.label_asym_id 
_pdbx_unobs_or_zero_occ_residues.label_comp_id 
_pdbx_unobs_or_zero_occ_residues.label_seq_id 
1  1 Y 1 A MET 1  ? A MET 1  
2  1 Y 1 A ARG 2  ? A ARG 2  
3  1 Y 1 A LEU 3  ? A LEU 3  
4  1 Y 1 A LEU 4  ? A LEU 4  
5  1 Y 1 A LYS 5  ? A LYS 5  
6  1 Y 1 A GLY 6  ? A GLY 6  
7  1 Y 1 A GLY 7  ? A GLY 7  
8  1 Y 1 A TRP 8  ? A TRP 8  
9  1 Y 1 A ALA 9  ? A ALA 9  
10 1 Y 1 A ALA 10 ? A ALA 10 
11 1 Y 1 A LYS 11 ? A LYS 11 
12 1 Y 1 A ARG 12 ? A ARG 12 
13 1 Y 1 A PHE 13 ? A PHE 13 
14 1 Y 1 A GLN 14 ? A GLN 14 
15 1 Y 1 A GLY 15 ? A GLY 15 
16 1 Y 1 A PRO 16 ? A PRO 16 
17 1 Y 1 A ALA 17 ? A ALA 17 
18 1 Y 1 A LEU 18 ? A LEU 18 
19 1 Y 1 A PRO 19 ? A PRO 19 
20 1 Y 1 A TRP 20 ? A TRP 20 
21 1 Y 1 A ALA 21 ? A ALA 21 
22 1 Y 1 A GLY 22 ? A GLY 22 
23 1 Y 1 A LEU 23 ? A LEU 23 
24 1 Y 1 A LEU 24 ? A LEU 24 
25 1 Y 1 A LEU 25 ? A LEU 25 
26 1 Y 1 A VAL 26 ? A VAL 26 
27 1 Y 1 A LEU 27 ? A LEU 27 
28 1 Y 1 A LEU 28 ? A LEU 28 
29 1 Y 1 A ALA 29 ? A ALA 29 
30 1 Y 1 A ALA 30 ? A ALA 30 
31 1 Y 1 A SER 31 ? A SER 31 
32 1 Y 1 A ALA 32 ? A ALA 32 
33 1 Y 1 A VAL 33 ? A VAL 33 
34 1 Y 1 A GLY 34 ? A GLY 34 
35 1 Y 1 A VAL 35 ? A VAL 35 
36 1 Y 1 A GLU 36 ? A GLU 36 
37 1 Y 1 A LEU 37 ? A LEU 37 
38 1 Y 1 A LEU 38 ? A LEU 38 
39 1 Y 1 A VAL 39 ? A VAL 39 
# 
loop_
_chem_comp_atom.comp_id 
_chem_comp_atom.atom_id 
_chem_comp_atom.type_symbol 
_chem_comp_atom.pdbx_aromatic_flag 
_chem_comp_atom.pdbx_stereo_config 
_chem_comp_atom.pdbx_ordinal 
ALA N    N N N 1   
ALA CA   C N S 2   
ALA C    C N N 3   
ALA O    O N N 4   
ALA CB   C N N 5   
ALA OXT  O N N 6   
ALA H    H N N 7   
ALA H2   H N N 8   
ALA HA   H N N 9   
ALA HB1  H N N 10  
ALA HB2  H N N 11  
ALA HB3  H N N 12  
ALA HXT  H N N 13  
ARG N    N N N 14  
ARG CA   C N S 15  
ARG C    C N N 16  
ARG O    O N N 17  
ARG CB   C N N 18  
ARG CG   C N N 19  
ARG CD   C N N 20  
ARG NE   N N N 21  
ARG CZ   C N N 22  
ARG NH1  N N N 23  
ARG NH2  N N N 24  
ARG OXT  O N N 25  
ARG H    H N N 26  
ARG H2   H N N 27  
ARG HA   H N N 28  
ARG HB2  H N N 29  
ARG HB3  H N N 30  
ARG HG2  H N N 31  
ARG HG3  H N N 32  
ARG HD2  H N N 33  
ARG HD3  H N N 34  
ARG HE   H N N 35  
ARG HH11 H N N 36  
ARG HH12 H N N 37  
ARG HH21 H N N 38  
ARG HH22 H N N 39  
ARG HXT  H N N 40  
ASN N    N N N 41  
ASN CA   C N S 42  
ASN C    C N N 43  
ASN O    O N N 44  
ASN CB   C N N 45  
ASN CG   C N N 46  
ASN OD1  O N N 47  
ASN ND2  N N N 48  
ASN OXT  O N N 49  
ASN H    H N N 50  
ASN H2   H N N 51  
ASN HA   H N N 52  
ASN HB2  H N N 53  
ASN HB3  H N N 54  
ASN HD21 H N N 55  
ASN HD22 H N N 56  
ASN HXT  H N N 57  
ASP N    N N N 58  
ASP CA   C N S 59  
ASP C    C N N 60  
ASP O    O N N 61  
ASP CB   C N N 62  
ASP CG   C N N 63  
ASP OD1  O N N 64  
ASP OD2  O N N 65  
ASP OXT  O N N 66  
ASP H    H N N 67  
ASP H2   H N N 68  
ASP HA   H N N 69  
ASP HB2  H N N 70  
ASP HB3  H N N 71  
ASP HD2  H N N 72  
ASP HXT  H N N 73  
CYS N    N N N 74  
CYS CA   C N R 75  
CYS C    C N N 76  
CYS O    O N N 77  
CYS CB   C N N 78  
CYS SG   S N N 79  
CYS OXT  O N N 80  
CYS H    H N N 81  
CYS H2   H N N 82  
CYS HA   H N N 83  
CYS HB2  H N N 84  
CYS HB3  H N N 85  
CYS HG   H N N 86  
CYS HXT  H N N 87  
GLN N    N N N 88  
GLN CA   C N S 89  
GLN C    C N N 90  
GLN O    O N N 91  
GLN CB   C N N 92  
GLN CG   C N N 93  
GLN CD   C N N 94  
GLN OE1  O N N 95  
GLN NE2  N N N 96  
GLN OXT  O N N 97  
GLN H    H N N 98  
GLN H2   H N N 99  
GLN HA   H N N 100 
GLN HB2  H N N 101 
GLN HB3  H N N 102 
GLN HG2  H N N 103 
GLN HG3  H N N 104 
GLN HE21 H N N 105 
GLN HE22 H N N 106 
GLN HXT  H N N 107 
GLU N    N N N 108 
GLU CA   C N S 109 
GLU C    C N N 110 
GLU O    O N N 111 
GLU CB   C N N 112 
GLU CG   C N N 113 
GLU CD   C N N 114 
GLU OE1  O N N 115 
GLU OE2  O N N 116 
GLU OXT  O N N 117 
GLU H    H N N 118 
GLU H2   H N N 119 
GLU HA   H N N 120 
GLU HB2  H N N 121 
GLU HB3  H N N 122 
GLU HG2  H N N 123 
GLU HG3  H N N 124 
GLU HE2  H N N 125 
GLU HXT  H N N 126 
GLY N    N N N 127 
GLY CA   C N N 128 
GLY C    C N N 129 
GLY O    O N N 130 
GLY OXT  O N N 131 
GLY H    H N N 132 
GLY H2   H N N 133 
GLY HA2  H N N 134 
GLY HA3  H N N 135 
GLY HXT  H N N 136 
HIS N    N N N 137 
HIS CA   C N S 138 
HIS C    C N N 139 
HIS O    O N N 140 
HIS CB   C N N 141 
HIS CG   C Y N 142 
HIS ND1  N Y N 143 
HIS CD2  C Y N 144 
HIS CE1  C Y N 145 
HIS NE2  N Y N 146 
HIS OXT  O N N 147 
HIS H    H N N 148 
HIS H2   H N N 149 
HIS HA   H N N 150 
HIS HB2  H N N 151 
HIS HB3  H N N 152 
HIS HD1  H N N 153 
HIS HD2  H N N 154 
HIS HE1  H N N 155 
HIS HE2  H N N 156 
HIS HXT  H N N 157 
HOH O    O N N 158 
HOH H1   H N N 159 
HOH H2   H N N 160 
ILE N    N N N 161 
ILE CA   C N S 162 
ILE C    C N N 163 
ILE O    O N N 164 
ILE CB   C N S 165 
ILE CG1  C N N 166 
ILE CG2  C N N 167 
ILE CD1  C N N 168 
ILE OXT  O N N 169 
ILE H    H N N 170 
ILE H2   H N N 171 
ILE HA   H N N 172 
ILE HB   H N N 173 
ILE HG12 H N N 174 
ILE HG13 H N N 175 
ILE HG21 H N N 176 
ILE HG22 H N N 177 
ILE HG23 H N N 178 
ILE HD11 H N N 179 
ILE HD12 H N N 180 
ILE HD13 H N N 181 
ILE HXT  H N N 182 
LEU N    N N N 183 
LEU CA   C N S 184 
LEU C    C N N 185 
LEU O    O N N 186 
LEU CB   C N N 187 
LEU CG   C N N 188 
LEU CD1  C N N 189 
LEU CD2  C N N 190 
LEU OXT  O N N 191 
LEU H    H N N 192 
LEU H2   H N N 193 
LEU HA   H N N 194 
LEU HB2  H N N 195 
LEU HB3  H N N 196 
LEU HG   H N N 197 
LEU HD11 H N N 198 
LEU HD12 H N N 199 
LEU HD13 H N N 200 
LEU HD21 H N N 201 
LEU HD22 H N N 202 
LEU HD23 H N N 203 
LEU HXT  H N N 204 
LYS N    N N N 205 
LYS CA   C N S 206 
LYS C    C N N 207 
LYS O    O N N 208 
LYS CB   C N N 209 
LYS CG   C N N 210 
LYS CD   C N N 211 
LYS CE   C N N 212 
LYS NZ   N N N 213 
LYS OXT  O N N 214 
LYS H    H N N 215 
LYS H2   H N N 216 
LYS HA   H N N 217 
LYS HB2  H N N 218 
LYS HB3  H N N 219 
LYS HG2  H N N 220 
LYS HG3  H N N 221 
LYS HD2  H N N 222 
LYS HD3  H N N 223 
LYS HE2  H N N 224 
LYS HE3  H N N 225 
LYS HZ1  H N N 226 
LYS HZ2  H N N 227 
LYS HZ3  H N N 228 
LYS HXT  H N N 229 
MET N    N N N 230 
MET CA   C N S 231 
MET C    C N N 232 
MET O    O N N 233 
MET CB   C N N 234 
MET CG   C N N 235 
MET SD   S N N 236 
MET CE   C N N 237 
MET OXT  O N N 238 
MET H    H N N 239 
MET H2   H N N 240 
MET HA   H N N 241 
MET HB2  H N N 242 
MET HB3  H N N 243 
MET HG2  H N N 244 
MET HG3  H N N 245 
MET HE1  H N N 246 
MET HE2  H N N 247 
MET HE3  H N N 248 
MET HXT  H N N 249 
PHE N    N N N 250 
PHE CA   C N S 251 
PHE C    C N N 252 
PHE O    O N N 253 
PHE CB   C N N 254 
PHE CG   C Y N 255 
PHE CD1  C Y N 256 
PHE CD2  C Y N 257 
PHE CE1  C Y N 258 
PHE CE2  C Y N 259 
PHE CZ   C Y N 260 
PHE OXT  O N N 261 
PHE H    H N N 262 
PHE H2   H N N 263 
PHE HA   H N N 264 
PHE HB2  H N N 265 
PHE HB3  H N N 266 
PHE HD1  H N N 267 
PHE HD2  H N N 268 
PHE HE1  H N N 269 
PHE HE2  H N N 270 
PHE HZ   H N N 271 
PHE HXT  H N N 272 
PRO N    N N N 273 
PRO CA   C N S 274 
PRO C    C N N 275 
PRO O    O N N 276 
PRO CB   C N N 277 
PRO CG   C N N 278 
PRO CD   C N N 279 
PRO OXT  O N N 280 
PRO H    H N N 281 
PRO HA   H N N 282 
PRO HB2  H N N 283 
PRO HB3  H N N 284 
PRO HG2  H N N 285 
PRO HG3  H N N 286 
PRO HD2  H N N 287 
PRO HD3  H N N 288 
PRO HXT  H N N 289 
SER N    N N N 290 
SER CA   C N S 291 
SER C    C N N 292 
SER O    O N N 293 
SER CB   C N N 294 
SER OG   O N N 295 
SER OXT  O N N 296 
SER H    H N N 297 
SER H2   H N N 298 
SER HA   H N N 299 
SER HB2  H N N 300 
SER HB3  H N N 301 
SER HG   H N N 302 
SER HXT  H N N 303 
THR N    N N N 304 
THR CA   C N S 305 
THR C    C N N 306 
THR O    O N N 307 
THR CB   C N R 308 
THR OG1  O N N 309 
THR CG2  C N N 310 
THR OXT  O N N 311 
THR H    H N N 312 
THR H2   H N N 313 
THR HA   H N N 314 
THR HB   H N N 315 
THR HG1  H N N 316 
THR HG21 H N N 317 
THR HG22 H N N 318 
THR HG23 H N N 319 
THR HXT  H N N 320 
TRP N    N N N 321 
TRP CA   C N S 322 
TRP C    C N N 323 
TRP O    O N N 324 
TRP CB   C N N 325 
TRP CG   C Y N 326 
TRP CD1  C Y N 327 
TRP CD2  C Y N 328 
TRP NE1  N Y N 329 
TRP CE2  C Y N 330 
TRP CE3  C Y N 331 
TRP CZ2  C Y N 332 
TRP CZ3  C Y N 333 
TRP CH2  C Y N 334 
TRP OXT  O N N 335 
TRP H    H N N 336 
TRP H2   H N N 337 
TRP HA   H N N 338 
TRP HB2  H N N 339 
TRP HB3  H N N 340 
TRP HD1  H N N 341 
TRP HE1  H N N 342 
TRP HE3  H N N 343 
TRP HZ2  H N N 344 
TRP HZ3  H N N 345 
TRP HH2  H N N 346 
TRP HXT  H N N 347 
TYR N    N N N 348 
TYR CA   C N S 349 
TYR C    C N N 350 
TYR O    O N N 351 
TYR CB   C N N 352 
TYR CG   C Y N 353 
TYR CD1  C Y N 354 
TYR CD2  C Y N 355 
TYR CE1  C Y N 356 
TYR CE2  C Y N 357 
TYR CZ   C Y N 358 
TYR OH   O N N 359 
TYR OXT  O N N 360 
TYR H    H N N 361 
TYR H2   H N N 362 
TYR HA   H N N 363 
TYR HB2  H N N 364 
TYR HB3  H N N 365 
TYR HD1  H N N 366 
TYR HD2  H N N 367 
TYR HE1  H N N 368 
TYR HE2  H N N 369 
TYR HH   H N N 370 
TYR HXT  H N N 371 
VAL N    N N N 372 
VAL CA   C N S 373 
VAL C    C N N 374 
VAL O    O N N 375 
VAL CB   C N N 376 
VAL CG1  C N N 377 
VAL CG2  C N N 378 
VAL OXT  O N N 379 
VAL H    H N N 380 
VAL H2   H N N 381 
VAL HA   H N N 382 
VAL HB   H N N 383 
VAL HG11 H N N 384 
VAL HG12 H N N 385 
VAL HG13 H N N 386 
VAL HG21 H N N 387 
VAL HG22 H N N 388 
VAL HG23 H N N 389 
VAL HXT  H N N 390 
# 
loop_
_chem_comp_bond.comp_id 
_chem_comp_bond.atom_id_1 
_chem_comp_bond.atom_id_2 
_chem_comp_bond.value_order 
_chem_comp_bond.pdbx_aromatic_flag 
_chem_comp_bond.pdbx_stereo_config 
_chem_comp_bond.pdbx_ordinal 
ALA N   CA   sing N N 1   
ALA N   H    sing N N 2   
ALA N   H2   sing N N 3   
ALA CA  C    sing N N 4   
ALA CA  CB   sing N N 5   
ALA CA  HA   sing N N 6   
ALA C   O    doub N N 7   
ALA C   OXT  sing N N 8   
ALA CB  HB1  sing N N 9   
ALA CB  HB2  sing N N 10  
ALA CB  HB3  sing N N 11  
ALA OXT HXT  sing N N 12  
ARG N   CA   sing N N 13  
ARG N   H    sing N N 14  
ARG N   H2   sing N N 15  
ARG CA  C    sing N N 16  
ARG CA  CB   sing N N 17  
ARG CA  HA   sing N N 18  
ARG C   O    doub N N 19  
ARG C   OXT  sing N N 20  
ARG CB  CG   sing N N 21  
ARG CB  HB2  sing N N 22  
ARG CB  HB3  sing N N 23  
ARG CG  CD   sing N N 24  
ARG CG  HG2  sing N N 25  
ARG CG  HG3  sing N N 26  
ARG CD  NE   sing N N 27  
ARG CD  HD2  sing N N 28  
ARG CD  HD3  sing N N 29  
ARG NE  CZ   sing N N 30  
ARG NE  HE   sing N N 31  
ARG CZ  NH1  sing N N 32  
ARG CZ  NH2  doub N N 33  
ARG NH1 HH11 sing N N 34  
ARG NH1 HH12 sing N N 35  
ARG NH2 HH21 sing N N 36  
ARG NH2 HH22 sing N N 37  
ARG OXT HXT  sing N N 38  
ASN N   CA   sing N N 39  
ASN N   H    sing N N 40  
ASN N   H2   sing N N 41  
ASN CA  C    sing N N 42  
ASN CA  CB   sing N N 43  
ASN CA  HA   sing N N 44  
ASN C   O    doub N N 45  
ASN C   OXT  sing N N 46  
ASN CB  CG   sing N N 47  
ASN CB  HB2  sing N N 48  
ASN CB  HB3  sing N N 49  
ASN CG  OD1  doub N N 50  
ASN CG  ND2  sing N N 51  
ASN ND2 HD21 sing N N 52  
ASN ND2 HD22 sing N N 53  
ASN OXT HXT  sing N N 54  
ASP N   CA   sing N N 55  
ASP N   H    sing N N 56  
ASP N   H2   sing N N 57  
ASP CA  C    sing N N 58  
ASP CA  CB   sing N N 59  
ASP CA  HA   sing N N 60  
ASP C   O    doub N N 61  
ASP C   OXT  sing N N 62  
ASP CB  CG   sing N N 63  
ASP CB  HB2  sing N N 64  
ASP CB  HB3  sing N N 65  
ASP CG  OD1  doub N N 66  
ASP CG  OD2  sing N N 67  
ASP OD2 HD2  sing N N 68  
ASP OXT HXT  sing N N 69  
CYS N   CA   sing N N 70  
CYS N   H    sing N N 71  
CYS N   H2   sing N N 72  
CYS CA  C    sing N N 73  
CYS CA  CB   sing N N 74  
CYS CA  HA   sing N N 75  
CYS C   O    doub N N 76  
CYS C   OXT  sing N N 77  
CYS CB  SG   sing N N 78  
CYS CB  HB2  sing N N 79  
CYS CB  HB3  sing N N 80  
CYS SG  HG   sing N N 81  
CYS OXT HXT  sing N N 82  
GLN N   CA   sing N N 83  
GLN N   H    sing N N 84  
GLN N   H2   sing N N 85  
GLN CA  C    sing N N 86  
GLN CA  CB   sing N N 87  
GLN CA  HA   sing N N 88  
GLN C   O    doub N N 89  
GLN C   OXT  sing N N 90  
GLN CB  CG   sing N N 91  
GLN CB  HB2  sing N N 92  
GLN CB  HB3  sing N N 93  
GLN CG  CD   sing N N 94  
GLN CG  HG2  sing N N 95  
GLN CG  HG3  sing N N 96  
GLN CD  OE1  doub N N 97  
GLN CD  NE2  sing N N 98  
GLN NE2 HE21 sing N N 99  
GLN NE2 HE22 sing N N 100 
GLN OXT HXT  sing N N 101 
GLU N   CA   sing N N 102 
GLU N   H    sing N N 103 
GLU N   H2   sing N N 104 
GLU CA  C    sing N N 105 
GLU CA  CB   sing N N 106 
GLU CA  HA   sing N N 107 
GLU C   O    doub N N 108 
GLU C   OXT  sing N N 109 
GLU CB  CG   sing N N 110 
GLU CB  HB2  sing N N 111 
GLU CB  HB3  sing N N 112 
GLU CG  CD   sing N N 113 
GLU CG  HG2  sing N N 114 
GLU CG  HG3  sing N N 115 
GLU CD  OE1  doub N N 116 
GLU CD  OE2  sing N N 117 
GLU OE2 HE2  sing N N 118 
GLU OXT HXT  sing N N 119 
GLY N   CA   sing N N 120 
GLY N   H    sing N N 121 
GLY N   H2   sing N N 122 
GLY CA  C    sing N N 123 
GLY CA  HA2  sing N N 124 
GLY CA  HA3  sing N N 125 
GLY C   O    doub N N 126 
GLY C   OXT  sing N N 127 
GLY OXT HXT  sing N N 128 
HIS N   CA   sing N N 129 
HIS N   H    sing N N 130 
HIS N   H2   sing N N 131 
HIS CA  C    sing N N 132 
HIS CA  CB   sing N N 133 
HIS CA  HA   sing N N 134 
HIS C   O    doub N N 135 
HIS C   OXT  sing N N 136 
HIS CB  CG   sing N N 137 
HIS CB  HB2  sing N N 138 
HIS CB  HB3  sing N N 139 
HIS CG  ND1  sing Y N 140 
HIS CG  CD2  doub Y N 141 
HIS ND1 CE1  doub Y N 142 
HIS ND1 HD1  sing N N 143 
HIS CD2 NE2  sing Y N 144 
HIS CD2 HD2  sing N N 145 
HIS CE1 NE2  sing Y N 146 
HIS CE1 HE1  sing N N 147 
HIS NE2 HE2  sing N N 148 
HIS OXT HXT  sing N N 149 
HOH O   H1   sing N N 150 
HOH O   H2   sing N N 151 
ILE N   CA   sing N N 152 
ILE N   H    sing N N 153 
ILE N   H2   sing N N 154 
ILE CA  C    sing N N 155 
ILE CA  CB   sing N N 156 
ILE CA  HA   sing N N 157 
ILE C   O    doub N N 158 
ILE C   OXT  sing N N 159 
ILE CB  CG1  sing N N 160 
ILE CB  CG2  sing N N 161 
ILE CB  HB   sing N N 162 
ILE CG1 CD1  sing N N 163 
ILE CG1 HG12 sing N N 164 
ILE CG1 HG13 sing N N 165 
ILE CG2 HG21 sing N N 166 
ILE CG2 HG22 sing N N 167 
ILE CG2 HG23 sing N N 168 
ILE CD1 HD11 sing N N 169 
ILE CD1 HD12 sing N N 170 
ILE CD1 HD13 sing N N 171 
ILE OXT HXT  sing N N 172 
LEU N   CA   sing N N 173 
LEU N   H    sing N N 174 
LEU N   H2   sing N N 175 
LEU CA  C    sing N N 176 
LEU CA  CB   sing N N 177 
LEU CA  HA   sing N N 178 
LEU C   O    doub N N 179 
LEU C   OXT  sing N N 180 
LEU CB  CG   sing N N 181 
LEU CB  HB2  sing N N 182 
LEU CB  HB3  sing N N 183 
LEU CG  CD1  sing N N 184 
LEU CG  CD2  sing N N 185 
LEU CG  HG   sing N N 186 
LEU CD1 HD11 sing N N 187 
LEU CD1 HD12 sing N N 188 
LEU CD1 HD13 sing N N 189 
LEU CD2 HD21 sing N N 190 
LEU CD2 HD22 sing N N 191 
LEU CD2 HD23 sing N N 192 
LEU OXT HXT  sing N N 193 
LYS N   CA   sing N N 194 
LYS N   H    sing N N 195 
LYS N   H2   sing N N 196 
LYS CA  C    sing N N 197 
LYS CA  CB   sing N N 198 
LYS CA  HA   sing N N 199 
LYS C   O    doub N N 200 
LYS C   OXT  sing N N 201 
LYS CB  CG   sing N N 202 
LYS CB  HB2  sing N N 203 
LYS CB  HB3  sing N N 204 
LYS CG  CD   sing N N 205 
LYS CG  HG2  sing N N 206 
LYS CG  HG3  sing N N 207 
LYS CD  CE   sing N N 208 
LYS CD  HD2  sing N N 209 
LYS CD  HD3  sing N N 210 
LYS CE  NZ   sing N N 211 
LYS CE  HE2  sing N N 212 
LYS CE  HE3  sing N N 213 
LYS NZ  HZ1  sing N N 214 
LYS NZ  HZ2  sing N N 215 
LYS NZ  HZ3  sing N N 216 
LYS OXT HXT  sing N N 217 
MET N   CA   sing N N 218 
MET N   H    sing N N 219 
MET N   H2   sing N N 220 
MET CA  C    sing N N 221 
MET CA  CB   sing N N 222 
MET CA  HA   sing N N 223 
MET C   O    doub N N 224 
MET C   OXT  sing N N 225 
MET CB  CG   sing N N 226 
MET CB  HB2  sing N N 227 
MET CB  HB3  sing N N 228 
MET CG  SD   sing N N 229 
MET CG  HG2  sing N N 230 
MET CG  HG3  sing N N 231 
MET SD  CE   sing N N 232 
MET CE  HE1  sing N N 233 
MET CE  HE2  sing N N 234 
MET CE  HE3  sing N N 235 
MET OXT HXT  sing N N 236 
PHE N   CA   sing N N 237 
PHE N   H    sing N N 238 
PHE N   H2   sing N N 239 
PHE CA  C    sing N N 240 
PHE CA  CB   sing N N 241 
PHE CA  HA   sing N N 242 
PHE C   O    doub N N 243 
PHE C   OXT  sing N N 244 
PHE CB  CG   sing N N 245 
PHE CB  HB2  sing N N 246 
PHE CB  HB3  sing N N 247 
PHE CG  CD1  doub Y N 248 
PHE CG  CD2  sing Y N 249 
PHE CD1 CE1  sing Y N 250 
PHE CD1 HD1  sing N N 251 
PHE CD2 CE2  doub Y N 252 
PHE CD2 HD2  sing N N 253 
PHE CE1 CZ   doub Y N 254 
PHE CE1 HE1  sing N N 255 
PHE CE2 CZ   sing Y N 256 
PHE CE2 HE2  sing N N 257 
PHE CZ  HZ   sing N N 258 
PHE OXT HXT  sing N N 259 
PRO N   CA   sing N N 260 
PRO N   CD   sing N N 261 
PRO N   H    sing N N 262 
PRO CA  C    sing N N 263 
PRO CA  CB   sing N N 264 
PRO CA  HA   sing N N 265 
PRO C   O    doub N N 266 
PRO C   OXT  sing N N 267 
PRO CB  CG   sing N N 268 
PRO CB  HB2  sing N N 269 
PRO CB  HB3  sing N N 270 
PRO CG  CD   sing N N 271 
PRO CG  HG2  sing N N 272 
PRO CG  HG3  sing N N 273 
PRO CD  HD2  sing N N 274 
PRO CD  HD3  sing N N 275 
PRO OXT HXT  sing N N 276 
SER N   CA   sing N N 277 
SER N   H    sing N N 278 
SER N   H2   sing N N 279 
SER CA  C    sing N N 280 
SER CA  CB   sing N N 281 
SER CA  HA   sing N N 282 
SER C   O    doub N N 283 
SER C   OXT  sing N N 284 
SER CB  OG   sing N N 285 
SER CB  HB2  sing N N 286 
SER CB  HB3  sing N N 287 
SER OG  HG   sing N N 288 
SER OXT HXT  sing N N 289 
THR N   CA   sing N N 290 
THR N   H    sing N N 291 
THR N   H2   sing N N 292 
THR CA  C    sing N N 293 
THR CA  CB   sing N N 294 
THR CA  HA   sing N N 295 
THR C   O    doub N N 296 
THR C   OXT  sing N N 297 
THR CB  OG1  sing N N 298 
THR CB  CG2  sing N N 299 
THR CB  HB   sing N N 300 
THR OG1 HG1  sing N N 301 
THR CG2 HG21 sing N N 302 
THR CG2 HG22 sing N N 303 
THR CG2 HG23 sing N N 304 
THR OXT HXT  sing N N 305 
TRP N   CA   sing N N 306 
TRP N   H    sing N N 307 
TRP N   H2   sing N N 308 
TRP CA  C    sing N N 309 
TRP CA  CB   sing N N 310 
TRP CA  HA   sing N N 311 
TRP C   O    doub N N 312 
TRP C   OXT  sing N N 313 
TRP CB  CG   sing N N 314 
TRP CB  HB2  sing N N 315 
TRP CB  HB3  sing N N 316 
TRP CG  CD1  doub Y N 317 
TRP CG  CD2  sing Y N 318 
TRP CD1 NE1  sing Y N 319 
TRP CD1 HD1  sing N N 320 
TRP CD2 CE2  doub Y N 321 
TRP CD2 CE3  sing Y N 322 
TRP NE1 CE2  sing Y N 323 
TRP NE1 HE1  sing N N 324 
TRP CE2 CZ2  sing Y N 325 
TRP CE3 CZ3  doub Y N 326 
TRP CE3 HE3  sing N N 327 
TRP CZ2 CH2  doub Y N 328 
TRP CZ2 HZ2  sing N N 329 
TRP CZ3 CH2  sing Y N 330 
TRP CZ3 HZ3  sing N N 331 
TRP CH2 HH2  sing N N 332 
TRP OXT HXT  sing N N 333 
TYR N   CA   sing N N 334 
TYR N   H    sing N N 335 
TYR N   H2   sing N N 336 
TYR CA  C    sing N N 337 
TYR CA  CB   sing N N 338 
TYR CA  HA   sing N N 339 
TYR C   O    doub N N 340 
TYR C   OXT  sing N N 341 
TYR CB  CG   sing N N 342 
TYR CB  HB2  sing N N 343 
TYR CB  HB3  sing N N 344 
TYR CG  CD1  doub Y N 345 
TYR CG  CD2  sing Y N 346 
TYR CD1 CE1  sing Y N 347 
TYR CD1 HD1  sing N N 348 
TYR CD2 CE2  doub Y N 349 
TYR CD2 HD2  sing N N 350 
TYR CE1 CZ   doub Y N 351 
TYR CE1 HE1  sing N N 352 
TYR CE2 CZ   sing Y N 353 
TYR CE2 HE2  sing N N 354 
TYR CZ  OH   sing N N 355 
TYR OH  HH   sing N N 356 
TYR OXT HXT  sing N N 357 
VAL N   CA   sing N N 358 
VAL N   H    sing N N 359 
VAL N   H2   sing N N 360 
VAL CA  C    sing N N 361 
VAL CA  CB   sing N N 362 
VAL CA  HA   sing N N 363 
VAL C   O    doub N N 364 
VAL C   OXT  sing N N 365 
VAL CB  CG1  sing N N 366 
VAL CB  CG2  sing N N 367 
VAL CB  HB   sing N N 368 
VAL CG1 HG11 sing N N 369 
VAL CG1 HG12 sing N N 370 
VAL CG1 HG13 sing N N 371 
VAL CG2 HG21 sing N N 372 
VAL CG2 HG22 sing N N 373 
VAL CG2 HG23 sing N N 374 
VAL OXT HXT  sing N N 375 
# 
_atom_sites.entry_id                    4N30 
_atom_sites.fract_transf_matrix[1][1]   0.01881011 
_atom_sites.fract_transf_matrix[1][2]   -0.00226122 
_atom_sites.fract_transf_matrix[1][3]   -0.00887676 
_atom_sites.fract_transf_matrix[2][1]   0.00561773 
_atom_sites.fract_transf_matrix[2][2]   -0.00772294 
_atom_sites.fract_transf_matrix[2][3]   0.01387143 
_atom_sites.fract_transf_matrix[3][1]   -0.00476199 
_atom_sites.fract_transf_matrix[3][2]   -0.01481149 
_atom_sites.fract_transf_matrix[3][3]   -0.00631779 
_atom_sites.fract_transf_vector[1]      0.632039 
_atom_sites.fract_transf_vector[2]      -0.122457 
_atom_sites.fract_transf_vector[3]      0.809404 
# 
loop_
_atom_type.symbol 
C 
N 
O 
S 
# 
loop_
_atom_site.group_PDB 
_atom_site.id 
_atom_site.type_symbol 
_atom_site.label_atom_id 
_atom_site.label_alt_id 
_atom_site.label_comp_id 
_atom_site.label_asym_id 
_atom_site.label_entity_id 
_atom_site.label_seq_id 
_atom_site.pdbx_PDB_ins_code 
_atom_site.Cartn_x 
_atom_site.Cartn_y 
_atom_site.Cartn_z 
_atom_site.occupancy 
_atom_site.B_iso_or_equiv 
_atom_site.pdbx_formal_charge 
_atom_site.auth_seq_id 
_atom_site.auth_comp_id 
_atom_site.auth_asym_id 
_atom_site.auth_atom_id 
_atom_site.pdbx_PDB_model_num 
ATOM   1    N N   . LYS A 1 40  ? -10.027 -4.261  16.744  1.00 48.97 ? 40  LYS A N   1 
ATOM   2    C CA  . LYS A 1 40  ? -8.956  -3.522  16.001  1.00 49.61 ? 40  LYS A CA  1 
ATOM   3    C C   . LYS A 1 40  ? -7.615  -3.723  16.703  1.00 51.11 ? 40  LYS A C   1 
ATOM   4    O O   . LYS A 1 40  ? -7.561  -3.882  17.931  1.00 59.59 ? 40  LYS A O   1 
ATOM   5    C CB  . LYS A 1 40  ? -9.289  -2.033  15.901  1.00 20.00 ? 40  LYS A CB  1 
ATOM   6    C CG  . LYS A 1 40  ? -10.491 -1.724  15.020  1.00 20.00 ? 40  LYS A CG  1 
ATOM   7    C CD  . LYS A 1 40  ? -10.780 -0.233  14.984  1.00 20.00 ? 40  LYS A CD  1 
ATOM   8    C CE  . LYS A 1 40  ? -11.966 0.079   14.086  1.00 20.00 ? 40  LYS A CE  1 
ATOM   9    N NZ  . LYS A 1 40  ? -12.276 1.535   14.061  1.00 20.00 ? 40  LYS A NZ  1 
ATOM   10   N N   . GLY A 1 41  ? -6.538  -3.770  15.915  1.00 45.35 ? 41  GLY A N   1 
ATOM   11   C CA  . GLY A 1 41  ? -5.178  -3.902  16.453  1.00 37.30 ? 41  GLY A CA  1 
ATOM   12   C C   . GLY A 1 41  ? -4.549  -2.532  16.484  1.00 31.51 ? 41  GLY A C   1 
ATOM   13   O O   . GLY A 1 41  ? -5.227  -1.537  16.517  1.00 26.92 ? 41  GLY A O   1 
ATOM   14   N N   . LEU A 1 42  ? -3.241  -2.491  16.463  1.00 27.57 ? 42  LEU A N   1 
ATOM   15   C CA  . LEU A 1 42  ? -2.523  -1.186  16.474  1.00 28.63 ? 42  LEU A CA  1 
ATOM   16   C C   . LEU A 1 42  ? -2.687  -0.390  15.183  1.00 35.41 ? 42  LEU A C   1 
ATOM   17   O O   . LEU A 1 42  ? -2.664  -1.005  14.121  1.00 32.42 ? 42  LEU A O   1 
ATOM   18   C CB  . LEU A 1 42  ? -1.066  -1.425  16.693  1.00 23.67 ? 42  LEU A CB  1 
ATOM   19   C CG  . LEU A 1 42  ? -0.819  -1.902  18.111  1.00 23.12 ? 42  LEU A CG  1 
ATOM   20   C CD1 . LEU A 1 42  ? 0.651   -2.273  18.095  1.00 22.65 ? 42  LEU A CD1 1 
ATOM   21   C CD2 . LEU A 1 42  ? -1.183  -0.864  19.175  1.00 20.31 ? 42  LEU A CD2 1 
ATOM   22   N N   . PRO A 1 43  ? -2.794  0.951   15.284  1.00 33.75 ? 43  PRO A N   1 
ATOM   23   C CA  . PRO A 1 43  ? -2.919  1.730   14.056  1.00 39.09 ? 43  PRO A CA  1 
ATOM   24   C C   . PRO A 1 43  ? -1.665  1.804   13.191  1.00 36.64 ? 43  PRO A C   1 
ATOM   25   O O   . PRO A 1 43  ? -0.490  1.598   13.633  1.00 38.37 ? 43  PRO A O   1 
ATOM   26   C CB  . PRO A 1 43  ? -3.282  3.129   14.556  1.00 38.99 ? 43  PRO A CB  1 
ATOM   27   C CG  . PRO A 1 43  ? -2.564  3.220   15.872  1.00 37.57 ? 43  PRO A CG  1 
ATOM   28   C CD  . PRO A 1 43  ? -2.683  1.835   16.479  1.00 36.83 ? 43  PRO A CD  1 
ATOM   29   N N   . ALA A 1 44  ? -1.987  2.069   11.927  1.00 35.13 ? 44  ALA A N   1 
ATOM   30   C CA  . ALA A 1 44  ? -1.014  2.259   10.863  1.00 29.02 ? 44  ALA A CA  1 
ATOM   31   C C   . ALA A 1 44  ? -0.226  3.559   11.133  1.00 22.89 ? 44  ALA A C   1 
ATOM   32   O O   . ALA A 1 44  ? -0.750  4.584   11.594  1.00 28.12 ? 44  ALA A O   1 
ATOM   33   C CB  . ALA A 1 44  ? -1.710  2.326   9.499   1.00 32.22 ? 44  ALA A CB  1 
ATOM   34   N N   . ASN A 1 45  ? 1.034   3.466   10.795  1.00 21.65 ? 45  ASN A N   1 
ATOM   35   C CA  . ASN A 1 45  ? 1.881   4.631   10.870  1.00 21.31 ? 45  ASN A CA  1 
ATOM   36   C C   . ASN A 1 45  ? 2.658   4.729   9.557   1.00 19.11 ? 45  ASN A C   1 
ATOM   37   O O   . ASN A 1 45  ? 2.297   5.502   8.675   1.00 16.70 ? 45  ASN A O   1 
ATOM   38   C CB  . ASN A 1 45  ? 2.736   4.606   12.123  1.00 21.87 ? 45  ASN A CB  1 
ATOM   39   C CG  . ASN A 1 45  ? 3.645   5.788   12.221  1.00 21.89 ? 45  ASN A CG  1 
ATOM   40   O OD1 . ASN A 1 45  ? 3.827   6.543   11.288  1.00 21.35 ? 45  ASN A OD1 1 
ATOM   41   N ND2 . ASN A 1 45  ? 4.194   6.012   13.415  1.00 19.83 ? 45  ASN A ND2 1 
ATOM   42   N N   . HIS A 1 46  ? 3.714   3.920   9.396   1.00 15.38 ? 46  HIS A N   1 
ATOM   43   C CA  . HIS A 1 46  ? 4.545   4.077   8.228   1.00 14.33 ? 46  HIS A CA  1 
ATOM   44   C C   . HIS A 1 46  ? 3.777   3.726   6.926   1.00 13.15 ? 46  HIS A C   1 
ATOM   45   O O   . HIS A 1 46  ? 4.125   4.298   5.928   1.00 13.42 ? 46  HIS A O   1 
ATOM   46   C CB  . HIS A 1 46  ? 5.831   3.238   8.279   1.00 14.05 ? 46  HIS A CB  1 
ATOM   47   C CG  . HIS A 1 46  ? 5.638   1.778   8.455   1.00 15.13 ? 46  HIS A CG  1 
ATOM   48   N ND1 . HIS A 1 46  ? 5.665   0.856   7.430   1.00 16.51 ? 46  HIS A ND1 1 
ATOM   49   C CD2 . HIS A 1 46  ? 5.431   1.023   9.636   1.00 15.78 ? 46  HIS A CD2 1 
ATOM   50   C CE1 . HIS A 1 46  ? 5.514   -0.409  7.954   1.00 12.51 ? 46  HIS A CE1 1 
ATOM   51   N NE2 . HIS A 1 46  ? 5.369   -0.299  9.307   1.00 21.83 ? 46  HIS A NE2 1 
ATOM   52   N N   . SER A 1 47  ? 2.771   2.851   7.024   1.00 14.20 ? 47  SER A N   1 
ATOM   53   C CA  . SER A 1 47  ? 2.000   2.492   5.829   1.00 13.19 ? 47  SER A CA  1 
ATOM   54   C C   . SER A 1 47  ? 0.808   3.395   5.561   1.00 12.22 ? 47  SER A C   1 
ATOM   55   O O   . SER A 1 47  ? 0.037   3.098   4.602   1.00 12.20 ? 47  SER A O   1 
ATOM   56   C CB  . SER A 1 47  ? 1.583   1.004   5.962   1.00 16.14 ? 47  SER A CB  1 
ATOM   57   O OG  . SER A 1 47  ? 0.741   0.841   7.093   1.00 20.48 ? 47  SER A OG  1 
ATOM   58   N N   . LEU A 1 48  ? 0.621   4.444   6.336   1.00 12.73 ? 48  LEU A N   1 
ATOM   59   C CA  A LEU A 1 48  ? -0.532  5.386   6.306   0.50 11.59 ? 48  LEU A CA  1 
ATOM   60   C CA  B LEU A 1 48  ? -0.529  5.287   6.190   0.50 12.20 ? 48  LEU A CA  1 
ATOM   61   C C   . LEU A 1 48  ? -0.150  6.618   5.527   1.00 11.52 ? 48  LEU A C   1 
ATOM   62   O O   . LEU A 1 48  ? 0.924   7.187   5.775   1.00 12.88 ? 48  LEU A O   1 
ATOM   63   C CB  A LEU A 1 48  ? -0.830  5.932   7.727   0.50 13.03 ? 48  LEU A CB  1 
ATOM   64   C CB  B LEU A 1 48  ? -1.181  5.450   7.546   0.50 15.40 ? 48  LEU A CB  1 
ATOM   65   C CG  A LEU A 1 48  ? -1.860  7.088   7.806   0.50 12.70 ? 48  LEU A CG  1 
ATOM   66   C CG  B LEU A 1 48  ? -2.517  6.184   7.486   0.50 15.46 ? 48  LEU A CG  1 
ATOM   67   C CD1 A LEU A 1 48  ? -3.247  6.670   7.343   0.50 13.92 ? 48  LEU A CD1 1 
ATOM   68   C CD1 B LEU A 1 48  ? -3.363  5.665   8.600   0.50 17.60 ? 48  LEU A CD1 1 
ATOM   69   C CD2 A LEU A 1 48  ? -1.912  7.611   9.225   0.50 12.98 ? 48  LEU A CD2 1 
ATOM   70   C CD2 B LEU A 1 48  ? -2.314  7.679   7.610   0.50 16.28 ? 48  LEU A CD2 1 
ATOM   71   N N   . TYR A 1 49  ? -1.003  7.068   4.582   1.00 11.50 ? 49  TYR A N   1 
ATOM   72   C CA  . TYR A 1 49  ? -0.838  8.332   3.888   1.00 10.75 ? 49  TYR A CA  1 
ATOM   73   C C   . TYR A 1 49  ? -2.089  9.111   4.144   1.00 13.25 ? 49  TYR A C   1 
ATOM   74   O O   . TYR A 1 49  ? -3.214  8.638   3.933   1.00 12.46 ? 49  TYR A O   1 
ATOM   75   C CB  . TYR A 1 49  ? -0.652  8.061   2.391   1.00 12.34 ? 49  TYR A CB  1 
ATOM   76   C CG  . TYR A 1 49  ? -0.404  9.304   1.612   1.00 13.27 ? 49  TYR A CG  1 
ATOM   77   C CD1 . TYR A 1 49  ? 0.866   9.924   1.603   1.00 14.29 ? 49  TYR A CD1 1 
ATOM   78   C CD2 . TYR A 1 49  ? -1.454  9.929   0.934   1.00 12.56 ? 49  TYR A CD2 1 
ATOM   79   C CE1 . TYR A 1 49  ? 1.021   11.146  0.914   1.00 15.55 ? 49  TYR A CE1 1 
ATOM   80   C CE2 . TYR A 1 49  ? -1.321  11.166  0.252   1.00 13.02 ? 49  TYR A CE2 1 
ATOM   81   C CZ  . TYR A 1 49  ? -0.039  11.708  0.278   1.00 15.30 ? 49  TYR A CZ  1 
ATOM   82   O OH  . TYR A 1 49  ? 0.186   12.900  -0.364  1.00 19.31 ? 49  TYR A OH  1 
ATOM   83   N N   . GLY A 1 50  ? -1.938  10.383  4.588   1.00 13.95 ? 50  GLY A N   1 
ATOM   84   C CA  . GLY A 1 50  ? -3.100  11.237  4.910   1.00 15.94 ? 50  GLY A CA  1 
ATOM   85   C C   . GLY A 1 50  ? -3.305  11.372  6.390   1.00 16.76 ? 50  GLY A C   1 
ATOM   86   O O   . GLY A 1 50  ? -2.458  10.996  7.209   1.00 18.96 ? 50  GLY A O   1 
ATOM   87   N N   . ASP A 1 51  ? -4.458  11.861  6.749   1.00 17.51 ? 51  ASP A N   1 
ATOM   88   C CA  . ASP A 1 51  ? -4.708  12.213  8.148   1.00 17.14 ? 51  ASP A CA  1 
ATOM   89   C C   . ASP A 1 51  ? -4.997  10.970  8.956   1.00 17.87 ? 51  ASP A C   1 
ATOM   90   O O   . ASP A 1 51  ? -5.895  10.190  8.586   1.00 16.83 ? 51  ASP A O   1 
ATOM   91   C CB  . ASP A 1 51  ? -5.889  13.203  8.198   1.00 21.26 ? 51  ASP A CB  1 
ATOM   92   C CG  . ASP A 1 51  ? -6.262  13.692  9.658   1.00 26.62 ? 51  ASP A CG  1 
ATOM   93   O OD1 . ASP A 1 51  ? -5.760  13.193  10.661  1.00 26.25 ? 51  ASP A OD1 1 
ATOM   94   O OD2 . ASP A 1 51  ? -7.153  14.570  9.768   1.00 37.85 ? 51  ASP A OD2 1 
ATOM   95   N N   . ALA A 1 52  ? -4.314  10.722  10.043  1.00 18.12 ? 52  ALA A N   1 
ATOM   96   C CA  . ALA A 1 52  ? -4.554  9.563   10.845  1.00 17.92 ? 52  ALA A CA  1 
ATOM   97   C C   . ALA A 1 52  ? -5.995  9.472   11.418  1.00 19.94 ? 52  ALA A C   1 
ATOM   98   O O   . ALA A 1 52  ? -6.462  8.366   11.705  1.00 25.32 ? 52  ALA A O   1 
ATOM   99   C CB  . ALA A 1 52  ? -3.532  9.444   12.016  1.00 21.63 ? 52  ALA A CB  1 
ATOM   100  N N   . LYS A 1 53  ? -6.629  10.614  11.561  1.00 20.28 ? 53  LYS A N   1 
ATOM   101  C CA  A LYS A 1 53  ? -7.965  10.586  12.154  0.50 22.60 ? 53  LYS A CA  1 
ATOM   102  C CA  B LYS A 1 53  ? -7.950  10.805  12.129  0.50 22.38 ? 53  LYS A CA  1 
ATOM   103  C C   . LYS A 1 53  ? -9.050  10.624  11.100  1.00 22.19 ? 53  LYS A C   1 
ATOM   104  O O   . LYS A 1 53  ? -10.231 10.822  11.412  1.00 20.95 ? 53  LYS A O   1 
ATOM   105  C CB  A LYS A 1 53  ? -8.151  11.724  13.161  0.50 25.10 ? 53  LYS A CB  1 
ATOM   106  C CB  B LYS A 1 53  ? -8.018  12.241  12.712  0.50 22.08 ? 53  LYS A CB  1 
ATOM   107  C CG  A LYS A 1 53  ? -7.121  11.766  14.277  0.50 26.91 ? 53  LYS A CG  1 
ATOM   108  C CG  B LYS A 1 53  ? -6.962  12.489  13.792  0.50 23.46 ? 53  LYS A CG  1 
ATOM   109  C CD  A LYS A 1 53  ? -6.933  10.424  14.953  0.50 26.43 ? 53  LYS A CD  1 
ATOM   110  C CD  B LYS A 1 53  ? -7.251  13.715  14.642  0.50 25.03 ? 53  LYS A CD  1 
ATOM   111  C CE  A LYS A 1 53  ? -5.637  10.409  15.764  0.50 30.84 ? 53  LYS A CE  1 
ATOM   112  C CE  B LYS A 1 53  ? -6.475  13.614  15.950  0.50 28.28 ? 53  LYS A CE  1 
ATOM   113  N NZ  A LYS A 1 53  ? -5.802  11.348  16.907  0.50 35.87 ? 53  LYS A NZ  1 
ATOM   114  N NZ  B LYS A 1 53  ? -6.444  14.914  16.673  0.50 29.87 ? 53  LYS A NZ  1 
ATOM   115  N N   . ALA A 1 54  ? -8.698  10.379  9.814   1.00 18.41 ? 54  ALA A N   1 
ATOM   116  C CA  . ALA A 1 54  ? -9.703  10.366  8.752   1.00 17.11 ? 54  ALA A CA  1 
ATOM   117  C C   . ALA A 1 54  ? -10.835 9.367   9.075   1.00 14.04 ? 54  ALA A C   1 
ATOM   118  O O   . ALA A 1 54  ? -10.641 8.246   9.549   1.00 16.02 ? 54  ALA A O   1 
ATOM   119  C CB  . ALA A 1 54  ? -9.061  10.054  7.390   1.00 15.86 ? 54  ALA A CB  1 
ATOM   120  N N   . ARG A 1 55  ? -12.024 9.875   8.730   1.00 14.77 ? 55  ARG A N   1 
ATOM   121  C CA  . ARG A 1 55  ? -13.221 9.053   8.864   1.00 14.88 ? 55  ARG A CA  1 
ATOM   122  C C   . ARG A 1 55  ? -13.162 7.735   7.984   1.00 13.68 ? 55  ARG A C   1 
ATOM   123  O O   . ARG A 1 55  ? -13.564 6.684   8.501   1.00 15.19 ? 55  ARG A O   1 
ATOM   124  C CB  . ARG A 1 55  ? -14.474 9.846   8.496   1.00 16.47 ? 55  ARG A CB  1 
ATOM   125  C CG  . ARG A 1 55  ? -15.684 8.946   8.389   1.00 20.21 ? 55  ARG A CG  1 
ATOM   126  C CD  . ARG A 1 55  ? -16.624 8.949   9.479   1.00 23.18 ? 55  ARG A CD  1 
ATOM   127  N NE  . ARG A 1 55  ? -17.825 8.180   9.084   1.00 18.32 ? 55  ARG A NE  1 
ATOM   128  C CZ  . ARG A 1 55  ? -19.080 8.624   8.944   1.00 19.98 ? 55  ARG A CZ  1 
ATOM   129  N NH1 . ARG A 1 55  ? -19.364 9.928   9.039   1.00 22.85 ? 55  ARG A NH1 1 
ATOM   130  N NH2 . ARG A 1 55  ? -20.042 7.728   8.681   1.00 18.33 ? 55  ARG A NH2 1 
ATOM   131  N N   . TRP A 1 56  ? -12.719 7.830   6.717   1.00 13.02 ? 56  TRP A N   1 
ATOM   132  C CA  . TRP A 1 56  ? -12.734 6.605   5.879   1.00 12.57 ? 56  TRP A CA  1 
ATOM   133  C C   . TRP A 1 56  ? -11.301 6.308   5.559   1.00 12.73 ? 56  TRP A C   1 
ATOM   134  O O   . TRP A 1 56  ? -10.460 7.211   5.345   1.00 14.03 ? 56  TRP A O   1 
ATOM   135  C CB  . TRP A 1 56  ? -13.465 6.898   4.571   1.00 13.65 ? 56  TRP A CB  1 
ATOM   136  C CG  . TRP A 1 56  ? -14.945 7.066   4.844   1.00 13.17 ? 56  TRP A CG  1 
ATOM   137  C CD1 . TRP A 1 56  ? -15.865 6.117   5.105   1.00 13.74 ? 56  TRP A CD1 1 
ATOM   138  C CD2 . TRP A 1 56  ? -15.613 8.335   4.912   1.00 14.56 ? 56  TRP A CD2 1 
ATOM   139  N NE1 . TRP A 1 56  ? -17.144 6.704   5.316   1.00 14.25 ? 56  TRP A NE1 1 
ATOM   140  C CE2 . TRP A 1 56  ? -17.018 8.054   5.201   1.00 13.35 ? 56  TRP A CE2 1 
ATOM   141  C CE3 . TRP A 1 56  ? -15.228 9.672   4.711   1.00 13.90 ? 56  TRP A CE3 1 
ATOM   142  C CZ2 . TRP A 1 56  ? -17.976 9.067   5.341   1.00 13.85 ? 56  TRP A CZ2 1 
ATOM   143  C CZ3 . TRP A 1 56  ? -16.243 10.687  4.773   1.00 15.23 ? 56  TRP A CZ3 1 
ATOM   144  C CH2 . TRP A 1 56  ? -17.575 10.361  5.095   1.00 15.29 ? 56  TRP A CH2 1 
ATOM   145  N N   . THR A 1 57  ? -10.991 5.022   5.492   1.00 12.71 ? 57  THR A N   1 
ATOM   146  C CA  . THR A 1 57  ? -9.629  4.561   5.118   1.00 11.73 ? 57  THR A CA  1 
ATOM   147  C C   . THR A 1 57  ? -9.771  3.707   3.850   1.00 12.38 ? 57  THR A C   1 
ATOM   148  O O   . THR A 1 57  ? -10.543 2.721   3.839   1.00 12.31 ? 57  THR A O   1 
ATOM   149  C CB  . THR A 1 57  ? -9.102  3.670   6.161   1.00 12.44 ? 57  THR A CB  1 
ATOM   150  O OG1 . THR A 1 57  ? -8.754  4.473   7.316   1.00 12.69 ? 57  THR A OG1 1 
ATOM   151  C CG2 . THR A 1 57  ? -7.737  2.930   5.727   1.00 13.80 ? 57  THR A CG2 1 
ATOM   152  N N   . ILE A 1 58  ? -9.019  4.080   2.820   1.00 11.41 ? 58  ILE A N   1 
ATOM   153  C CA  . ILE A 1 58  ? -8.863  3.241   1.605   1.00 10.86 ? 58  ILE A CA  1 
ATOM   154  C C   . ILE A 1 58  ? -7.690  2.297   1.810   1.00 10.18 ? 58  ILE A C   1 
ATOM   155  O O   . ILE A 1 58  ? -6.521  2.811   1.924   1.00 11.20 ? 58  ILE A O   1 
ATOM   156  C CB  . ILE A 1 58  ? -8.611  4.073   0.371   1.00 11.56 ? 58  ILE A CB  1 
ATOM   157  C CG1 . ILE A 1 58  ? -9.788  5.040   0.065   1.00 13.19 ? 58  ILE A CG1 1 
ATOM   158  C CG2 . ILE A 1 58  ? -8.315  3.176   -0.833  1.00 12.04 ? 58  ILE A CG2 1 
ATOM   159  C CD1 . ILE A 1 58  ? -9.547  6.087   -1.028  1.00 15.00 ? 58  ILE A CD1 1 
ATOM   160  N N   . ASN A 1 59  ? -7.926  1.006   2.022   1.00 9.81  ? 59  ASN A N   1 
ATOM   161  C CA  . ASN A 1 59  ? -6.880  -0.010  2.049   1.00 9.55  ? 59  ASN A CA  1 
ATOM   162  C C   . ASN A 1 59  ? -6.569  -0.452  0.650   1.00 9.24  ? 59  ASN A C   1 
ATOM   163  O O   . ASN A 1 59  ? -7.483  -0.965  -0.028  1.00 10.81 ? 59  ASN A O   1 
ATOM   164  C CB  . ASN A 1 59  ? -7.329  -1.233  2.879   1.00 10.56 ? 59  ASN A CB  1 
ATOM   165  C CG  . ASN A 1 59  ? -7.485  -0.882  4.320   1.00 11.61 ? 59  ASN A CG  1 
ATOM   166  O OD1 . ASN A 1 59  ? -6.513  -0.894  5.076   1.00 15.13 ? 59  ASN A OD1 1 
ATOM   167  N ND2 . ASN A 1 59  ? -8.714  -0.528  4.714   1.00 12.76 ? 59  ASN A ND2 1 
ATOM   168  N N   . GLU A 1 60  ? -5.380  -0.131  0.167   1.00 9.18  ? 60  GLU A N   1 
ATOM   169  C CA  . GLU A 1 60  ? -5.026  -0.417  -1.237  1.00 9.74  ? 60  GLU A CA  1 
ATOM   170  C C   . GLU A 1 60  ? -4.137  -1.654  -1.254  1.00 10.52 ? 60  GLU A C   1 
ATOM   171  O O   . GLU A 1 60  ? -2.972  -1.587  -0.833  1.00 10.60 ? 60  GLU A O   1 
ATOM   172  C CB  . GLU A 1 60  ? -4.267  0.803   -1.867  1.00 9.80  ? 60  GLU A CB  1 
ATOM   173  C CG  . GLU A 1 60  ? -3.780  0.511   -3.282  1.00 10.32 ? 60  GLU A CG  1 
ATOM   174  C CD  . GLU A 1 60  ? -2.773  1.488   -3.827  1.00 10.80 ? 60  GLU A CD  1 
ATOM   175  O OE1 . GLU A 1 60  ? -2.336  2.370   -3.180  1.00 12.36 ? 60  GLU A OE1 1 
ATOM   176  O OE2 . GLU A 1 60  ? -2.369  1.207   -5.003  1.00 10.75 ? 60  GLU A OE2 1 
ATOM   177  N N   . TYR A 1 61  ? -4.682  -2.784  -1.623  1.00 8.76  ? 61  TYR A N   1 
ATOM   178  C CA  . TYR A 1 61  ? -3.920  -4.009  -1.782  1.00 8.86  ? 61  TYR A CA  1 
ATOM   179  C C   . TYR A 1 61  ? -3.162  -3.923  -3.075  1.00 9.64  ? 61  TYR A C   1 
ATOM   180  O O   . TYR A 1 61  ? -3.752  -3.822  -4.178  1.00 10.19 ? 61  TYR A O   1 
ATOM   181  C CB  . TYR A 1 61  ? -4.839  -5.249  -1.783  1.00 10.36 ? 61  TYR A CB  1 
ATOM   182  C CG  . TYR A 1 61  ? -5.368  -5.529  -0.399  1.00 10.19 ? 61  TYR A CG  1 
ATOM   183  C CD1 . TYR A 1 61  ? -4.740  -6.465  0.416   1.00 11.79 ? 61  TYR A CD1 1 
ATOM   184  C CD2 . TYR A 1 61  ? -6.504  -4.852  0.104   1.00 11.10 ? 61  TYR A CD2 1 
ATOM   185  C CE1 . TYR A 1 61  ? -5.161  -6.706  1.728   1.00 13.68 ? 61  TYR A CE1 1 
ATOM   186  C CE2 . TYR A 1 61  ? -6.950  -5.091  1.429   1.00 12.19 ? 61  TYR A CE2 1 
ATOM   187  C CZ  . TYR A 1 61  ? -6.277  -6.048  2.155   1.00 12.79 ? 61  TYR A CZ  1 
ATOM   188  O OH  . TYR A 1 61  ? -6.662  -6.269  3.487   1.00 14.86 ? 61  TYR A OH  1 
ATOM   189  N N   . ALA A 1 62  ? -1.841  -3.969  -3.001  1.00 9.31  ? 62  ALA A N   1 
ATOM   190  C CA  . ALA A 1 62  ? -0.998  -3.579  -4.127  1.00 9.04  ? 62  ALA A CA  1 
ATOM   191  C C   . ALA A 1 62  ? 0.325   -4.308  -4.179  1.00 10.10 ? 62  ALA A C   1 
ATOM   192  O O   . ALA A 1 62  ? 0.787   -4.924  -3.197  1.00 10.09 ? 62  ALA A O   1 
ATOM   193  C CB  . ALA A 1 62  ? -0.754  -2.076  -4.094  1.00 10.61 ? 62  ALA A CB  1 
ATOM   194  N N   . ASP A 1 63  ? 0.889   -4.291  -5.384  1.00 9.11  ? 63  ASP A N   1 
ATOM   195  C CA  . ASP A 1 63  ? 2.088   -5.106  -5.759  1.00 9.13  ? 63  ASP A CA  1 
ATOM   196  C C   . ASP A 1 63  ? 3.012   -4.146  -6.534  1.00 10.03 ? 63  ASP A C   1 
ATOM   197  O O   . ASP A 1 63  ? 2.566   -3.428  -7.448  1.00 9.71  ? 63  ASP A O   1 
ATOM   198  C CB  . ASP A 1 63  ? 1.514   -6.230  -6.673  1.00 9.56  ? 63  ASP A CB  1 
ATOM   199  C CG  . ASP A 1 63  ? 2.560   -6.992  -7.471  1.00 9.99  ? 63  ASP A CG  1 
ATOM   200  O OD1 . ASP A 1 63  ? 3.713   -6.633  -7.579  1.00 10.69 ? 63  ASP A OD1 1 
ATOM   201  O OD2 . ASP A 1 63  ? 2.113   -8.076  -8.020  1.00 10.84 ? 63  ASP A OD2 1 
ATOM   202  N N   . LEU A 1 64  ? 4.274   -4.068  -6.079  1.00 9.62  ? 64  LEU A N   1 
ATOM   203  C CA  . LEU A 1 64  ? 5.210   -3.075  -6.596  1.00 9.02  ? 64  LEU A CA  1 
ATOM   204  C C   . LEU A 1 64  ? 5.708   -3.457  -8.014  1.00 10.18 ? 64  LEU A C   1 
ATOM   205  O O   . LEU A 1 64  ? 6.342   -2.565  -8.624  1.00 10.50 ? 64  LEU A O   1 
ATOM   206  C CB  . LEU A 1 64  ? 6.364   -2.960  -5.592  1.00 9.32  ? 64  LEU A CB  1 
ATOM   207  C CG  . LEU A 1 64  ? 5.922   -2.111  -4.383  1.00 10.97 ? 64  LEU A CG  1 
ATOM   208  C CD1 . LEU A 1 64  ? 6.808   -2.421  -3.154  1.00 11.96 ? 64  LEU A CD1 1 
ATOM   209  C CD2 . LEU A 1 64  ? 5.926   -0.599  -4.678  1.00 12.52 ? 64  LEU A CD2 1 
ATOM   210  N N   . GLU A 1 65  ? 5.401   -4.619  -8.522  1.00 9.55  ? 65  GLU A N   1 
ATOM   211  C CA  . GLU A 1 65  ? 5.606   -5.029  -9.911  1.00 9.77  ? 65  GLU A CA  1 
ATOM   212  C C   . GLU A 1 65  ? 4.401   -4.803  -10.770 1.00 9.60  ? 65  GLU A C   1 
ATOM   213  O O   . GLU A 1 65  ? 4.508   -5.066  -11.997 1.00 10.04 ? 65  GLU A O   1 
ATOM   214  C CB  . GLU A 1 65  ? 6.082   -6.493  -9.969  1.00 9.68  ? 65  GLU A CB  1 
ATOM   215  C CG  . GLU A 1 65  ? 7.491   -6.713  -9.397  1.00 9.53  ? 65  GLU A CG  1 
ATOM   216  C CD  . GLU A 1 65  ? 8.501   -5.947  -10.200 1.00 10.34 ? 65  GLU A CD  1 
ATOM   217  O OE1 . GLU A 1 65  ? 8.845   -4.846  -9.845  1.00 10.67 ? 65  GLU A OE1 1 
ATOM   218  O OE2 . GLU A 1 65  ? 8.913   -6.456  -11.273 1.00 10.13 ? 65  GLU A OE2 1 
ATOM   219  N N   . CYS A 1 66  ? 3.280   -4.411  -10.224 1.00 9.08  ? 66  CYS A N   1 
ATOM   220  C CA  . CYS A 1 66  ? 2.019   -4.383  -11.014 1.00 10.26 ? 66  CYS A CA  1 
ATOM   221  C C   . CYS A 1 66  ? 1.865   -3.057  -11.703 1.00 10.10 ? 66  CYS A C   1 
ATOM   222  O O   . CYS A 1 66  ? 1.965   -1.956  -11.144 1.00 10.63 ? 66  CYS A O   1 
ATOM   223  C CB  . CYS A 1 66  ? 0.874   -4.598  -10.001 1.00 10.05 ? 66  CYS A CB  1 
ATOM   224  S SG  . CYS A 1 66  ? -0.747  -4.201  -10.742 1.00 12.02 ? 66  CYS A SG  1 
ATOM   225  N N   . PRO A 1 67  ? 1.687   -3.138  -13.045 1.00 10.64 ? 67  PRO A N   1 
ATOM   226  C CA  . PRO A 1 67  ? 1.627   -1.886  -13.836 1.00 10.81 ? 67  PRO A CA  1 
ATOM   227  C C   . PRO A 1 67  ? 0.403   -1.074  -13.508 1.00 11.28 ? 67  PRO A C   1 
ATOM   228  O O   . PRO A 1 67  ? 0.442   0.156   -13.749 1.00 12.21 ? 67  PRO A O   1 
ATOM   229  C CB  . PRO A 1 67  ? 1.606   -2.439  -15.308 1.00 12.13 ? 67  PRO A CB  1 
ATOM   230  C CG  . PRO A 1 67  ? 1.000   -3.785  -15.189 1.00 13.26 ? 67  PRO A CG  1 
ATOM   231  C CD  . PRO A 1 67  ? 1.523   -4.358  -13.863 1.00 11.15 ? 67  PRO A CD  1 
ATOM   232  N N   . PHE A 1 68  ? -0.648  -1.723  -13.087 1.00 10.66 ? 68  PHE A N   1 
ATOM   233  C CA  . PHE A 1 68  ? -1.843  -0.961  -12.648 1.00 11.92 ? 68  PHE A CA  1 
ATOM   234  C C   . PHE A 1 68  ? -1.578  -0.187  -11.370 1.00 11.22 ? 68  PHE A C   1 
ATOM   235  O O   . PHE A 1 68  ? -1.913  0.990   -11.237 1.00 12.05 ? 68  PHE A O   1 
ATOM   236  C CB  . PHE A 1 68  ? -3.033  -1.948  -12.494 1.00 12.83 ? 68  PHE A CB  1 
ATOM   237  C CG  . PHE A 1 68  ? -3.416  -2.683  -13.749 1.00 13.27 ? 68  PHE A CG  1 
ATOM   238  C CD1 . PHE A 1 68  ? -4.093  -2.011  -14.806 1.00 18.59 ? 68  PHE A CD1 1 
ATOM   239  C CD2 . PHE A 1 68  ? -3.178  -4.068  -13.829 1.00 15.61 ? 68  PHE A CD2 1 
ATOM   240  C CE1 . PHE A 1 68  ? -4.465  -2.770  -15.967 1.00 20.11 ? 68  PHE A CE1 1 
ATOM   241  C CE2 . PHE A 1 68  ? -3.608  -4.808  -14.944 1.00 18.79 ? 68  PHE A CE2 1 
ATOM   242  C CZ  . PHE A 1 68  ? -4.236  -4.175  -15.991 1.00 18.42 ? 68  PHE A CZ  1 
ATOM   243  N N   . CYS A 1 69  ? -0.955  -0.883  -10.445 1.00 10.05 ? 69  CYS A N   1 
ATOM   244  C CA  . CYS A 1 69  ? -0.593  -0.198  -9.193  1.00 10.09 ? 69  CYS A CA  1 
ATOM   245  C C   . CYS A 1 69  ? 0.383   0.945   -9.442  1.00 10.33 ? 69  CYS A C   1 
ATOM   246  O O   . CYS A 1 69  ? 0.276   1.968   -8.740  1.00 11.09 ? 69  CYS A O   1 
ATOM   247  C CB  . CYS A 1 69  ? 0.000   -1.209  -8.235  1.00 9.69  ? 69  CYS A CB  1 
ATOM   248  S SG  . CYS A 1 69  ? -1.166  -2.439  -7.628  1.00 11.41 ? 69  CYS A SG  1 
ATOM   249  N N   . LYS A 1 70  ? 1.321   0.764   -10.386 1.00 10.31 ? 70  LYS A N   1 
ATOM   250  C CA  . LYS A 1 70  ? 2.207   1.833   -10.645 1.00 11.20 ? 70  LYS A CA  1 
ATOM   251  C C   . LYS A 1 70  ? 1.523   3.138   -11.133 1.00 11.45 ? 70  LYS A C   1 
ATOM   252  O O   . LYS A 1 70  ? 1.829   4.215   -10.662 1.00 12.42 ? 70  LYS A O   1 
ATOM   253  C CB  . LYS A 1 70  ? 3.281   1.343   -11.686 1.00 12.03 ? 70  LYS A CB  1 
ATOM   254  C CG  . LYS A 1 70  ? 4.239   2.476   -12.101 1.00 12.75 ? 70  LYS A CG  1 
ATOM   255  C CD  . LYS A 1 70  ? 5.363   1.979   -12.988 1.00 15.78 ? 70  LYS A CD  1 
ATOM   256  C CE  . LYS A 1 70  ? 6.264   3.113   -13.312 1.00 14.89 ? 70  LYS A CE  1 
ATOM   257  N NZ  . LYS A 1 70  ? 7.568   2.797   -14.003 1.00 18.00 ? 70  LYS A NZ  1 
ATOM   258  N N   A VAL A 1 71  ? 0.567   3.017   -12.030 0.50 12.52 ? 71  VAL A N   1 
ATOM   259  N N   B VAL A 1 71  ? 0.565   2.958   -12.040 0.50 11.89 ? 71  VAL A N   1 
ATOM   260  C CA  A VAL A 1 71  ? -0.067  4.277   -12.473 0.50 12.86 ? 71  VAL A CA  1 
ATOM   261  C CA  B VAL A 1 71  ? -0.227  4.101   -12.546 0.50 12.13 ? 71  VAL A CA  1 
ATOM   262  C C   A VAL A 1 71  ? -1.141  4.739   -11.470 0.50 12.45 ? 71  VAL A C   1 
ATOM   263  C C   B VAL A 1 71  ? -1.093  4.705   -11.471 0.50 12.01 ? 71  VAL A C   1 
ATOM   264  O O   A VAL A 1 71  ? -1.445  5.900   -11.345 0.50 13.24 ? 71  VAL A O   1 
ATOM   265  O O   B VAL A 1 71  ? -1.187  5.910   -11.300 0.50 13.10 ? 71  VAL A O   1 
ATOM   266  C CB  A VAL A 1 71  ? -0.613  4.147   -13.908 0.50 13.74 ? 71  VAL A CB  1 
ATOM   267  C CB  B VAL A 1 71  ? -1.054  3.640   -13.754 0.50 11.95 ? 71  VAL A CB  1 
ATOM   268  C CG1 A VAL A 1 71  ? -1.639  3.030   -13.974 0.50 13.95 ? 71  VAL A CG1 1 
ATOM   269  C CG1 B VAL A 1 71  ? -2.137  4.667   -14.136 0.50 13.76 ? 71  VAL A CG1 1 
ATOM   270  C CG2 A VAL A 1 71  ? -1.219  5.445   -14.425 0.50 16.68 ? 71  VAL A CG2 1 
ATOM   271  C CG2 B VAL A 1 71  ? -0.096  3.383   -14.967 0.50 12.77 ? 71  VAL A CG2 1 
ATOM   272  N N   . TYR A 1 72  ? -1.751  3.809   -10.757 1.00 12.08 ? 72  TYR A N   1 
ATOM   273  C CA  . TYR A 1 72  ? -2.886  4.196   -9.916  1.00 12.64 ? 72  TYR A CA  1 
ATOM   274  C C   . TYR A 1 72  ? -2.453  4.761   -8.610  1.00 11.64 ? 72  TYR A C   1 
ATOM   275  O O   . TYR A 1 72  ? -3.138  5.707   -8.095  1.00 12.63 ? 72  TYR A O   1 
ATOM   276  C CB  . TYR A 1 72  ? -3.753  2.908   -9.630  1.00 12.82 ? 72  TYR A CB  1 
ATOM   277  C CG  . TYR A 1 72  ? -5.015  3.197   -8.924  1.00 13.37 ? 72  TYR A CG  1 
ATOM   278  C CD1 . TYR A 1 72  ? -6.026  4.014   -9.541  1.00 13.41 ? 72  TYR A CD1 1 
ATOM   279  C CD2 . TYR A 1 72  ? -5.273  2.657   -7.700  1.00 13.62 ? 72  TYR A CD2 1 
ATOM   280  C CE1 . TYR A 1 72  ? -7.210  4.283   -8.868  1.00 12.90 ? 72  TYR A CE1 1 
ATOM   281  C CE2 . TYR A 1 72  ? -6.509  2.883   -7.064  1.00 14.07 ? 72  TYR A CE2 1 
ATOM   282  C CZ  . TYR A 1 72  ? -7.452  3.696   -7.685  1.00 13.10 ? 72  TYR A CZ  1 
ATOM   283  O OH  . TYR A 1 72  ? -8.633  3.913   -6.949  1.00 15.58 ? 72  TYR A OH  1 
ATOM   284  N N   . THR A 1 73  ? -1.348  4.269   -8.013  1.00 11.79 ? 73  THR A N   1 
ATOM   285  C CA  . THR A 1 73  ? -1.062  4.695   -6.650  1.00 11.26 ? 73  THR A CA  1 
ATOM   286  C C   . THR A 1 73  ? -0.838  6.256   -6.533  1.00 11.16 ? 73  THR A C   1 
ATOM   287  O O   . THR A 1 73  ? -1.404  6.855   -5.645  1.00 11.37 ? 73  THR A O   1 
ATOM   288  C CB  . THR A 1 73  ? 0.126   3.901   -6.123  1.00 10.03 ? 73  THR A CB  1 
ATOM   289  O OG1 . THR A 1 73  ? -0.199  2.488   -6.074  1.00 11.36 ? 73  THR A OG1 1 
ATOM   290  C CG2 . THR A 1 73  ? 0.465   4.272   -4.687  1.00 11.27 ? 73  THR A CG2 1 
ATOM   291  N N   . PRO A 1 74  ? -0.041  6.889   -7.402  1.00 11.03 ? 74  PRO A N   1 
ATOM   292  C CA  . PRO A 1 74  ? 0.123   8.334   -7.282  1.00 12.55 ? 74  PRO A CA  1 
ATOM   293  C C   . PRO A 1 74  ? -1.188  9.086   -7.468  1.00 12.70 ? 74  PRO A C   1 
ATOM   294  O O   . PRO A 1 74  ? -1.448  10.143  -6.834  1.00 14.40 ? 74  PRO A O   1 
ATOM   295  C CB  . PRO A 1 74  ? 1.150   8.685   -8.343  1.00 14.76 ? 74  PRO A CB  1 
ATOM   296  C CG  . PRO A 1 74  ? 1.447   7.450   -9.132  1.00 16.42 ? 74  PRO A CG  1 
ATOM   297  C CD  . PRO A 1 74  ? 0.812   6.279   -8.466  1.00 12.78 ? 74  PRO A CD  1 
ATOM   298  N N   . ARG A 1 75  ? -2.076  8.567   -8.305  1.00 13.43 ? 75  ARG A N   1 
ATOM   299  C CA  . ARG A 1 75  ? -3.350  9.255   -8.622  1.00 14.28 ? 75  ARG A CA  1 
ATOM   300  C C   . ARG A 1 75  ? -4.238  9.116   -7.375  1.00 12.55 ? 75  ARG A C   1 
ATOM   301  O O   . ARG A 1 75  ? -4.902  10.103  -6.962  1.00 13.26 ? 75  ARG A O   1 
ATOM   302  C CB  . ARG A 1 75  ? -4.060  8.653   -9.827  1.00 15.14 ? 75  ARG A CB  1 
ATOM   303  C CG  . ARG A 1 75  ? -3.244  8.746   -11.091 1.00 17.59 ? 75  ARG A CG  1 
ATOM   304  C CD  . ARG A 1 75  ? -3.978  8.124   -12.232 1.00 18.89 ? 75  ARG A CD  1 
ATOM   305  N NE  . ARG A 1 75  ? -3.233  8.335   -13.436 1.00 21.95 ? 75  ARG A NE  1 
ATOM   306  C CZ  . ARG A 1 75  ? -3.663  7.925   -14.616 1.00 28.67 ? 75  ARG A CZ  1 
ATOM   307  N NH1 . ARG A 1 75  ? -4.861  7.323   -14.732 1.00 32.88 ? 75  ARG A NH1 1 
ATOM   308  N NH2 . ARG A 1 75  ? -2.899  8.137   -15.667 1.00 29.82 ? 75  ARG A NH2 1 
ATOM   309  N N   . LEU A 1 76  ? -4.211  7.975   -6.713  1.00 12.72 ? 76  LEU A N   1 
ATOM   310  C CA  . LEU A 1 76  ? -4.966  7.819   -5.522  1.00 12.25 ? 76  LEU A CA  1 
ATOM   311  C C   . LEU A 1 76  ? -4.454  8.684   -4.362  1.00 12.25 ? 76  LEU A C   1 
ATOM   312  O O   . LEU A 1 76  ? -5.251  9.281   -3.603  1.00 12.77 ? 76  LEU A O   1 
ATOM   313  C CB  . LEU A 1 76  ? -4.924  6.349   -5.120  1.00 14.93 ? 76  LEU A CB  1 
ATOM   314  C CG  . LEU A 1 76  ? -5.753  5.940   -3.927  1.00 14.00 ? 76  LEU A CG  1 
ATOM   315  C CD1 . LEU A 1 76  ? -7.233  6.172   -4.206  1.00 17.30 ? 76  LEU A CD1 1 
ATOM   316  C CD2 . LEU A 1 76  ? -5.573  4.407   -3.729  1.00 15.85 ? 76  LEU A CD2 1 
ATOM   317  N N   . LYS A 1 77  ? -3.133  8.836   -4.217  1.00 12.08 ? 77  LYS A N   1 
ATOM   318  C CA  . LYS A 1 77  ? -2.579  9.723   -3.208  1.00 13.03 ? 77  LYS A CA  1 
ATOM   319  C C   . LYS A 1 77  ? -3.043  11.201  -3.496  1.00 12.69 ? 77  LYS A C   1 
ATOM   320  O O   . LYS A 1 77  ? -3.363  11.898  -2.527  1.00 13.58 ? 77  LYS A O   1 
ATOM   321  C CB  . LYS A 1 77  ? -1.077  9.624   -3.240  1.00 13.05 ? 77  LYS A CB  1 
ATOM   322  C CG  . LYS A 1 77  ? -0.535  8.274   -2.694  1.00 12.96 ? 77  LYS A CG  1 
ATOM   323  C CD  . LYS A 1 77  ? 0.981   8.101   -2.899  1.00 14.46 ? 77  LYS A CD  1 
ATOM   324  C CE  . LYS A 1 77  ? 1.697   9.058   -2.016  1.00 17.88 ? 77  LYS A CE  1 
ATOM   325  N NZ  . LYS A 1 77  ? 3.118   9.163   -2.418  1.00 18.14 ? 77  LYS A NZ  1 
ATOM   326  N N   A ARG A 1 78  ? -3.075  11.610  -4.755  0.50 13.41 ? 78  ARG A N   1 
ATOM   327  N N   B ARG A 1 78  ? -3.053  11.594  -4.757  0.50 13.71 ? 78  ARG A N   1 
ATOM   328  C CA  A ARG A 1 78  ? -3.587  12.950  -5.115  0.50 12.99 ? 78  ARG A CA  1 
ATOM   329  C CA  B ARG A 1 78  ? -3.491  12.938  -5.121  0.50 14.09 ? 78  ARG A CA  1 
ATOM   330  C C   A ARG A 1 78  ? -5.013  13.105  -4.610  0.50 13.54 ? 78  ARG A C   1 
ATOM   331  C C   B ARG A 1 78  ? -4.979  13.133  -4.809  0.50 14.97 ? 78  ARG A C   1 
ATOM   332  O O   A ARG A 1 78  ? -5.412  14.130  -3.983  0.50 11.59 ? 78  ARG A O   1 
ATOM   333  O O   B ARG A 1 78  ? -5.361  14.238  -4.457  0.50 16.07 ? 78  ARG A O   1 
ATOM   334  C CB  A ARG A 1 78  ? -3.512  13.065  -6.637  0.50 16.45 ? 78  ARG A CB  1 
ATOM   335  C CB  B ARG A 1 78  ? -3.114  13.177  -6.581  0.50 15.57 ? 78  ARG A CB  1 
ATOM   336  C CG  A ARG A 1 78  ? -3.511  14.511  -7.104  0.50 18.81 ? 78  ARG A CG  1 
ATOM   337  C CG  B ARG A 1 78  ? -1.670  13.512  -6.883  0.50 20.18 ? 78  ARG A CG  1 
ATOM   338  C CD  A ARG A 1 78  ? -3.198  14.751  -8.578  0.50 25.44 ? 78  ARG A CD  1 
ATOM   339  C CD  B ARG A 1 78  ? -1.482  13.794  -8.374  0.50 25.39 ? 78  ARG A CD  1 
ATOM   340  N NE  A ARG A 1 78  ? -4.421  15.227  -9.225  0.50 30.00 ? 78  ARG A NE  1 
ATOM   341  N NE  B ARG A 1 78  ? -0.074  13.641  -8.779  0.50 29.97 ? 78  ARG A NE  1 
ATOM   342  C CZ  A ARG A 1 78  ? -5.345  15.937  -8.591  0.50 30.65 ? 78  ARG A CZ  1 
ATOM   343  C CZ  B ARG A 1 78  ? 0.427   12.598  -9.455  0.50 30.28 ? 78  ARG A CZ  1 
ATOM   344  N NH1 A ARG A 1 78  ? -5.128  16.300  -7.339  0.50 35.86 ? 78  ARG A NH1 1 
ATOM   345  N NH1 B ARG A 1 78  ? -0.348  11.597  -9.857  0.50 27.52 ? 78  ARG A NH1 1 
ATOM   346  N NH2 A ARG A 1 78  ? -6.465  16.309  -9.202  0.50 31.52 ? 78  ARG A NH2 1 
ATOM   347  N NH2 B ARG A 1 78  ? 1.715   12.571  -9.764  0.50 32.36 ? 78  ARG A NH2 1 
ATOM   348  N N   . TRP A 1 79  ? -5.822  12.098  -4.890  1.00 13.91 ? 79  TRP A N   1 
ATOM   349  C CA  . TRP A 1 79  ? -7.205  12.166  -4.485  1.00 13.59 ? 79  TRP A CA  1 
ATOM   350  C C   . TRP A 1 79  ? -7.285  12.307  -2.968  1.00 14.08 ? 79  TRP A C   1 
ATOM   351  O O   . TRP A 1 79  ? -8.108  13.104  -2.427  1.00 14.32 ? 79  TRP A O   1 
ATOM   352  C CB  . TRP A 1 79  ? -8.008  10.993  -5.085  1.00 13.58 ? 79  TRP A CB  1 
ATOM   353  C CG  . TRP A 1 79  ? -9.479  11.129  -4.849  1.00 13.35 ? 79  TRP A CG  1 
ATOM   354  C CD1 . TRP A 1 79  ? -10.386 11.654  -5.782  1.00 15.26 ? 79  TRP A CD1 1 
ATOM   355  C CD2 . TRP A 1 79  ? -10.284 10.643  -3.751  1.00 12.85 ? 79  TRP A CD2 1 
ATOM   356  N NE1 . TRP A 1 79  ? -11.644 11.537  -5.243  1.00 14.70 ? 79  TRP A NE1 1 
ATOM   357  C CE2 . TRP A 1 79  ? -11.652 10.987  -4.032  1.00 15.42 ? 79  TRP A CE2 1 
ATOM   358  C CE3 . TRP A 1 79  ? -9.994  10.040  -2.532  1.00 14.94 ? 79  TRP A CE3 1 
ATOM   359  C CZ2 . TRP A 1 79  ? -12.695 10.719  -3.186  1.00 14.73 ? 79  TRP A CZ2 1 
ATOM   360  C CZ3 . TRP A 1 79  ? -11.042 9.745   -1.659  1.00 17.12 ? 79  TRP A CZ3 1 
ATOM   361  C CH2 . TRP A 1 79  ? -12.361 10.093  -1.960  1.00 16.51 ? 79  TRP A CH2 1 
ATOM   362  N N   . VAL A 1 80  ? -6.495  11.563  -2.225  1.00 13.59 ? 80  VAL A N   1 
ATOM   363  C CA  . VAL A 1 80  ? -6.526  11.662  -0.781  1.00 13.71 ? 80  VAL A CA  1 
ATOM   364  C C   . VAL A 1 80  ? -6.064  13.047  -0.324  1.00 14.14 ? 80  VAL A C   1 
ATOM   365  O O   . VAL A 1 80  ? -6.662  13.623  0.603   1.00 15.75 ? 80  VAL A O   1 
ATOM   366  C CB  . VAL A 1 80  ? -5.640  10.513  -0.221  1.00 14.39 ? 80  VAL A CB  1 
ATOM   367  C CG1 . VAL A 1 80  ? -5.250  10.852  1.213   1.00 15.48 ? 80  VAL A CG1 1 
ATOM   368  C CG2 . VAL A 1 80  ? -6.347  9.170   -0.304  1.00 17.73 ? 80  VAL A CG2 1 
ATOM   369  N N   . ASP A 1 81  ? -5.123  13.643  -1.032  1.00 15.46 ? 81  ASP A N   1 
ATOM   370  C CA  . ASP A 1 81  ? -4.676  15.050  -0.734  1.00 17.45 ? 81  ASP A CA  1 
ATOM   371  C C   . ASP A 1 81  ? -5.815  16.033  -0.779  1.00 18.54 ? 81  ASP A C   1 
ATOM   372  O O   . ASP A 1 81  ? -5.844  16.959  0.056   1.00 20.31 ? 81  ASP A O   1 
ATOM   373  C CB  . ASP A 1 81  ? -3.638  15.507  -1.734  1.00 17.08 ? 81  ASP A CB  1 
ATOM   374  C CG  . ASP A 1 81  ? -2.293  14.832  -1.542  1.00 17.70 ? 81  ASP A CG  1 
ATOM   375  O OD1 . ASP A 1 81  ? -1.982  14.225  -0.484  1.00 19.05 ? 81  ASP A OD1 1 
ATOM   376  O OD2 . ASP A 1 81  ? -1.493  14.948  -2.477  1.00 18.95 ? 81  ASP A OD2 1 
ATOM   377  N N   . SER A 1 82  ? -6.758  15.830  -1.688  1.00 16.68 ? 82  SER A N   1 
ATOM   378  C CA  . SER A 1 82  ? -7.845  16.759  -1.810  1.00 19.80 ? 82  SER A CA  1 
ATOM   379  C C   . SER A 1 82  ? -9.087  16.326  -1.054  1.00 20.03 ? 82  SER A C   1 
ATOM   380  O O   . SER A 1 82  ? -10.087 17.063  -1.156  1.00 22.51 ? 82  SER A O   1 
ATOM   381  C CB  . SER A 1 82  ? -8.139  17.092  -3.257  1.00 25.37 ? 82  SER A CB  1 
ATOM   382  O OG  . SER A 1 82  ? -8.658  15.982  -3.941  1.00 30.18 ? 82  SER A OG  1 
ATOM   383  N N   . HIS A 1 83  ? -9.056  15.200  -0.321  1.00 17.37 ? 83  HIS A N   1 
ATOM   384  C CA  . HIS A 1 83  ? -10.193 14.729  0.539   1.00 17.41 ? 83  HIS A CA  1 
ATOM   385  C C   . HIS A 1 83  ? -9.704  14.346  1.859   1.00 19.42 ? 83  HIS A C   1 
ATOM   386  O O   . HIS A 1 83  ? -9.535  13.152  2.144   1.00 18.65 ? 83  HIS A O   1 
ATOM   387  C CB  . HIS A 1 83  ? -10.874 13.534  -0.149  1.00 18.00 ? 83  HIS A CB  1 
ATOM   388  C CG  . HIS A 1 83  ? -11.410 13.909  -1.459  1.00 16.51 ? 83  HIS A CG  1 
ATOM   389  N ND1 . HIS A 1 83  ? -10.665 13.909  -2.597  1.00 18.06 ? 83  HIS A ND1 1 
ATOM   390  C CD2 . HIS A 1 83  ? -12.682 14.401  -1.818  1.00 17.12 ? 83  HIS A CD2 1 
ATOM   391  C CE1 . HIS A 1 83  ? -11.414 14.301  -3.638  1.00 20.00 ? 83  HIS A CE1 1 
ATOM   392  N NE2 . HIS A 1 83  ? -12.656 14.619  -3.139  1.00 16.96 ? 83  HIS A NE2 1 
ATOM   393  N N   . PRO A 1 84  ? -9.396  15.302  2.725   1.00 20.53 ? 84  PRO A N   1 
ATOM   394  C CA  . PRO A 1 84  ? -8.815  15.096  4.063   1.00 20.85 ? 84  PRO A CA  1 
ATOM   395  C C   . PRO A 1 84  ? -9.556  14.115  4.965   1.00 18.24 ? 84  PRO A C   1 
ATOM   396  O O   . PRO A 1 84  ? -8.915  13.527  5.839   1.00 19.47 ? 84  PRO A O   1 
ATOM   397  C CB  . PRO A 1 84  ? -8.748  16.523  4.659   1.00 27.59 ? 84  PRO A CB  1 
ATOM   398  C CG  . PRO A 1 84  ? -8.682  17.399  3.487   1.00 28.17 ? 84  PRO A CG  1 
ATOM   399  C CD  . PRO A 1 84  ? -9.420  16.740  2.359   1.00 23.37 ? 84  PRO A CD  1 
ATOM   400  N N   A ASP A 1 85  ? -10.846 13.919  4.650   0.50 18.06 ? 85  ASP A N   1 
ATOM   401  N N   B ASP A 1 85  ? -10.878 13.880  4.863   0.50 18.69 ? 85  ASP A N   1 
ATOM   402  C CA  A ASP A 1 85  ? -11.654 12.976  5.402   0.50 16.80 ? 85  ASP A CA  1 
ATOM   403  C CA  B ASP A 1 85  ? -11.452 12.855  5.776   0.50 16.71 ? 85  ASP A CA  1 
ATOM   404  C C   A ASP A 1 85  ? -11.364 11.484  5.122   0.50 14.28 ? 85  ASP A C   1 
ATOM   405  C C   B ASP A 1 85  ? -11.394 11.458  5.112   0.50 14.84 ? 85  ASP A C   1 
ATOM   406  O O   A ASP A 1 85  ? -11.869 10.593  5.823   0.50 12.69 ? 85  ASP A O   1 
ATOM   407  O O   B ASP A 1 85  ? -12.171 10.597  5.471   0.50 15.88 ? 85  ASP A O   1 
ATOM   408  C CB  A ASP A 1 85  ? -13.156 13.253  5.208   0.50 17.75 ? 85  ASP A CB  1 
ATOM   409  C CB  B ASP A 1 85  ? -12.922 13.139  6.201   0.50 17.87 ? 85  ASP A CB  1 
ATOM   410  C CG  A ASP A 1 85  ? -13.584 14.541  5.893   0.50 20.80 ? 85  ASP A CG  1 
ATOM   411  C CG  B ASP A 1 85  ? -13.215 12.911  7.743   0.50 17.02 ? 85  ASP A CG  1 
ATOM   412  O OD1 A ASP A 1 85  ? -13.243 14.671  7.093   0.50 22.70 ? 85  ASP A OD1 1 
ATOM   413  O OD1 B ASP A 1 85  ? -12.397 12.695  8.711   0.50 16.95 ? 85  ASP A OD1 1 
ATOM   414  O OD2 A ASP A 1 85  ? -14.233 15.357  5.215   0.50 24.45 ? 85  ASP A OD2 1 
ATOM   415  O OD2 B ASP A 1 85  ? -14.454 13.072  7.975   0.50 25.45 ? 85  ASP A OD2 1 
ATOM   416  N N   . VAL A 1 86  ? -10.479 11.259  4.133   1.00 14.41 ? 86  VAL A N   1 
ATOM   417  C CA  . VAL A 1 86  ? -10.133 9.886   3.684   1.00 12.70 ? 86  VAL A CA  1 
ATOM   418  C C   . VAL A 1 86  ? -8.632  9.720   3.766   1.00 12.58 ? 86  VAL A C   1 
ATOM   419  O O   . VAL A 1 86  ? -7.891  10.678  3.386   1.00 14.48 ? 86  VAL A O   1 
ATOM   420  C CB  . VAL A 1 86  ? -10.610 9.674   2.235   1.00 14.01 ? 86  VAL A CB  1 
ATOM   421  C CG1 . VAL A 1 86  ? -10.390 8.202   1.834   1.00 14.47 ? 86  VAL A CG1 1 
ATOM   422  C CG2 . VAL A 1 86  ? -12.089 10.049  2.086   1.00 13.18 ? 86  VAL A CG2 1 
ATOM   423  N N   . ASN A 1 87  ? -8.188  8.604   4.305   1.00 11.93 ? 87  ASN A N   1 
ATOM   424  C CA  . ASN A 1 87  ? -6.742  8.307   4.269   1.00 12.49 ? 87  ASN A CA  1 
ATOM   425  C C   . ASN A 1 87  ? -6.541  7.023   3.509   1.00 12.53 ? 87  ASN A C   1 
ATOM   426  O O   . ASN A 1 87  ? -7.481  6.429   2.970   1.00 12.52 ? 87  ASN A O   1 
ATOM   427  C CB  . ASN A 1 87  ? -6.153  8.351   5.698   1.00 12.34 ? 87  ASN A CB  1 
ATOM   428  C CG  . ASN A 1 87  ? -6.655  7.246   6.554   1.00 13.35 ? 87  ASN A CG  1 
ATOM   429  O OD1 . ASN A 1 87  ? -7.107  6.207   6.140   1.00 13.71 ? 87  ASN A OD1 1 
ATOM   430  N ND2 . ASN A 1 87  ? -6.546  7.488   7.870   1.00 14.71 ? 87  ASN A ND2 1 
ATOM   431  N N   . LEU A 1 88  ? -5.272  6.678   3.351   1.00 12.06 ? 88  LEU A N   1 
ATOM   432  C CA  . LEU A 1 88  ? -4.847  5.562   2.476   1.00 12.04 ? 88  LEU A CA  1 
ATOM   433  C C   . LEU A 1 88  ? -3.884  4.692   3.229   1.00 11.80 ? 88  LEU A C   1 
ATOM   434  O O   . LEU A 1 88  ? -2.924  5.226   3.851   1.00 13.01 ? 88  LEU A O   1 
ATOM   435  C CB  . LEU A 1 88  ? -4.130  6.188   1.209   1.00 13.69 ? 88  LEU A CB  1 
ATOM   436  C CG  . LEU A 1 88  ? -3.391  5.200   0.327   1.00 12.35 ? 88  LEU A CG  1 
ATOM   437  C CD1 . LEU A 1 88  ? -4.363  4.224   -0.372  1.00 15.20 ? 88  LEU A CD1 1 
ATOM   438  C CD2 . LEU A 1 88  ? -2.689  5.952   -0.785  1.00 12.95 ? 88  LEU A CD2 1 
ATOM   439  N N   . VAL A 1 89  ? -4.115  3.382   3.262   1.00 10.95 ? 89  VAL A N   1 
ATOM   440  C CA  . VAL A 1 89  ? -3.169  2.453   3.848   1.00 11.18 ? 89  VAL A CA  1 
ATOM   441  C C   . VAL A 1 89  ? -2.725  1.457   2.854   1.00 9.75  ? 89  VAL A C   1 
ATOM   442  O O   . VAL A 1 89  ? -3.599  0.823   2.163   1.00 10.68 ? 89  VAL A O   1 
ATOM   443  C CB  . VAL A 1 89  ? -3.774  1.755   5.109   1.00 11.35 ? 89  VAL A CB  1 
ATOM   444  C CG1 . VAL A 1 89  ? -2.812  0.703   5.616   1.00 13.01 ? 89  VAL A CG1 1 
ATOM   445  C CG2 . VAL A 1 89  ? -4.082  2.818   6.192   1.00 12.58 ? 89  VAL A CG2 1 
ATOM   446  N N   . TRP A 1 90  ? -1.418  1.338   2.593   1.00 10.41 ? 90  TRP A N   1 
ATOM   447  C CA  . TRP A 1 90  ? -0.925  0.357   1.642   1.00 10.42 ? 90  TRP A CA  1 
ATOM   448  C C   . TRP A 1 90  ? -1.045  -1.013  2.282   1.00 10.87 ? 90  TRP A C   1 
ATOM   449  O O   . TRP A 1 90  ? -0.494  -1.171  3.411   1.00 12.17 ? 90  TRP A O   1 
ATOM   450  C CB  . TRP A 1 90  ? 0.543   0.644   1.344   1.00 10.92 ? 90  TRP A CB  1 
ATOM   451  C CG  . TRP A 1 90  ? 1.236   -0.360  0.427   1.00 10.53 ? 90  TRP A CG  1 
ATOM   452  C CD1 . TRP A 1 90  ? 1.800   -1.571  0.765   1.00 11.41 ? 90  TRP A CD1 1 
ATOM   453  C CD2 . TRP A 1 90  ? 1.424   -0.242  -1.006  1.00 10.41 ? 90  TRP A CD2 1 
ATOM   454  N NE1 . TRP A 1 90  ? 2.357   -2.150  -0.312  1.00 11.67 ? 90  TRP A NE1 1 
ATOM   455  C CE2 . TRP A 1 90  ? 2.175   -1.384  -1.410  1.00 11.08 ? 90  TRP A CE2 1 
ATOM   456  C CE3 . TRP A 1 90  ? 1.110   0.771   -1.930  1.00 10.67 ? 90  TRP A CE3 1 
ATOM   457  C CZ2 . TRP A 1 90  ? 2.578   -1.570  -2.731  1.00 11.92 ? 90  TRP A CZ2 1 
ATOM   458  C CZ3 . TRP A 1 90  ? 1.553   0.591   -3.237  1.00 11.96 ? 90  TRP A CZ3 1 
ATOM   459  C CH2 . TRP A 1 90  ? 2.273   -0.573  -3.607  1.00 11.37 ? 90  TRP A CH2 1 
ATOM   460  N N   . ARG A 1 91  ? -1.597  -1.992  1.607   1.00 9.66  ? 91  ARG A N   1 
ATOM   461  C CA  . ARG A 1 91  ? -1.599  -3.370  2.068   1.00 9.59  ? 91  ARG A CA  1 
ATOM   462  C C   . ARG A 1 91  ? -0.890  -4.203  1.039   1.00 9.84  ? 91  ARG A C   1 
ATOM   463  O O   . ARG A 1 91  ? -1.089  -4.091  -0.166  1.00 10.75 ? 91  ARG A O   1 
ATOM   464  C CB  . ARG A 1 91  ? -3.058  -3.854  2.231   1.00 11.06 ? 91  ARG A CB  1 
ATOM   465  C CG  . ARG A 1 91  ? -3.944  -2.985  3.142   1.00 12.08 ? 91  ARG A CG  1 
ATOM   466  C CD  . ARG A 1 91  ? -3.409  -2.786  4.534   1.00 16.26 ? 91  ARG A CD  1 
ATOM   467  N NE  . ARG A 1 91  ? -3.587  -4.033  5.155   1.00 20.22 ? 91  ARG A NE  1 
ATOM   468  C CZ  . ARG A 1 91  ? -4.715  -4.465  5.746   1.00 22.95 ? 91  ARG A CZ  1 
ATOM   469  N NH1 . ARG A 1 91  ? -5.827  -3.737  5.780   1.00 24.58 ? 91  ARG A NH1 1 
ATOM   470  N NH2 . ARG A 1 91  ? -4.726  -5.696  6.256   1.00 28.20 ? 91  ARG A NH2 1 
ATOM   471  N N   . HIS A 1 92  ? -0.075  -5.164  1.457   1.00 9.97  ? 92  HIS A N   1 
ATOM   472  C CA  . HIS A 1 92  ? 0.724   -5.960  0.526   1.00 10.60 ? 92  HIS A CA  1 
ATOM   473  C C   . HIS A 1 92  ? -0.041  -7.041  -0.099  1.00 10.63 ? 92  HIS A C   1 
ATOM   474  O O   . HIS A 1 92  ? -0.560  -7.951  0.612   1.00 11.04 ? 92  HIS A O   1 
ATOM   475  C CB  . HIS A 1 92  ? 1.959   -6.517  1.250   1.00 10.70 ? 92  HIS A CB  1 
ATOM   476  C CG  . HIS A 1 92  ? 2.868   -5.480  1.703   1.00 10.30 ? 92  HIS A CG  1 
ATOM   477  N ND1 . HIS A 1 92  ? 3.684   -4.785  0.862   1.00 10.71 ? 92  HIS A ND1 1 
ATOM   478  C CD2 . HIS A 1 92  ? 3.143   -5.035  3.003   1.00 10.99 ? 92  HIS A CD2 1 
ATOM   479  C CE1 . HIS A 1 92  ? 4.403   -3.921  1.602   1.00 11.29 ? 92  HIS A CE1 1 
ATOM   480  N NE2 . HIS A 1 92  ? 4.052   -4.040  2.901   1.00 12.69 ? 92  HIS A NE2 1 
ATOM   481  N N   . LEU A 1 93  ? 0.018   -7.115  -1.444  1.00 10.01 ? 93  LEU A N   1 
ATOM   482  C CA  . LEU A 1 93  ? -0.383  -8.289  -2.140  1.00 10.98 ? 93  LEU A CA  1 
ATOM   483  C C   . LEU A 1 93  ? 0.505   -8.419  -3.370  1.00 10.00 ? 93  LEU A C   1 
ATOM   484  O O   . LEU A 1 93  ? 0.052   -8.362  -4.490  1.00 10.43 ? 93  LEU A O   1 
ATOM   485  C CB  . LEU A 1 93  ? -1.858  -8.227  -2.496  1.00 11.34 ? 93  LEU A CB  1 
ATOM   486  C CG  . LEU A 1 93  ? -2.459  -9.467  -3.173  1.00 11.84 ? 93  LEU A CG  1 
ATOM   487  C CD1 . LEU A 1 93  ? -2.324  -10.650 -2.221  1.00 15.13 ? 93  LEU A CD1 1 
ATOM   488  C CD2 . LEU A 1 93  ? -3.925  -9.243  -3.535  1.00 13.69 ? 93  LEU A CD2 1 
ATOM   489  N N   . PRO A 1 94  ? 1.760   -8.868  -3.140  1.00 10.66 ? 94  PRO A N   1 
ATOM   490  C CA  . PRO A 1 94  ? 2.610   -9.203  -4.268  1.00 11.53 ? 94  PRO A CA  1 
ATOM   491  C C   . PRO A 1 94  ? 2.033   -10.425 -4.953  1.00 10.36 ? 94  PRO A C   1 
ATOM   492  O O   . PRO A 1 94  ? 1.822   -11.455 -4.309  1.00 12.27 ? 94  PRO A O   1 
ATOM   493  C CB  . PRO A 1 94  ? 3.979   -9.521  -3.602  1.00 11.15 ? 94  PRO A CB  1 
ATOM   494  C CG  . PRO A 1 94  ? 3.605   -9.833  -2.169  1.00 11.89 ? 94  PRO A CG  1 
ATOM   495  C CD  . PRO A 1 94  ? 2.428   -8.984  -1.825  1.00 11.57 ? 94  PRO A CD  1 
ATOM   496  N N   . LEU A 1 95  ? 1.815   -10.379 -6.236  1.00 10.99 ? 95  LEU A N   1 
ATOM   497  C CA  . LEU A 1 95  ? 1.106   -11.449 -6.971  1.00 10.97 ? 95  LEU A CA  1 
ATOM   498  C C   . LEU A 1 95  ? 2.125   -12.500 -7.350  1.00 10.15 ? 95  LEU A C   1 
ATOM   499  O O   . LEU A 1 95  ? 3.260   -12.210 -7.717  1.00 10.19 ? 95  LEU A O   1 
ATOM   500  C CB  . LEU A 1 95  ? 0.432   -10.916 -8.236  1.00 10.74 ? 95  LEU A CB  1 
ATOM   501  C CG  . LEU A 1 95  ? -0.686  -9.878  -7.938  1.00 11.46 ? 95  LEU A CG  1 
ATOM   502  C CD1 . LEU A 1 95  ? -1.199  -9.385  -9.296  1.00 11.81 ? 95  LEU A CD1 1 
ATOM   503  C CD2 . LEU A 1 95  ? -1.768  -10.531 -7.081  1.00 13.12 ? 95  LEU A CD2 1 
ATOM   504  N N   . GLN A 1 96  ? 1.732   -13.764 -7.278  1.00 10.83 ? 96  GLN A N   1 
ATOM   505  C CA  . GLN A 1 96  ? 2.645   -14.860 -7.551  1.00 10.14 ? 96  GLN A CA  1 
ATOM   506  C C   . GLN A 1 96  ? 3.282   -14.735 -8.934  1.00 11.30 ? 96  GLN A C   1 
ATOM   507  O O   . GLN A 1 96  ? 4.470   -15.087 -9.072  1.00 10.61 ? 96  GLN A O   1 
ATOM   508  C CB  . GLN A 1 96  ? 1.887   -16.209 -7.444  1.00 11.51 ? 96  GLN A CB  1 
ATOM   509  C CG  . GLN A 1 96  ? 2.798   -17.450 -7.540  1.00 13.90 ? 96  GLN A CG  1 
ATOM   510  C CD  . GLN A 1 96  ? 3.890   -17.528 -6.439  1.00 13.37 ? 96  GLN A CD  1 
ATOM   511  O OE1 . GLN A 1 96  ? 3.653   -17.182 -5.320  1.00 14.47 ? 96  GLN A OE1 1 
ATOM   512  N NE2 . GLN A 1 96  ? 5.085   -17.939 -6.868  1.00 16.15 ? 96  GLN A NE2 1 
ATOM   513  N N   . MET A 1 97  ? 2.555   -14.239 -9.955  1.00 10.74 ? 97  MET A N   1 
ATOM   514  C CA  . MET A 1 97  ? 3.149   -14.141 -11.302 1.00 10.45 ? 97  MET A CA  1 
ATOM   515  C C   . MET A 1 97  ? 4.276   -13.108 -11.373 1.00 10.43 ? 97  MET A C   1 
ATOM   516  O O   . MET A 1 97  ? 5.003   -13.143 -12.362 1.00 11.62 ? 97  MET A O   1 
ATOM   517  C CB  . MET A 1 97  ? 2.054   -13.826 -12.328 1.00 11.17 ? 97  MET A CB  1 
ATOM   518  C CG  . MET A 1 97  ? 1.549   -12.368 -12.220 1.00 10.42 ? 97  MET A CG  1 
ATOM   519  S SD  . MET A 1 97  ? -0.002  -12.220 -13.063 1.00 12.11 ? 97  MET A SD  1 
ATOM   520  C CE  . MET A 1 97  ? -0.219  -10.448 -12.989 1.00 11.77 ? 97  MET A CE  1 
ATOM   521  N N   . HIS A 1 98  ? 4.398   -12.254 -10.338 1.00 9.38  ? 98  HIS A N   1 
ATOM   522  C CA  . HIS A 1 98  ? 5.502   -11.339 -10.266 1.00 10.39 ? 98  HIS A CA  1 
ATOM   523  C C   . HIS A 1 98  ? 6.699   -11.809 -9.461  1.00 10.38 ? 98  HIS A C   1 
ATOM   524  O O   . HIS A 1 98  ? 7.706   -11.080 -9.341  1.00 11.42 ? 98  HIS A O   1 
ATOM   525  C CB  . HIS A 1 98  ? 5.011   -9.937  -9.839  1.00 10.62 ? 98  HIS A CB  1 
ATOM   526  C CG  . HIS A 1 98  ? 4.041   -9.334  -10.759 1.00 10.15 ? 98  HIS A CG  1 
ATOM   527  N ND1 . HIS A 1 98  ? 4.063   -9.330  -12.143 1.00 12.53 ? 98  HIS A ND1 1 
ATOM   528  C CD2 . HIS A 1 98  ? 2.953   -8.605  -10.386 1.00 8.31  ? 98  HIS A CD2 1 
ATOM   529  C CE1 . HIS A 1 98  ? 2.983   -8.618  -12.593 1.00 8.81  ? 98  HIS A CE1 1 
ATOM   530  N NE2 . HIS A 1 98  ? 2.319   -8.186  -11.516 1.00 12.68 ? 98  HIS A NE2 1 
ATOM   531  N N   . GLY A 1 99  ? 6.568   -12.992 -8.878  1.00 11.24 ? 99  GLY A N   1 
ATOM   532  C CA  . GLY A 1 99  ? 7.702   -13.754 -8.323  1.00 11.63 ? 99  GLY A CA  1 
ATOM   533  C C   . GLY A 1 99  ? 8.483   -13.034 -7.220  1.00 11.41 ? 99  GLY A C   1 
ATOM   534  O O   . GLY A 1 99  ? 7.937   -12.222 -6.439  1.00 12.26 ? 99  GLY A O   1 
ATOM   535  N N   . GLU A 1 100 ? 9.751   -13.335 -7.203  1.00 11.27 ? 100 GLU A N   1 
ATOM   536  C CA  A GLU A 1 100 ? 10.615  -12.868 -6.161  0.50 12.32 ? 100 GLU A CA  1 
ATOM   537  C CA  B GLU A 1 100 ? 10.524  -12.856 -6.069  0.50 12.62 ? 100 GLU A CA  1 
ATOM   538  C C   . GLU A 1 100 ? 10.688  -11.354 -6.108  1.00 11.52 ? 100 GLU A C   1 
ATOM   539  O O   . GLU A 1 100 ? 10.791  -10.784 -5.009  1.00 12.24 ? 100 GLU A O   1 
ATOM   540  C CB  A GLU A 1 100 ? 12.024  -13.530 -6.333  0.50 12.96 ? 100 GLU A CB  1 
ATOM   541  C CB  B GLU A 1 100 ? 11.905  -13.579 -5.889  0.50 14.83 ? 100 GLU A CB  1 
ATOM   542  C CG  A GLU A 1 100 ? 13.041  -13.155 -5.223  0.50 17.07 ? 100 GLU A CG  1 
ATOM   543  C CG  B GLU A 1 100 ? 12.862  -13.030 -4.769  0.50 18.15 ? 100 GLU A CG  1 
ATOM   544  C CD  A GLU A 1 100 ? 12.560  -13.517 -3.798  0.50 15.91 ? 100 GLU A CD  1 
ATOM   545  C CD  B GLU A 1 100 ? 13.822  -11.904 -5.231  0.50 21.96 ? 100 GLU A CD  1 
ATOM   546  O OE1 A GLU A 1 100 ? 11.629  -14.283 -3.570  0.50 18.85 ? 100 GLU A OE1 1 
ATOM   547  O OE1 B GLU A 1 100 ? 13.779  -11.434 -6.395  0.50 24.61 ? 100 GLU A OE1 1 
ATOM   548  O OE2 A GLU A 1 100 ? 13.058  -12.915 -2.795  0.50 18.86 ? 100 GLU A OE2 1 
ATOM   549  O OE2 B GLU A 1 100 ? 14.680  -11.495 -4.394  0.50 26.23 ? 100 GLU A OE2 1 
ATOM   550  N N   . ALA A 1 101 ? 10.733  -10.678 -7.207  1.00 11.92 ? 101 ALA A N   1 
ATOM   551  C CA  . ALA A 1 101 ? 10.891  -9.243  -7.238  1.00 12.08 ? 101 ALA A CA  1 
ATOM   552  C C   . ALA A 1 101 ? 9.832   -8.558  -6.420  1.00 11.73 ? 101 ALA A C   1 
ATOM   553  O O   . ALA A 1 101 ? 10.132  -7.657  -5.644  1.00 10.82 ? 101 ALA A O   1 
ATOM   554  C CB  . ALA A 1 101 ? 10.815  -8.715  -8.646  1.00 13.02 ? 101 ALA A CB  1 
ATOM   555  N N   . ALA A 1 102 ? 8.560   -8.967  -6.558  1.00 9.67  ? 102 ALA A N   1 
ATOM   556  C CA  . ALA A 1 102 ? 7.495   -8.271  -5.838  1.00 9.54  ? 102 ALA A CA  1 
ATOM   557  C C   . ALA A 1 102 ? 7.610   -8.500  -4.333  1.00 9.96  ? 102 ALA A C   1 
ATOM   558  O O   . ALA A 1 102 ? 7.308   -7.636  -3.509  1.00 9.77  ? 102 ALA A O   1 
ATOM   559  C CB  . ALA A 1 102 ? 6.135   -8.675  -6.408  1.00 10.15 ? 102 ALA A CB  1 
ATOM   560  N N   . ARG A 1 103 ? 8.001   -9.740  -3.955  1.00 10.72 ? 103 ARG A N   1 
ATOM   561  C CA  . ARG A 1 103 ? 8.178   -10.034 -2.485  1.00 11.02 ? 103 ARG A CA  1 
ATOM   562  C C   . ARG A 1 103 ? 9.367   -9.242  -1.902  1.00 11.61 ? 103 ARG A C   1 
ATOM   563  O O   . ARG A 1 103 ? 9.244   -8.672  -0.810  1.00 11.10 ? 103 ARG A O   1 
ATOM   564  C CB  . ARG A 1 103 ? 8.392   -11.544 -2.290  1.00 12.34 ? 103 ARG A CB  1 
ATOM   565  C CG  . ARG A 1 103 ? 7.229   -12.354 -2.821  1.00 14.76 ? 103 ARG A CG  1 
ATOM   566  C CD  . ARG A 1 103 ? 7.306   -13.819 -2.480  1.00 17.14 ? 103 ARG A CD  1 
ATOM   567  N NE  . ARG A 1 103 ? 8.482   -14.486 -3.040  1.00 19.96 ? 103 ARG A NE  1 
ATOM   568  C CZ  . ARG A 1 103 ? 8.480   -15.278 -4.121  1.00 22.29 ? 103 ARG A CZ  1 
ATOM   569  N NH1 . ARG A 1 103 ? 7.383   -15.499 -4.879  1.00 26.12 ? 103 ARG A NH1 1 
ATOM   570  N NH2 . ARG A 1 103 ? 9.636   -15.884 -4.429  1.00 26.59 ? 103 ARG A NH2 1 
ATOM   571  N N   . HIS A 1 104 ? 10.500  -9.263  -2.612  1.00 10.84 ? 104 HIS A N   1 
ATOM   572  C CA  . HIS A 1 104 ? 11.681  -8.549  -2.098  1.00 10.53 ? 104 HIS A CA  1 
ATOM   573  C C   . HIS A 1 104 ? 11.343  -7.060  -2.019  1.00 11.57 ? 104 HIS A C   1 
ATOM   574  O O   . HIS A 1 104 ? 11.766  -6.415  -1.038  1.00 11.59 ? 104 HIS A O   1 
ATOM   575  C CB  . HIS A 1 104 ? 12.743  -8.731  -3.225  1.00 11.69 ? 104 HIS A CB  1 
ATOM   576  C CG  . HIS A 1 104 ? 13.998  -7.941  -2.999  1.00 11.43 ? 104 HIS A CG  1 
ATOM   577  N ND1 . HIS A 1 104 ? 14.733  -8.040  -1.824  1.00 14.11 ? 104 HIS A ND1 1 
ATOM   578  C CD2 . HIS A 1 104 ? 14.564  -7.020  -3.805  1.00 11.62 ? 104 HIS A CD2 1 
ATOM   579  C CE1 . HIS A 1 104 ? 15.789  -7.202  -1.959  1.00 14.09 ? 104 HIS A CE1 1 
ATOM   580  N NE2 . HIS A 1 104 ? 15.690  -6.562  -3.154  1.00 14.55 ? 104 HIS A NE2 1 
ATOM   581  N N   . GLN A 1 105 ? 10.596  -6.497  -2.985  1.00 10.58 ? 105 GLN A N   1 
ATOM   582  C CA  . GLN A 1 105 ? 10.280  -5.079  -2.951  1.00 9.61  ? 105 GLN A CA  1 
ATOM   583  C C   . GLN A 1 105 ? 9.317   -4.757  -1.817  1.00 10.95 ? 105 GLN A C   1 
ATOM   584  O O   . GLN A 1 105 ? 9.466   -3.660  -1.187  1.00 10.55 ? 105 GLN A O   1 
ATOM   585  C CB  . GLN A 1 105 ? 9.757   -4.670  -4.316  1.00 10.58 ? 105 GLN A CB  1 
ATOM   586  C CG  . GLN A 1 105 ? 10.935  -4.674  -5.310  1.00 11.54 ? 105 GLN A CG  1 
ATOM   587  C CD  . GLN A 1 105 ? 10.465  -4.785  -6.768  1.00 11.14 ? 105 GLN A CD  1 
ATOM   588  O OE1 . GLN A 1 105 ? 9.291   -4.413  -7.129  1.00 13.81 ? 105 GLN A OE1 1 
ATOM   589  N NE2 . GLN A 1 105 ? 11.321  -5.250  -7.603  1.00 10.22 ? 105 GLN A NE2 1 
ATOM   590  N N   . ALA A 1 106 ? 8.373   -5.651  -1.467  1.00 9.36  ? 106 ALA A N   1 
ATOM   591  C CA  . ALA A 1 106 ? 7.540   -5.447  -0.318  1.00 9.69  ? 106 ALA A CA  1 
ATOM   592  C C   . ALA A 1 106 ? 8.415   -5.335  0.963   1.00 10.00 ? 106 ALA A C   1 
ATOM   593  O O   . ALA A 1 106 ? 8.164   -4.520  1.842   1.00 10.83 ? 106 ALA A O   1 
ATOM   594  C CB  . ALA A 1 106 ? 6.503   -6.578  -0.225  1.00 10.55 ? 106 ALA A CB  1 
ATOM   595  N N   . ARG A 1 107 ? 9.392   -6.215  1.048   1.00 9.91  ? 107 ARG A N   1 
ATOM   596  C CA  . ARG A 1 107 ? 10.267  -6.160  2.224   1.00 9.89  ? 107 ARG A CA  1 
ATOM   597  C C   . ARG A 1 107 ? 11.083  -4.902  2.239   1.00 10.50 ? 107 ARG A C   1 
ATOM   598  O O   . ARG A 1 107 ? 11.288  -4.325  3.354   1.00 11.19 ? 107 ARG A O   1 
ATOM   599  C CB  . ARG A 1 107 ? 11.146  -7.403  2.237   1.00 12.08 ? 107 ARG A CB  1 
ATOM   600  C CG  . ARG A 1 107 ? 10.453  -8.761  2.439   1.00 13.08 ? 107 ARG A CG  1 
ATOM   601  C CD  . ARG A 1 107 ? 11.366  -9.970  2.407   1.00 17.02 ? 107 ARG A CD  1 
ATOM   602  N NE  . ARG A 1 107 ? 10.657  -11.160 2.084   1.00 21.84 ? 107 ARG A NE  1 
ATOM   603  C CZ  . ARG A 1 107 ? 10.739  -11.826 0.907   1.00 19.63 ? 107 ARG A CZ  1 
ATOM   604  N NH1 . ARG A 1 107 ? 11.689  -11.565 0.017   1.00 26.56 ? 107 ARG A NH1 1 
ATOM   605  N NH2 . ARG A 1 107 ? 10.006  -12.923 0.823   1.00 33.34 ? 107 ARG A NH2 1 
ATOM   606  N N   . LEU A 1 108 ? 11.570  -4.412  1.143   1.00 9.95  ? 108 LEU A N   1 
ATOM   607  C CA  . LEU A 1 108 ? 12.344  -3.186  1.085   1.00 10.44 ? 108 LEU A CA  1 
ATOM   608  C C   . LEU A 1 108 ? 11.501  -2.024  1.607   1.00 10.59 ? 108 LEU A C   1 
ATOM   609  O O   . LEU A 1 108 ? 12.002  -1.214  2.433   1.00 11.38 ? 108 LEU A O   1 
ATOM   610  C CB  . LEU A 1 108 ? 12.797  -2.835  -0.325  1.00 10.41 ? 108 LEU A CB  1 
ATOM   611  C CG  . LEU A 1 108 ? 13.901  -3.692  -0.826  1.00 11.01 ? 108 LEU A CG  1 
ATOM   612  C CD1 . LEU A 1 108 ? 14.142  -3.348  -2.294  1.00 12.67 ? 108 LEU A CD1 1 
ATOM   613  C CD2 . LEU A 1 108 ? 15.164  -3.507  -0.012  1.00 13.16 ? 108 LEU A CD2 1 
ATOM   614  N N   . VAL A 1 109 ? 10.207  -1.966  1.264   1.00 9.98  ? 109 VAL A N   1 
ATOM   615  C CA  . VAL A 1 109 ? 9.455   -0.777  1.660   1.00 10.59 ? 109 VAL A CA  1 
ATOM   616  C C   . VAL A 1 109 ? 9.143   -0.854  3.214   1.00 11.67 ? 109 VAL A C   1 
ATOM   617  O O   . VAL A 1 109 ? 9.140   0.177   3.923   1.00 11.23 ? 109 VAL A O   1 
ATOM   618  C CB  . VAL A 1 109 ? 8.186   -0.446  0.853   1.00 12.00 ? 109 VAL A CB  1 
ATOM   619  C CG1 . VAL A 1 109 ? 8.545   -0.182  -0.589  1.00 14.09 ? 109 VAL A CG1 1 
ATOM   620  C CG2 . VAL A 1 109 ? 7.117   -1.517  0.988   1.00 13.68 ? 109 VAL A CG2 1 
ATOM   621  N N   . GLU A 1 110 ? 8.889   -2.066  3.739   1.00 10.33 ? 110 GLU A N   1 
ATOM   622  C CA  . GLU A 1 110 ? 8.714   -2.193  5.211   1.00 11.40 ? 110 GLU A CA  1 
ATOM   623  C C   . GLU A 1 110 ? 10.016  -1.766  5.895   1.00 12.89 ? 110 GLU A C   1 
ATOM   624  O O   . GLU A 1 110 ? 9.965   -1.057  6.943   1.00 12.75 ? 110 GLU A O   1 
ATOM   625  C CB  . GLU A 1 110 ? 8.356   -3.616  5.599   1.00 11.27 ? 110 GLU A CB  1 
ATOM   626  C CG  . GLU A 1 110 ? 6.977   -4.103  5.115   1.00 12.85 ? 110 GLU A CG  1 
ATOM   627  C CD  . GLU A 1 110 ? 5.858   -3.281  5.783   1.00 12.54 ? 110 GLU A CD  1 
ATOM   628  O OE1 . GLU A 1 110 ? 6.009   -2.885  6.960   1.00 15.56 ? 110 GLU A OE1 1 
ATOM   629  O OE2 . GLU A 1 110 ? 4.952   -2.785  5.101   1.00 14.74 ? 110 GLU A OE2 1 
ATOM   630  N N   . CYS A 1 111 ? 11.155  -2.215  5.356   1.00 10.93 ? 111 CYS A N   1 
ATOM   631  C CA  . CYS A 1 111 ? 12.441  -1.869  5.998   1.00 11.32 ? 111 CYS A CA  1 
ATOM   632  C C   . CYS A 1 111 ? 12.684  -0.413  5.892   1.00 11.83 ? 111 CYS A C   1 
ATOM   633  O O   . CYS A 1 111 ? 13.357  0.168   6.813   1.00 12.37 ? 111 CYS A O   1 
ATOM   634  C CB  . CYS A 1 111 ? 13.488  -2.783  5.333   1.00 11.82 ? 111 CYS A CB  1 
ATOM   635  S SG  . CYS A 1 111 ? 13.349  -4.477  5.839   1.00 12.74 ? 111 CYS A SG  1 
ATOM   636  N N   . ALA A 1 112 ? 12.234  0.291   4.852   1.00 11.71 ? 112 ALA A N   1 
ATOM   637  C CA  . ALA A 1 112 ? 12.305  1.727   4.763   1.00 11.30 ? 112 ALA A CA  1 
ATOM   638  C C   . ALA A 1 112 ? 11.476  2.380   5.810   1.00 11.88 ? 112 ALA A C   1 
ATOM   639  O O   . ALA A 1 112 ? 11.963  3.444   6.440   1.00 12.72 ? 112 ALA A O   1 
ATOM   640  C CB  . ALA A 1 112 ? 11.898  2.196   3.361   1.00 12.91 ? 112 ALA A CB  1 
ATOM   641  N N   . GLY A 1 113 ? 10.307  1.877   6.067   1.00 11.51 ? 113 GLY A N   1 
ATOM   642  C CA  . GLY A 1 113 ? 9.471   2.364   7.152   1.00 14.17 ? 113 GLY A CA  1 
ATOM   643  C C   . GLY A 1 113 ? 10.174  2.301   8.503   1.00 14.37 ? 113 GLY A C   1 
ATOM   644  O O   . GLY A 1 113 ? 9.994   3.177   9.350   1.00 14.71 ? 113 GLY A O   1 
ATOM   645  N N   . ILE A 1 114 ? 10.878  1.207   8.766   1.00 12.76 ? 114 ILE A N   1 
ATOM   646  C CA  . ILE A 1 114 ? 11.699  1.097   10.009  1.00 12.48 ? 114 ILE A CA  1 
ATOM   647  C C   . ILE A 1 114 ? 12.672  2.226   10.044  1.00 14.11 ? 114 ILE A C   1 
ATOM   648  O O   . ILE A 1 114 ? 12.860  2.804   11.191  1.00 13.22 ? 114 ILE A O   1 
ATOM   649  C CB  . ILE A 1 114 ? 12.330  -0.294  10.106  1.00 13.38 ? 114 ILE A CB  1 
ATOM   650  C CG1 . ILE A 1 114 ? 11.309  -1.337  10.420  1.00 14.61 ? 114 ILE A CG1 1 
ATOM   651  C CG2 . ILE A 1 114 ? 13.550  -0.269  11.124  1.00 14.46 ? 114 ILE A CG2 1 
ATOM   652  C CD1 . ILE A 1 114 ? 11.904  -2.725  10.511  1.00 17.41 ? 114 ILE A CD1 1 
ATOM   653  N N   . GLN A 1 115 ? 13.380  2.513   8.985   1.00 13.01 ? 115 GLN A N   1 
ATOM   654  C CA  . GLN A 1 115 ? 14.406  3.572   9.024   1.00 14.09 ? 115 GLN A CA  1 
ATOM   655  C C   . GLN A 1 115 ? 13.839  4.943   9.065   1.00 16.17 ? 115 GLN A C   1 
ATOM   656  O O   . GLN A 1 115 ? 14.446  5.888   9.692   1.00 19.95 ? 115 GLN A O   1 
ATOM   657  C CB  . GLN A 1 115 ? 15.247  3.587   7.708   1.00 16.33 ? 115 GLN A CB  1 
ATOM   658  C CG  . GLN A 1 115 ? 16.166  2.394   7.738   1.00 16.52 ? 115 GLN A CG  1 
ATOM   659  C CD  . GLN A 1 115 ? 17.252  2.445   6.654   1.00 14.23 ? 115 GLN A CD  1 
ATOM   660  O OE1 . GLN A 1 115 ? 17.679  1.325   6.186   1.00 15.87 ? 115 GLN A OE1 1 
ATOM   661  N NE2 . GLN A 1 115 ? 17.750  3.579   6.285   1.00 13.47 ? 115 GLN A NE2 1 
ATOM   662  N N   . GLY A 1 116 ? 12.701  5.221   8.464   1.00 15.01 ? 116 GLY A N   1 
ATOM   663  C CA  . GLY A 1 116 ? 12.302  6.541   8.252   1.00 14.99 ? 116 GLY A CA  1 
ATOM   664  C C   . GLY A 1 116 ? 10.811  6.816   8.293   1.00 13.77 ? 116 GLY A C   1 
ATOM   665  O O   . GLY A 1 116 ? 10.387  7.909   7.818   1.00 17.32 ? 116 GLY A O   1 
ATOM   666  N N   . GLY A 1 117 ? 10.054  5.888   8.804   1.00 12.93 ? 117 GLY A N   1 
ATOM   667  C CA  . GLY A 1 117 ? 8.645   6.147   8.982   1.00 13.55 ? 117 GLY A CA  1 
ATOM   668  C C   . GLY A 1 117 ? 7.837   6.200   7.703   1.00 13.62 ? 117 GLY A C   1 
ATOM   669  O O   . GLY A 1 117 ? 8.229   5.725   6.627   1.00 13.22 ? 117 GLY A O   1 
ATOM   670  N N   . ALA A 1 118 ? 6.726   6.886   7.744   1.00 14.21 ? 118 ALA A N   1 
ATOM   671  C CA  . ALA A 1 118 ? 5.866   7.043   6.540   1.00 13.25 ? 118 ALA A CA  1 
ATOM   672  C C   . ALA A 1 118 ? 6.515   7.743   5.460   1.00 13.26 ? 118 ALA A C   1 
ATOM   673  O O   . ALA A 1 118 ? 6.306   7.412   4.251   1.00 13.93 ? 118 ALA A O   1 
ATOM   674  C CB  . ALA A 1 118 ? 4.557   7.774   6.942   1.00 16.59 ? 118 ALA A CB  1 
ATOM   675  N N   . LYS A 1 119 ? 7.269   8.772   5.696   1.00 13.84 ? 119 LYS A N   1 
ATOM   676  C CA  . LYS A 1 119 ? 7.855   9.513   4.649   1.00 14.62 ? 119 LYS A CA  1 
ATOM   677  C C   . LYS A 1 119 ? 8.810   8.596   3.841   1.00 15.48 ? 119 LYS A C   1 
ATOM   678  O O   . LYS A 1 119 ? 8.762   8.537   2.606   1.00 14.53 ? 119 LYS A O   1 
ATOM   679  C CB  . LYS A 1 119 ? 8.649   10.743  5.204   1.00 19.82 ? 119 LYS A CB  1 
ATOM   680  C CG  . LYS A 1 119 ? 9.453   11.534  4.148   1.00 29.21 ? 119 LYS A CG  1 
ATOM   681  C CD  . LYS A 1 119 ? 8.540   12.384  3.276   1.00 37.41 ? 119 LYS A CD  1 
ATOM   682  C CE  . LYS A 1 119 ? 9.233   12.974  2.043   1.00 40.63 ? 119 LYS A CE  1 
ATOM   683  N NZ  . LYS A 1 119 ? 9.899   14.266  2.379   1.00 45.62 ? 119 LYS A NZ  1 
ATOM   684  N N   . ALA A 1 120 ? 9.608   7.793   4.548   1.00 14.21 ? 120 ALA A N   1 
ATOM   685  C CA  . ALA A 1 120 ? 10.507  6.858   3.867   1.00 13.18 ? 120 ALA A CA  1 
ATOM   686  C C   . ALA A 1 120 ? 9.743   5.732   3.150   1.00 11.60 ? 120 ALA A C   1 
ATOM   687  O O   . ALA A 1 120 ? 10.173  5.330   2.063   1.00 12.12 ? 120 ALA A O   1 
ATOM   688  C CB  . ALA A 1 120 ? 11.560  6.257   4.840   1.00 14.01 ? 120 ALA A CB  1 
ATOM   689  N N   . PHE A 1 121 ? 8.709   5.245   3.790   1.00 10.94 ? 121 PHE A N   1 
ATOM   690  C CA  . PHE A 1 121 ? 7.928   4.184   3.219   1.00 12.60 ? 121 PHE A CA  1 
ATOM   691  C C   . PHE A 1 121 ? 7.323   4.613   1.873   1.00 10.82 ? 121 PHE A C   1 
ATOM   692  O O   . PHE A 1 121 ? 7.531   3.926   0.845   1.00 11.47 ? 121 PHE A O   1 
ATOM   693  C CB  . PHE A 1 121 ? 6.809   3.772   4.195   1.00 11.78 ? 121 PHE A CB  1 
ATOM   694  C CG  . PHE A 1 121 ? 5.843   2.769   3.644   1.00 12.37 ? 121 PHE A CG  1 
ATOM   695  C CD1 . PHE A 1 121 ? 6.094   1.439   3.893   1.00 13.29 ? 121 PHE A CD1 1 
ATOM   696  C CD2 . PHE A 1 121 ? 4.696   3.102   2.939   1.00 13.46 ? 121 PHE A CD2 1 
ATOM   697  C CE1 . PHE A 1 121 ? 5.223   0.436   3.464   1.00 13.69 ? 121 PHE A CE1 1 
ATOM   698  C CE2 . PHE A 1 121 ? 3.815   2.094   2.518   1.00 13.37 ? 121 PHE A CE2 1 
ATOM   699  C CZ  . PHE A 1 121 ? 4.113   0.768   2.753   1.00 13.51 ? 121 PHE A CZ  1 
ATOM   700  N N   . TRP A 1 122 ? 6.679   5.755   1.829   1.00 10.67 ? 122 TRP A N   1 
ATOM   701  C CA  . TRP A 1 122 ? 6.055   6.185   0.588   1.00 10.95 ? 122 TRP A CA  1 
ATOM   702  C C   . TRP A 1 122 ? 7.048   6.677   -0.435  1.00 10.99 ? 122 TRP A C   1 
ATOM   703  O O   . TRP A 1 122 ? 6.828   6.439   -1.613  1.00 12.05 ? 122 TRP A O   1 
ATOM   704  C CB  . TRP A 1 122 ? 4.962   7.241   0.895   1.00 12.40 ? 122 TRP A CB  1 
ATOM   705  C CG  . TRP A 1 122 ? 3.804   6.634   1.588   1.00 11.91 ? 122 TRP A CG  1 
ATOM   706  C CD1 . TRP A 1 122 ? 3.525   6.671   2.953   1.00 12.86 ? 122 TRP A CD1 1 
ATOM   707  C CD2 . TRP A 1 122 ? 2.742   5.878   1.002   1.00 11.82 ? 122 TRP A CD2 1 
ATOM   708  N NE1 . TRP A 1 122 ? 2.390   5.951   3.249   1.00 13.98 ? 122 TRP A NE1 1 
ATOM   709  C CE2 . TRP A 1 122 ? 1.849   5.475   2.076   1.00 13.29 ? 122 TRP A CE2 1 
ATOM   710  C CE3 . TRP A 1 122 ? 2.412   5.471   -0.340  1.00 12.47 ? 122 TRP A CE3 1 
ATOM   711  C CZ2 . TRP A 1 122 ? 0.743   4.689   1.834   1.00 13.74 ? 122 TRP A CZ2 1 
ATOM   712  C CZ3 . TRP A 1 122 ? 1.259   4.716   -0.562  1.00 13.92 ? 122 TRP A CZ3 1 
ATOM   713  C CH2 . TRP A 1 122 ? 0.441   4.319   0.542   1.00 12.54 ? 122 TRP A CH2 1 
ATOM   714  N N   . SER A 1 123 ? 8.172   7.214   0.011   1.00 12.35 ? 123 SER A N   1 
ATOM   715  C CA  A SER A 1 123 ? 9.233   7.533   -0.915  0.50 11.82 ? 123 SER A CA  1 
ATOM   716  C CA  B SER A 1 123 ? 9.237   7.532   -0.889  0.50 12.65 ? 123 SER A CA  1 
ATOM   717  C C   . SER A 1 123 ? 9.834   6.281   -1.519  1.00 11.92 ? 123 SER A C   1 
ATOM   718  O O   . SER A 1 123 ? 10.163  6.284   -2.717  1.00 12.20 ? 123 SER A O   1 
ATOM   719  C CB  A SER A 1 123 ? 10.326  8.402   -0.267  0.50 12.53 ? 123 SER A CB  1 
ATOM   720  C CB  B SER A 1 123 ? 10.334  8.316   -0.171  0.50 14.80 ? 123 SER A CB  1 
ATOM   721  O OG  A SER A 1 123 ? 9.808   9.675   -0.005  0.50 13.66 ? 123 SER A OG  1 
ATOM   722  O OG  B SER A 1 123 ? 11.286  8.681   -1.127  0.50 19.94 ? 123 SER A OG  1 
ATOM   723  N N   . ALA A 1 124 ? 9.918   5.203   -0.761  1.00 11.39 ? 124 ALA A N   1 
ATOM   724  C CA  . ALA A 1 124 ? 10.522  3.935   -1.263  1.00 11.98 ? 124 ALA A CA  1 
ATOM   725  C C   . ALA A 1 124 ? 9.529   3.350   -2.258  1.00 10.60 ? 124 ALA A C   1 
ATOM   726  O O   . ALA A 1 124 ? 9.938   2.696   -3.252  1.00 10.80 ? 124 ALA A O   1 
ATOM   727  C CB  . ALA A 1 124 ? 10.844  2.969   -0.157  1.00 12.49 ? 124 ALA A CB  1 
ATOM   728  N N   . ILE A 1 125 ? 8.209   3.430   -1.973  1.00 10.69 ? 125 ILE A N   1 
ATOM   729  C CA  . ILE A 1 125 ? 7.201   2.956   -2.966  1.00 11.24 ? 125 ILE A CA  1 
ATOM   730  C C   . ILE A 1 125 ? 7.404   3.661   -4.320  1.00 12.10 ? 125 ILE A C   1 
ATOM   731  O O   . ILE A 1 125 ? 7.461   3.033   -5.413  1.00 11.30 ? 125 ILE A O   1 
ATOM   732  C CB  . ILE A 1 125 ? 5.782   3.196   -2.417  1.00 11.74 ? 125 ILE A CB  1 
ATOM   733  C CG1 . ILE A 1 125 ? 5.487   2.153   -1.325  1.00 15.37 ? 125 ILE A CG1 1 
ATOM   734  C CG2 . ILE A 1 125 ? 4.723   3.081   -3.583  1.00 11.92 ? 125 ILE A CG2 1 
ATOM   735  C CD1 . ILE A 1 125 ? 4.191   2.255   -0.627  1.00 18.85 ? 125 ILE A CD1 1 
ATOM   736  N N   A ASP A 1 126 ? 7.536   5.007   -4.307  0.50 11.74 ? 126 ASP A N   1 
ATOM   737  N N   B ASP A 1 126 ? 7.519   4.982   -4.247  0.50 13.11 ? 126 ASP A N   1 
ATOM   738  C CA  A ASP A 1 126 ? 7.784   5.753   -5.556  0.50 11.40 ? 126 ASP A CA  1 
ATOM   739  C CA  B ASP A 1 126 ? 7.694   5.711   -5.445  0.50 13.67 ? 126 ASP A CA  1 
ATOM   740  C C   A ASP A 1 126 ? 9.070   5.339   -6.206  0.50 11.01 ? 126 ASP A C   1 
ATOM   741  C C   B ASP A 1 126 ? 9.003   5.372   -6.150  0.50 12.09 ? 126 ASP A C   1 
ATOM   742  O O   A ASP A 1 126 ? 9.172   5.159   -7.441  0.50 11.33 ? 126 ASP A O   1 
ATOM   743  O O   B ASP A 1 126 ? 8.996   5.217   -7.391  0.50 13.32 ? 126 ASP A O   1 
ATOM   744  C CB  A ASP A 1 126 ? 7.838   7.281   -5.291  0.50 12.60 ? 126 ASP A CB  1 
ATOM   745  C CB  B ASP A 1 126 ? 7.560   7.188   -5.126  0.50 15.76 ? 126 ASP A CB  1 
ATOM   746  C CG  A ASP A 1 126 ? 6.486   7.881   -4.957  0.50 12.94 ? 126 ASP A CG  1 
ATOM   747  C CG  B ASP A 1 126 ? 7.760   8.013   -6.317  0.50 21.24 ? 126 ASP A CG  1 
ATOM   748  O OD1 A ASP A 1 126 ? 5.489   7.251   -5.237  0.50 14.06 ? 126 ASP A OD1 1 
ATOM   749  O OD1 B ASP A 1 126 ? 6.857   8.056   -7.173  0.50 23.05 ? 126 ASP A OD1 1 
ATOM   750  O OD2 A ASP A 1 126 ? 6.516   8.999   -4.332  0.50 14.96 ? 126 ASP A OD2 1 
ATOM   751  O OD2 B ASP A 1 126 ? 8.866   8.519   -6.462  0.50 23.15 ? 126 ASP A OD2 1 
ATOM   752  N N   . ALA A 1 127 ? 10.110  5.236   -5.400  1.00 11.89 ? 127 ALA A N   1 
ATOM   753  C CA  . ALA A 1 127 ? 11.415  4.905   -5.987  1.00 12.01 ? 127 ALA A CA  1 
ATOM   754  C C   . ALA A 1 127 ? 11.372  3.535   -6.640  1.00 11.91 ? 127 ALA A C   1 
ATOM   755  O O   . ALA A 1 127 ? 11.968  3.341   -7.719  1.00 11.52 ? 127 ALA A O   1 
ATOM   756  C CB  . ALA A 1 127 ? 12.485  4.918   -4.876  1.00 13.07 ? 127 ALA A CB  1 
ATOM   757  N N   . ILE A 1 128 ? 10.731  2.553   -6.027  1.00 11.24 ? 128 ILE A N   1 
ATOM   758  C CA  . ILE A 1 128 ? 10.645  1.188   -6.569  1.00 11.95 ? 128 ILE A CA  1 
ATOM   759  C C   . ILE A 1 128 ? 9.809   1.217   -7.815  1.00 11.66 ? 128 ILE A C   1 
ATOM   760  O O   . ILE A 1 128 ? 10.192  0.618   -8.870  1.00 10.97 ? 128 ILE A O   1 
ATOM   761  C CB  . ILE A 1 128 ? 10.149  0.164   -5.531  1.00 11.07 ? 128 ILE A CB  1 
ATOM   762  C CG1 . ILE A 1 128 ? 11.208  0.020   -4.475  1.00 11.49 ? 128 ILE A CG1 1 
ATOM   763  C CG2 . ILE A 1 128 ? 9.831   -1.172  -6.241  1.00 11.66 ? 128 ILE A CG2 1 
ATOM   764  C CD1 . ILE A 1 128 ? 10.682  -0.760  -3.260  1.00 14.06 ? 128 ILE A CD1 1 
ATOM   765  N N   . PHE A 1 129 ? 8.693   1.942   -7.813  1.00 9.87  ? 129 PHE A N   1 
ATOM   766  C CA  . PHE A 1 129 ? 7.903   1.991   -9.059  1.00 11.19 ? 129 PHE A CA  1 
ATOM   767  C C   . PHE A 1 129 ? 8.718   2.670   -10.185 1.00 11.07 ? 129 PHE A C   1 
ATOM   768  O O   . PHE A 1 129 ? 8.562   2.276   -11.350 1.00 12.09 ? 129 PHE A O   1 
ATOM   769  C CB  . PHE A 1 129 ? 6.576   2.804   -8.834  1.00 11.49 ? 129 PHE A CB  1 
ATOM   770  C CG  . PHE A 1 129 ? 5.439   2.002   -8.286  1.00 11.72 ? 129 PHE A CG  1 
ATOM   771  C CD1 . PHE A 1 129 ? 5.108   0.764   -8.807  1.00 10.64 ? 129 PHE A CD1 1 
ATOM   772  C CD2 . PHE A 1 129 ? 4.637   2.532   -7.282  1.00 11.27 ? 129 PHE A CD2 1 
ATOM   773  C CE1 . PHE A 1 129 ? 4.034   0.020   -8.307  1.00 10.88 ? 129 PHE A CE1 1 
ATOM   774  C CE2 . PHE A 1 129 ? 3.550   1.798   -6.779  1.00 11.31 ? 129 PHE A CE2 1 
ATOM   775  C CZ  . PHE A 1 129 ? 3.281   0.531   -7.307  1.00 11.67 ? 129 PHE A CZ  1 
ATOM   776  N N   . ALA A 1 130 ? 9.547   3.628   -9.858  1.00 10.88 ? 130 ALA A N   1 
ATOM   777  C CA  . ALA A 1 130 ? 10.374  4.288   -10.920 1.00 11.92 ? 130 ALA A CA  1 
ATOM   778  C C   . ALA A 1 130 ? 11.505  3.416   -11.338 1.00 12.25 ? 130 ALA A C   1 
ATOM   779  O O   . ALA A 1 130 ? 11.821  3.427   -12.536 1.00 12.92 ? 130 ALA A O   1 
ATOM   780  C CB  . ALA A 1 130 ? 10.960  5.594   -10.347 1.00 14.21 ? 130 ALA A CB  1 
ATOM   781  N N   . GLN A 1 131 ? 12.125  2.663   -10.475 1.00 11.95 ? 131 GLN A N   1 
ATOM   782  C CA  . GLN A 1 131 ? 13.377  1.982   -10.772 1.00 11.49 ? 131 GLN A CA  1 
ATOM   783  C C   . GLN A 1 131 ? 13.216  0.551   -11.243 1.00 11.66 ? 131 GLN A C   1 
ATOM   784  O O   . GLN A 1 131 ? 14.115  0.060   -11.904 1.00 12.88 ? 131 GLN A O   1 
ATOM   785  C CB  . GLN A 1 131 ? 14.292  2.062   -9.524  1.00 12.18 ? 131 GLN A CB  1 
ATOM   786  C CG  . GLN A 1 131 ? 14.755  3.513   -9.246  1.00 13.41 ? 131 GLN A CG  1 
ATOM   787  C CD  . GLN A 1 131 ? 15.578  3.587   -8.034  1.00 12.75 ? 131 GLN A CD  1 
ATOM   788  O OE1 . GLN A 1 131 ? 16.322  2.671   -7.694  1.00 15.07 ? 131 GLN A OE1 1 
ATOM   789  N NE2 . GLN A 1 131 ? 15.431  4.721   -7.362  1.00 14.75 ? 131 GLN A NE2 1 
ATOM   790  N N   . SER A 1 132 ? 12.189  -0.140  -10.770 1.00 11.21 ? 132 SER A N   1 
ATOM   791  C CA  . SER A 1 132 ? 11.980  -1.531  -11.225 1.00 10.67 ? 132 SER A CA  1 
ATOM   792  C C   . SER A 1 132 ? 11.669  -1.633  -12.718 1.00 10.53 ? 132 SER A C   1 
ATOM   793  O O   . SER A 1 132 ? 10.936  -0.768  -13.247 1.00 11.11 ? 132 SER A O   1 
ATOM   794  C CB  . SER A 1 132 ? 10.872  -2.178  -10.383 1.00 11.56 ? 132 SER A CB  1 
ATOM   795  O OG  . SER A 1 132 ? 10.753  -3.494  -10.884 1.00 10.83 ? 132 SER A OG  1 
ATOM   796  N N   . ALA A 1 133 ? 12.138  -2.705  -13.329 1.00 10.24 ? 133 ALA A N   1 
ATOM   797  C CA  . ALA A 1 133 ? 11.644  -3.003  -14.636 1.00 11.32 ? 133 ALA A CA  1 
ATOM   798  C C   . ALA A 1 133 ? 10.147  -3.254  -14.634 1.00 11.43 ? 133 ALA A C   1 
ATOM   799  O O   . ALA A 1 133 ? 9.502   -3.127  -15.660 1.00 11.48 ? 133 ALA A O   1 
ATOM   800  C CB  . ALA A 1 133 ? 12.363  -4.241  -15.194 1.00 13.55 ? 133 ALA A CB  1 
ATOM   801  N N   . GLY A 1 134 ? 9.568   -3.725  -13.540 1.00 10.43 ? 134 GLY A N   1 
ATOM   802  C CA  . GLY A 1 134 ? 8.140   -4.043  -13.452 1.00 11.34 ? 134 GLY A CA  1 
ATOM   803  C C   . GLY A 1 134 ? 7.911   -5.447  -13.978 1.00 10.99 ? 134 GLY A C   1 
ATOM   804  O O   . GLY A 1 134 ? 8.777   -6.074  -14.593 1.00 10.63 ? 134 GLY A O   1 
ATOM   805  N N   . ASN A 1 135 ? 6.702   -5.940  -13.667 1.00 10.49 ? 135 ASN A N   1 
ATOM   806  C CA  . ASN A 1 135 ? 6.203   -7.158  -14.309 1.00 9.82  ? 135 ASN A CA  1 
ATOM   807  C C   . ASN A 1 135 ? 6.993   -8.387  -13.983 1.00 10.02 ? 135 ASN A C   1 
ATOM   808  O O   . ASN A 1 135 ? 7.006   -9.360  -14.745 1.00 11.71 ? 135 ASN A O   1 
ATOM   809  C CB  . ASN A 1 135 ? 6.025   -7.006  -15.842 1.00 11.48 ? 135 ASN A CB  1 
ATOM   810  C CG  . ASN A 1 135 ? 5.299   -5.727  -16.150 1.00 11.25 ? 135 ASN A CG  1 
ATOM   811  O OD1 . ASN A 1 135 ? 5.905   -4.765  -16.736 1.00 14.93 ? 135 ASN A OD1 1 
ATOM   812  N ND2 . ASN A 1 135 ? 4.084   -5.648  -15.789 1.00 11.00 ? 135 ASN A ND2 1 
ATOM   813  N N   . GLY A 1 136 ? 7.711   -8.403  -12.864 1.00 10.62 ? 136 GLY A N   1 
ATOM   814  C CA  . GLY A 1 136 ? 8.543   -9.543  -12.468 1.00 11.97 ? 136 GLY A CA  1 
ATOM   815  C C   . GLY A 1 136 ? 10.002  -9.276  -12.772 1.00 11.49 ? 136 GLY A C   1 
ATOM   816  O O   . GLY A 1 136 ? 10.873  -10.002 -12.207 1.00 12.45 ? 136 GLY A O   1 
ATOM   817  N N   . GLY A 1 137 ? 10.328  -8.289  -13.576 1.00 10.82 ? 137 GLY A N   1 
ATOM   818  C CA  . GLY A 1 137 ? 11.755  -7.995  -13.869 1.00 11.72 ? 137 GLY A CA  1 
ATOM   819  C C   . GLY A 1 137 ? 12.476  -7.401  -12.690 1.00 12.19 ? 137 GLY A C   1 
ATOM   820  O O   . GLY A 1 137 ? 13.713  -7.635  -12.527 1.00 12.63 ? 137 GLY A O   1 
ATOM   821  N N   . GLY A 1 138 ? 11.802  -6.666  -11.793 1.00 10.51 ? 138 GLY A N   1 
ATOM   822  C CA  . GLY A 1 138 ? 12.436  -6.218  -10.546 1.00 11.01 ? 138 GLY A CA  1 
ATOM   823  C C   . GLY A 1 138 ? 13.455  -5.103  -10.747 1.00 11.12 ? 138 GLY A C   1 
ATOM   824  O O   . GLY A 1 138 ? 13.725  -4.552  -11.850 1.00 10.89 ? 138 GLY A O   1 
ATOM   825  N N   . LEU A 1 139 ? 14.060  -4.747  -9.615  1.00 11.76 ? 139 LEU A N   1 
ATOM   826  C CA  . LEU A 1 139 ? 15.127  -3.727  -9.565  1.00 11.95 ? 139 LEU A CA  1 
ATOM   827  C C   . LEU A 1 139 ? 16.388  -4.353  -10.173 1.00 12.45 ? 139 LEU A C   1 
ATOM   828  O O   . LEU A 1 139 ? 16.694  -5.539  -9.941  1.00 13.52 ? 139 LEU A O   1 
ATOM   829  C CB  . LEU A 1 139 ? 15.403  -3.350  -8.118  1.00 11.95 ? 139 LEU A CB  1 
ATOM   830  C CG  . LEU A 1 139 ? 14.224  -2.688  -7.402  1.00 12.85 ? 139 LEU A CG  1 
ATOM   831  C CD1 . LEU A 1 139 ? 14.388  -2.725  -5.881  1.00 13.51 ? 139 LEU A CD1 1 
ATOM   832  C CD2 . LEU A 1 139 ? 14.131  -1.256  -7.873  1.00 13.40 ? 139 LEU A CD2 1 
ATOM   833  N N   . PRO A 1 140 ? 17.216  -3.607  -10.856 1.00 12.54 ? 140 PRO A N   1 
ATOM   834  C CA  . PRO A 1 140 ? 18.508  -4.139  -11.352 1.00 13.94 ? 140 PRO A CA  1 
ATOM   835  C C   . PRO A 1 140 ? 19.350  -4.613  -10.194 1.00 13.96 ? 140 PRO A C   1 
ATOM   836  O O   . PRO A 1 140 ? 19.569  -3.894  -9.202  1.00 13.47 ? 140 PRO A O   1 
ATOM   837  C CB  . PRO A 1 140 ? 19.107  -2.885  -11.984 1.00 14.38 ? 140 PRO A CB  1 
ATOM   838  C CG  . PRO A 1 140 ? 17.941  -2.143  -12.533 1.00 17.81 ? 140 PRO A CG  1 
ATOM   839  C CD  . PRO A 1 140 ? 17.000  -2.225  -11.271 1.00 14.89 ? 140 PRO A CD  1 
ATOM   840  N N   . GLY A 1 141 ? 19.813  -5.864  -10.231 1.00 13.89 ? 141 GLY A N   1 
ATOM   841  C CA  . GLY A 1 141 ? 20.588  -6.444  -9.172  1.00 17.39 ? 141 GLY A CA  1 
ATOM   842  C C   . GLY A 1 141 ? 19.810  -6.568  -7.859  1.00 16.59 ? 141 GLY A C   1 
ATOM   843  O O   . GLY A 1 141 ? 20.386  -6.688  -6.766  1.00 19.12 ? 141 GLY A O   1 
ATOM   844  N N   . GLY A 1 142 ? 18.493  -6.385  -7.894  1.00 15.56 ? 142 GLY A N   1 
ATOM   845  C CA  . GLY A 1 142 ? 17.719  -6.322  -6.645  1.00 16.34 ? 142 GLY A CA  1 
ATOM   846  C C   . GLY A 1 142 ? 17.988  -5.042  -5.828  1.00 16.47 ? 142 GLY A C   1 
ATOM   847  O O   . GLY A 1 142 ? 17.528  -4.928  -4.632  1.00 16.64 ? 142 GLY A O   1 
ATOM   848  N N   . THR A 1 143 ? 18.676  -4.042  -6.422  1.00 14.61 ? 143 THR A N   1 
ATOM   849  C CA  . THR A 1 143 ? 19.217  -2.940  -5.620  1.00 15.81 ? 143 THR A CA  1 
ATOM   850  C C   . THR A 1 143 ? 18.403  -1.715  -5.817  1.00 16.80 ? 143 THR A C   1 
ATOM   851  O O   . THR A 1 143 ? 18.084  -1.315  -6.964  1.00 21.14 ? 143 THR A O   1 
ATOM   852  C CB  . THR A 1 143 ? 20.691  -2.682  -6.079  1.00 18.61 ? 143 THR A CB  1 
ATOM   853  O OG1 . THR A 1 143 ? 21.465  -3.861  -5.885  1.00 19.66 ? 143 THR A OG1 1 
ATOM   854  C CG2 . THR A 1 143 ? 21.282  -1.473  -5.388  1.00 20.48 ? 143 THR A CG2 1 
ATOM   855  N N   . LEU A 1 144 ? 17.996  -1.077  -4.730  1.00 14.49 ? 144 LEU A N   1 
ATOM   856  C CA  . LEU A 1 144 ? 17.265  0.198   -4.803  1.00 15.33 ? 144 LEU A CA  1 
ATOM   857  C C   . LEU A 1 144 ? 18.220  1.357   -4.701  1.00 15.93 ? 144 LEU A C   1 
ATOM   858  O O   . LEU A 1 144 ? 19.060  1.348   -3.763  1.00 16.71 ? 144 LEU A O   1 
ATOM   859  C CB  . LEU A 1 144 ? 16.224  0.251   -3.628  1.00 14.83 ? 144 LEU A CB  1 
ATOM   860  C CG  . LEU A 1 144 ? 15.382  1.525   -3.628  1.00 15.26 ? 144 LEU A CG  1 
ATOM   861  C CD1 . LEU A 1 144 ? 14.479  1.517   -4.849  1.00 17.63 ? 144 LEU A CD1 1 
ATOM   862  C CD2 . LEU A 1 144 ? 14.464  1.384   -2.394  1.00 17.33 ? 144 LEU A CD2 1 
ATOM   863  N N   . ASP A 1 145 ? 18.153  2.354   -5.591  1.00 15.42 ? 145 ASP A N   1 
ATOM   864  C CA  . ASP A 1 145 ? 18.963  3.583   -5.449  1.00 17.37 ? 145 ASP A CA  1 
ATOM   865  C C   . ASP A 1 145 ? 18.189  4.568   -4.616  1.00 18.48 ? 145 ASP A C   1 
ATOM   866  O O   . ASP A 1 145 ? 17.257  5.218   -5.078  1.00 17.71 ? 145 ASP A O   1 
ATOM   867  C CB  . ASP A 1 145 ? 19.145  4.175   -6.870  1.00 19.01 ? 145 ASP A CB  1 
ATOM   868  C CG  . ASP A 1 145 ? 20.149  5.282   -6.914  1.00 24.32 ? 145 ASP A CG  1 
ATOM   869  O OD1 . ASP A 1 145 ? 20.642  5.715   -5.848  1.00 25.51 ? 145 ASP A OD1 1 
ATOM   870  O OD2 . ASP A 1 145 ? 20.434  5.734   -8.028  1.00 29.35 ? 145 ASP A OD2 1 
ATOM   871  N N   . PHE A 1 146 ? 18.514  4.656   -3.344  1.00 17.64 ? 146 PHE A N   1 
ATOM   872  C CA  . PHE A 1 146 ? 17.729  5.563   -2.471  1.00 19.60 ? 146 PHE A CA  1 
ATOM   873  C C   . PHE A 1 146 ? 18.722  6.060   -1.458  1.00 19.73 ? 146 PHE A C   1 
ATOM   874  O O   . PHE A 1 146 ? 18.744  5.572   -0.318  1.00 19.52 ? 146 PHE A O   1 
ATOM   875  C CB  . PHE A 1 146 ? 16.563  4.777   -1.779  1.00 22.95 ? 146 PHE A CB  1 
ATOM   876  C CG  . PHE A 1 146 ? 15.523  5.680   -1.036  1.00 25.77 ? 146 PHE A CG  1 
ATOM   877  C CD1 . PHE A 1 146 ? 15.788  7.027   -0.719  1.00 27.39 ? 146 PHE A CD1 1 
ATOM   878  C CD2 . PHE A 1 146 ? 14.327  5.141   -0.569  1.00 32.01 ? 146 PHE A CD2 1 
ATOM   879  C CE1 . PHE A 1 146 ? 14.811  7.836   -0.061  1.00 26.99 ? 146 PHE A CE1 1 
ATOM   880  C CE2 . PHE A 1 146 ? 13.380  5.931   0.103   1.00 24.91 ? 146 PHE A CE2 1 
ATOM   881  C CZ  . PHE A 1 146 ? 13.636  7.273   0.375   1.00 29.80 ? 146 PHE A CZ  1 
ATOM   882  N N   . PRO A 1 147 ? 19.566  7.021   -1.863  1.00 19.06 ? 147 PRO A N   1 
ATOM   883  C CA  . PRO A 1 147 ? 20.753  7.341   -1.005  1.00 19.45 ? 147 PRO A CA  1 
ATOM   884  C C   . PRO A 1 147 ? 20.458  8.077   0.272   1.00 19.88 ? 147 PRO A C   1 
ATOM   885  O O   . PRO A 1 147 ? 21.363  8.153   1.105   1.00 22.45 ? 147 PRO A O   1 
ATOM   886  C CB  . PRO A 1 147 ? 21.698  8.137   -1.940  1.00 25.02 ? 147 PRO A CB  1 
ATOM   887  C CG  . PRO A 1 147 ? 20.747  8.788   -2.892  1.00 26.43 ? 147 PRO A CG  1 
ATOM   888  C CD  . PRO A 1 147 ? 19.539  7.868   -3.088  1.00 23.58 ? 147 PRO A CD  1 
ATOM   889  N N   . GLU A 1 148 ? 19.252  8.563   0.436   1.00 21.35 ? 148 GLU A N   1 
ATOM   890  C CA  . GLU A 1 148 ? 18.883  9.148   1.760   1.00 22.98 ? 148 GLU A CA  1 
ATOM   891  C C   . GLU A 1 148 ? 18.702  8.068   2.830   1.00 20.44 ? 148 GLU A C   1 
ATOM   892  O O   . GLU A 1 148 ? 18.756  8.396   4.051   1.00 19.14 ? 148 GLU A O   1 
ATOM   893  C CB  . GLU A 1 148 ? 17.607  9.947   1.617   1.00 26.68 ? 148 GLU A CB  1 
ATOM   894  C CG  . GLU A 1 148 ? 17.819  11.211  0.743   1.00 28.88 ? 148 GLU A CG  1 
ATOM   895  C CD  . GLU A 1 148 ? 17.829  10.892  -0.753  1.00 35.40 ? 148 GLU A CD  1 
ATOM   896  O OE1 . GLU A 1 148 ? 17.317  9.817   -1.145  1.00 32.23 ? 148 GLU A OE1 1 
ATOM   897  O OE2 . GLU A 1 148 ? 18.351  11.727  -1.530  1.00 39.98 ? 148 GLU A OE2 1 
ATOM   898  N N   . LEU A 1 149 ? 18.549  6.801   2.433   1.00 17.54 ? 149 LEU A N   1 
ATOM   899  C CA  . LEU A 1 149 ? 18.504  5.706   3.371   1.00 17.18 ? 149 LEU A CA  1 
ATOM   900  C C   . LEU A 1 149 ? 19.854  5.067   3.464   1.00 16.03 ? 149 LEU A C   1 
ATOM   901  O O   . LEU A 1 149 ? 20.704  5.256   2.595   1.00 17.90 ? 149 LEU A O   1 
ATOM   902  C CB  . LEU A 1 149 ? 17.451  4.668   2.946   1.00 18.91 ? 149 LEU A CB  1 
ATOM   903  C CG  . LEU A 1 149 ? 15.979  5.152   3.053   1.00 22.00 ? 149 LEU A CG  1 
ATOM   904  C CD1 . LEU A 1 149 ? 15.056  3.946   3.179   1.00 25.37 ? 149 LEU A CD1 1 
ATOM   905  C CD2 . LEU A 1 149 ? 15.723  6.024   4.283   1.00 25.78 ? 149 LEU A CD2 1 
ATOM   906  N N   . ASP A 1 150 ? 19.990  4.244   4.516   1.00 15.10 ? 150 ASP A N   1 
ATOM   907  C CA  . ASP A 1 150 ? 21.214  3.437   4.695   1.00 16.02 ? 150 ASP A CA  1 
ATOM   908  C C   . ASP A 1 150 ? 20.990  2.162   3.895   1.00 15.05 ? 150 ASP A C   1 
ATOM   909  O O   . ASP A 1 150 ? 20.223  1.260   4.291   1.00 14.39 ? 150 ASP A O   1 
ATOM   910  C CB  . ASP A 1 150 ? 21.359  3.236   6.192   1.00 14.76 ? 150 ASP A CB  1 
ATOM   911  C CG  . ASP A 1 150 ? 22.512  2.357   6.543   1.00 15.09 ? 150 ASP A CG  1 
ATOM   912  O OD1 . ASP A 1 150 ? 22.812  2.352   7.778   1.00 15.66 ? 150 ASP A OD1 1 
ATOM   913  O OD2 . ASP A 1 150 ? 23.105  1.649   5.717   1.00 16.15 ? 150 ASP A OD2 1 
ATOM   914  N N   . GLN A 1 151 ? 21.672  2.104   2.737   1.00 16.85 ? 151 GLN A N   1 
ATOM   915  C CA  . GLN A 1 151 ? 21.338  1.003   1.801   1.00 16.47 ? 151 GLN A CA  1 
ATOM   916  C C   . GLN A 1 151 ? 21.754  -0.372  2.294   1.00 15.36 ? 151 GLN A C   1 
ATOM   917  O O   . GLN A 1 151 ? 21.013  -1.319  2.182   1.00 15.43 ? 151 GLN A O   1 
ATOM   918  C CB  . GLN A 1 151 ? 22.018  1.228   0.434   1.00 22.24 ? 151 GLN A CB  1 
ATOM   919  C CG  . GLN A 1 151 ? 22.008  2.622   -0.147  1.00 33.53 ? 151 GLN A CG  1 
ATOM   920  C CD  . GLN A 1 151 ? 20.825  2.833   -1.036  1.00 38.78 ? 151 GLN A CD  1 
ATOM   921  O OE1 . GLN A 1 151 ? 19.753  2.270   -0.773  1.00 44.96 ? 151 GLN A OE1 1 
ATOM   922  N NE2 . GLN A 1 151 ? 21.005  3.608   -2.130  1.00 28.91 ? 151 GLN A NE2 1 
ATOM   923  N N   . ALA A 1 152 ? 22.969  -0.503  2.858   1.00 15.59 ? 152 ALA A N   1 
ATOM   924  C CA  . ALA A 1 152 ? 23.351  -1.792  3.326   1.00 14.83 ? 152 ALA A CA  1 
ATOM   925  C C   . ALA A 1 152 ? 22.438  -2.287  4.460   1.00 12.90 ? 152 ALA A C   1 
ATOM   926  O O   . ALA A 1 152 ? 22.105  -3.472  4.527   1.00 14.25 ? 152 ALA A O   1 
ATOM   927  C CB  . ALA A 1 152 ? 24.816  -1.841  3.817   1.00 17.18 ? 152 ALA A CB  1 
ATOM   928  N N   . ARG A 1 153 ? 22.073  -1.321  5.312   1.00 13.55 ? 153 ARG A N   1 
ATOM   929  C CA  . ARG A 1 153 ? 21.114  -1.616  6.410   1.00 13.46 ? 153 ARG A CA  1 
ATOM   930  C C   . ARG A 1 153 ? 19.737  -2.101  5.841   1.00 12.00 ? 153 ARG A C   1 
ATOM   931  O O   . ARG A 1 153 ? 19.153  -3.063  6.269   1.00 11.78 ? 153 ARG A O   1 
ATOM   932  C CB  . ARG A 1 153 ? 20.936  -0.349  7.244   1.00 12.90 ? 153 ARG A CB  1 
ATOM   933  C CG  . ARG A 1 153 ? 19.998  -0.568  8.379   1.00 12.60 ? 153 ARG A CG  1 
ATOM   934  C CD  . ARG A 1 153 ? 19.901  0.720   9.169   1.00 12.18 ? 153 ARG A CD  1 
ATOM   935  N NE  . ARG A 1 153 ? 18.751  0.668   10.084  1.00 12.03 ? 153 ARG A NE  1 
ATOM   936  C CZ  . ARG A 1 153 ? 18.288  1.712   10.779  1.00 13.47 ? 153 ARG A CZ  1 
ATOM   937  N NH1 . ARG A 1 153 ? 18.792  2.899   10.591  1.00 13.93 ? 153 ARG A NH1 1 
ATOM   938  N NH2 . ARG A 1 153 ? 17.263  1.530   11.585  1.00 13.08 ? 153 ARG A NH2 1 
ATOM   939  N N   . LEU A 1 154 ? 19.291  -1.353  4.847   1.00 11.55 ? 154 LEU A N   1 
ATOM   940  C CA  . LEU A 1 154 ? 18.008  -1.685  4.128   1.00 12.68 ? 154 LEU A CA  1 
ATOM   941  C C   . LEU A 1 154 ? 18.004  -3.151  3.585   1.00 14.15 ? 154 LEU A C   1 
ATOM   942  O O   . LEU A 1 154 ? 17.096  -3.929  3.798   1.00 13.81 ? 154 LEU A O   1 
ATOM   943  C CB  . LEU A 1 154 ? 17.803  -0.610  3.079   1.00 14.01 ? 154 LEU A CB  1 
ATOM   944  C CG  . LEU A 1 154 ? 16.369  -0.733  2.524   1.00 15.35 ? 154 LEU A CG  1 
ATOM   945  C CD1 . LEU A 1 154 ? 15.350  -0.079  3.456   1.00 15.33 ? 154 LEU A CD1 1 
ATOM   946  C CD2 . LEU A 1 154 ? 16.342  0.007   1.155   1.00 18.51 ? 154 LEU A CD2 1 
ATOM   947  N N   . GLU A 1 155 ? 19.146  -3.448  2.922   1.00 14.90 ? 155 GLU A N   1 
ATOM   948  C CA  . GLU A 1 155 ? 19.217  -4.790  2.350   1.00 17.76 ? 155 GLU A CA  1 
ATOM   949  C C   . GLU A 1 155 ? 19.267  -5.886  3.383   1.00 15.22 ? 155 GLU A C   1 
ATOM   950  O O   . GLU A 1 155 ? 18.717  -6.953  3.227   1.00 16.39 ? 155 GLU A O   1 
ATOM   951  C CB  . GLU A 1 155 ? 20.450  -4.884  1.450   1.00 20.10 ? 155 GLU A CB  1 
ATOM   952  C CG  . GLU A 1 155 ? 20.364  -3.963  0.211   1.00 25.49 ? 155 GLU A CG  1 
ATOM   953  C CD  . GLU A 1 155 ? 21.698  -3.675  -0.485  1.00 35.23 ? 155 GLU A CD  1 
ATOM   954  O OE1 . GLU A 1 155 ? 22.693  -4.406  -0.249  1.00 37.05 ? 155 GLU A OE1 1 
ATOM   955  O OE2 . GLU A 1 155 ? 21.749  -2.692  -1.274  1.00 35.33 ? 155 GLU A OE2 1 
ATOM   956  N N   . LYS A 1 156 ? 19.994  -5.647  4.501   1.00 14.31 ? 156 LYS A N   1 
ATOM   957  C CA  . LYS A 1 156 ? 20.004  -6.645  5.520   1.00 13.17 ? 156 LYS A CA  1 
ATOM   958  C C   . LYS A 1 156 ? 18.635  -6.898  6.094   1.00 11.10 ? 156 LYS A C   1 
ATOM   959  O O   . LYS A 1 156 ? 18.278  -8.020  6.415   1.00 13.51 ? 156 LYS A O   1 
ATOM   960  C CB  . LYS A 1 156 ? 21.049  -6.270  6.605   1.00 13.72 ? 156 LYS A CB  1 
ATOM   961  C CG  . LYS A 1 156 ? 21.157  -7.383  7.612   1.00 14.44 ? 156 LYS A CG  1 
ATOM   962  C CD  . LYS A 1 156 ? 22.112  -7.073  8.773   1.00 16.83 ? 156 LYS A CD  1 
ATOM   963  C CE  . LYS A 1 156 ? 23.502  -6.818  8.285   1.00 17.10 ? 156 LYS A CE  1 
ATOM   964  N NZ  . LYS A 1 156 ? 24.488  -6.775  9.443   1.00 17.86 ? 156 LYS A NZ  1 
ATOM   965  N N   . CYS A 1 157 ? 17.936  -5.795  6.382   1.00 12.43 ? 157 CYS A N   1 
ATOM   966  C CA  . CYS A 1 157 ? 16.606  -5.941  6.920   1.00 12.04 ? 157 CYS A CA  1 
ATOM   967  C C   . CYS A 1 157 ? 15.663  -6.736  5.942   1.00 12.56 ? 157 CYS A C   1 
ATOM   968  O O   . CYS A 1 157 ? 14.935  -7.610  6.407   1.00 13.12 ? 157 CYS A O   1 
ATOM   969  C CB  . CYS A 1 157 ? 16.081  -4.517  7.173   1.00 12.29 ? 157 CYS A CB  1 
ATOM   970  S SG  . CYS A 1 157 ? 14.276  -4.453  7.609   1.00 13.21 ? 157 CYS A SG  1 
ATOM   971  N N   . ALA A 1 158 ? 15.807  -6.454  4.646   1.00 13.66 ? 158 ALA A N   1 
ATOM   972  C CA  . ALA A 1 158 ? 14.935  -7.229  3.708   1.00 13.95 ? 158 ALA A CA  1 
ATOM   973  C C   . ALA A 1 158 ? 15.314  -8.682  3.740   1.00 17.12 ? 158 ALA A C   1 
ATOM   974  O O   . ALA A 1 158 ? 14.400  -9.541  3.661   1.00 19.00 ? 158 ALA A O   1 
ATOM   975  C CB  . ALA A 1 158 ? 15.034  -6.659  2.332   1.00 16.74 ? 158 ALA A CB  1 
ATOM   976  N N   . LYS A 1 159 ? 16.591  -9.016  3.895   1.00 15.24 ? 159 LYS A N   1 
ATOM   977  C CA  . LYS A 1 159 ? 17.012  -10.391 4.002   1.00 17.22 ? 159 LYS A CA  1 
ATOM   978  C C   . LYS A 1 159 ? 16.617  -11.092 5.295   1.00 18.12 ? 159 LYS A C   1 
ATOM   979  O O   . LYS A 1 159 ? 16.288  -12.300 5.322   1.00 20.21 ? 159 LYS A O   1 
ATOM   980  C CB  . LYS A 1 159 ? 18.556  -10.436 3.750   1.00 19.43 ? 159 LYS A CB  1 
ATOM   981  C CG  . LYS A 1 159 ? 19.184  -11.842 3.726   1.00 24.59 ? 159 LYS A CG  1 
ATOM   982  C CD  . LYS A 1 159 ? 20.671  -11.801 3.329   1.00 27.16 ? 159 LYS A CD  1 
ATOM   983  C CE  . LYS A 1 159 ? 21.615  -11.289 4.400   1.00 28.69 ? 159 LYS A CE  1 
ATOM   984  N NZ  . LYS A 1 159 ? 21.708  -12.141 5.622   1.00 32.27 ? 159 LYS A NZ  1 
ATOM   985  N N   . ASP A 1 160 ? 16.718  -10.394 6.431   1.00 15.81 ? 160 ASP A N   1 
ATOM   986  C CA  . ASP A 1 160 ? 16.750  -11.057 7.723   1.00 17.00 ? 160 ASP A CA  1 
ATOM   987  C C   . ASP A 1 160 ? 15.537  -10.818 8.595   1.00 15.51 ? 160 ASP A C   1 
ATOM   988  O O   . ASP A 1 160 ? 15.261  -11.614 9.459   1.00 17.90 ? 160 ASP A O   1 
ATOM   989  C CB  . ASP A 1 160 ? 17.980  -10.644 8.583   1.00 15.62 ? 160 ASP A CB  1 
ATOM   990  C CG  . ASP A 1 160 ? 19.285  -11.101 8.054   1.00 18.43 ? 160 ASP A CG  1 
ATOM   991  O OD1 . ASP A 1 160 ? 19.321  -11.937 7.115   1.00 20.91 ? 160 ASP A OD1 1 
ATOM   992  O OD2 . ASP A 1 160 ? 20.314  -10.608 8.568   1.00 19.08 ? 160 ASP A OD2 1 
ATOM   993  N N   . ASN A 1 161 ? 14.849  -9.684  8.444   1.00 14.24 ? 161 ASN A N   1 
ATOM   994  C CA  . ASN A 1 161 ? 13.857  -9.325  9.485   1.00 13.29 ? 161 ASN A CA  1 
ATOM   995  C C   . ASN A 1 161 ? 12.588  -10.127 9.246   1.00 13.47 ? 161 ASN A C   1 
ATOM   996  O O   . ASN A 1 161 ? 11.854  -9.954  8.253   1.00 14.65 ? 161 ASN A O   1 
ATOM   997  C CB  . ASN A 1 161 ? 13.621  -7.818  9.326   1.00 13.27 ? 161 ASN A CB  1 
ATOM   998  C CG  . ASN A 1 161 ? 12.710  -7.292  10.388  1.00 14.01 ? 161 ASN A CG  1 
ATOM   999  O OD1 . ASN A 1 161 ? 11.664  -7.913  10.700  1.00 13.27 ? 161 ASN A OD1 1 
ATOM   1000 N ND2 . ASN A 1 161 ? 13.061  -6.122  10.998  1.00 14.35 ? 161 ASN A ND2 1 
ATOM   1001 N N   . GLU A 1 162 ? 12.283  -11.007 10.203  1.00 15.84 ? 162 GLU A N   1 
ATOM   1002 C CA  . GLU A 1 162 ? 11.115  -11.880 10.089  1.00 15.31 ? 162 GLU A CA  1 
ATOM   1003 C C   . GLU A 1 162 ? 9.870   -11.204 10.542  1.00 14.86 ? 162 GLU A C   1 
ATOM   1004 O O   . GLU A 1 162 ? 8.789   -11.654 10.124  1.00 15.69 ? 162 GLU A O   1 
ATOM   1005 C CB  . GLU A 1 162 ? 11.326  -13.151 10.910  1.00 18.38 ? 162 GLU A CB  1 
ATOM   1006 C CG  . GLU A 1 162 ? 12.560  -13.948 10.480  1.00 26.60 ? 162 GLU A CG  1 
ATOM   1007 C CD  . GLU A 1 162 ? 12.717  -15.232 11.284  1.00 36.45 ? 162 GLU A CD  1 
ATOM   1008 O OE1 . GLU A 1 162 ? 13.438  -15.207 12.316  1.00 36.25 ? 162 GLU A OE1 1 
ATOM   1009 O OE2 . GLU A 1 162 ? 12.056  -16.230 10.926  1.00 39.88 ? 162 GLU A OE2 1 
ATOM   1010 N N   . LEU A 1 163 ? 9.958   -10.147 11.356  1.00 15.34 ? 163 LEU A N   1 
ATOM   1011 C CA  . LEU A 1 163 ? 8.753   -9.412  11.759  1.00 14.83 ? 163 LEU A CA  1 
ATOM   1012 C C   . LEU A 1 163 ? 8.111   -8.774  10.546  1.00 15.41 ? 163 LEU A C   1 
ATOM   1013 O O   . LEU A 1 163 ? 6.885   -8.897  10.334  1.00 15.43 ? 163 LEU A O   1 
ATOM   1014 C CB  . LEU A 1 163 ? 9.069   -8.447  12.852  1.00 15.65 ? 163 LEU A CB  1 
ATOM   1015 C CG  . LEU A 1 163 ? 9.596   -9.011  14.219  1.00 18.18 ? 163 LEU A CG  1 
ATOM   1016 C CD1 . LEU A 1 163 ? 9.936   -7.893  15.196  1.00 20.64 ? 163 LEU A CD1 1 
ATOM   1017 C CD2 . LEU A 1 163 ? 8.515   -9.842  14.869  1.00 22.08 ? 163 LEU A CD2 1 
ATOM   1018 N N   . ILE A 1 164 ? 8.955   -8.115  9.726   1.00 13.50 ? 164 ILE A N   1 
ATOM   1019 C CA  . ILE A 1 164 ? 8.391   -7.455  8.541   1.00 14.44 ? 164 ILE A CA  1 
ATOM   1020 C C   . ILE A 1 164 ? 7.862   -8.468  7.537   1.00 14.17 ? 164 ILE A C   1 
ATOM   1021 O O   . ILE A 1 164 ? 6.820   -8.287  6.878   1.00 15.21 ? 164 ILE A O   1 
ATOM   1022 C CB  . ILE A 1 164 ? 9.259   -6.347  7.935   1.00 14.15 ? 164 ILE A CB  1 
ATOM   1023 C CG1 . ILE A 1 164 ? 10.533  -6.912  7.489   1.00 14.98 ? 164 ILE A CG1 1 
ATOM   1024 C CG2 . ILE A 1 164 ? 9.393   -5.233  8.970   1.00 16.42 ? 164 ILE A CG2 1 
ATOM   1025 C CD1 . ILE A 1 164 ? 10.624  -7.202  5.980   1.00 17.78 ? 164 ILE A CD1 1 
ATOM   1026 N N   . ASP A 1 165 ? 8.562   -9.604  7.439   1.00 14.03 ? 165 ASP A N   1 
ATOM   1027 C CA  . ASP A 1 165 ? 8.151   -10.690 6.500   1.00 16.61 ? 165 ASP A CA  1 
ATOM   1028 C C   . ASP A 1 165 ? 6.793   -11.177 6.949   1.00 18.17 ? 165 ASP A C   1 
ATOM   1029 O O   . ASP A 1 165 ? 5.894   -11.354 6.059   1.00 17.19 ? 165 ASP A O   1 
ATOM   1030 C CB  . ASP A 1 165 ? 9.210   -11.830 6.567   1.00 20.70 ? 165 ASP A CB  1 
ATOM   1031 C CG  . ASP A 1 165 ? 8.864   -13.077 5.758   1.00 26.62 ? 165 ASP A CG  1 
ATOM   1032 O OD1 . ASP A 1 165 ? 8.882   -12.981 4.526   1.00 30.58 ? 165 ASP A OD1 1 
ATOM   1033 O OD2 . ASP A 1 165 ? 8.668   -14.154 6.403   1.00 32.68 ? 165 ASP A OD2 1 
ATOM   1034 N N   . SER A 1 166 ? 6.571   -11.330 8.247   1.00 16.54 ? 166 SER A N   1 
ATOM   1035 C CA  A SER A 1 166 ? 5.323   -11.794 8.832   0.50 19.23 ? 166 SER A CA  1 
ATOM   1036 C CA  B SER A 1 166 ? 5.317   -11.839 8.757   0.50 18.07 ? 166 SER A CA  1 
ATOM   1037 C C   . SER A 1 166 ? 4.234   -10.832 8.502   1.00 18.44 ? 166 SER A C   1 
ATOM   1038 O O   . SER A 1 166 ? 3.095   -11.253 8.195   1.00 18.64 ? 166 SER A O   1 
ATOM   1039 C CB  A SER A 1 166 ? 5.424   -11.802 10.338  0.50 21.22 ? 166 SER A CB  1 
ATOM   1040 C CB  B SER A 1 166 ? 5.388   -12.196 10.238  0.50 19.20 ? 166 SER A CB  1 
ATOM   1041 O OG  A SER A 1 166 ? 6.187   -12.893 10.796  0.50 25.92 ? 166 SER A OG  1 
ATOM   1042 O OG  B SER A 1 166 ? 5.249   -11.078 11.131  0.50 17.54 ? 166 SER A OG  1 
ATOM   1043 N N   . ASP A 1 167 ? 4.550   -9.511  8.534   1.00 15.99 ? 167 ASP A N   1 
ATOM   1044 C CA  . ASP A 1 167 ? 3.517   -8.519  8.348   1.00 16.57 ? 167 ASP A CA  1 
ATOM   1045 C C   . ASP A 1 167 ? 3.086   -8.532  6.891   1.00 14.58 ? 167 ASP A C   1 
ATOM   1046 O O   . ASP A 1 167 ? 1.874   -8.352  6.608   1.00 15.40 ? 167 ASP A O   1 
ATOM   1047 C CB  . ASP A 1 167 ? 4.022   -7.150  8.674   1.00 15.41 ? 167 ASP A CB  1 
ATOM   1048 C CG  . ASP A 1 167 ? 4.223   -6.959  10.180  1.00 17.29 ? 167 ASP A CG  1 
ATOM   1049 O OD1 . ASP A 1 167 ? 3.759   -7.844  10.926  1.00 21.38 ? 167 ASP A OD1 1 
ATOM   1050 O OD2 . ASP A 1 167 ? 4.867   -5.986  10.538  1.00 17.11 ? 167 ASP A OD2 1 
ATOM   1051 N N   . ILE A 1 168 ? 4.000   -8.704  5.974   1.00 13.92 ? 168 ILE A N   1 
ATOM   1052 C CA  . ILE A 1 168 ? 3.653   -8.872  4.556   1.00 13.22 ? 168 ILE A CA  1 
ATOM   1053 C C   . ILE A 1 168 ? 2.764   -10.087 4.339   1.00 14.66 ? 168 ILE A C   1 
ATOM   1054 O O   . ILE A 1 168 ? 1.715   -10.016 3.668   1.00 14.69 ? 168 ILE A O   1 
ATOM   1055 C CB  . ILE A 1 168 ? 4.900   -8.941  3.738   1.00 12.36 ? 168 ILE A CB  1 
ATOM   1056 C CG1 . ILE A 1 168 ? 5.598   -7.568  3.850   1.00 12.22 ? 168 ILE A CG1 1 
ATOM   1057 C CG2 . ILE A 1 168 ? 4.556   -9.255  2.271   1.00 13.44 ? 168 ILE A CG2 1 
ATOM   1058 C CD1 . ILE A 1 168 ? 7.041   -7.695  3.446   1.00 13.48 ? 168 ILE A CD1 1 
ATOM   1059 N N   . LYS A 1 169 ? 3.171   -11.226 4.894   1.00 15.95 ? 169 LYS A N   1 
ATOM   1060 C CA  A LYS A 1 169 ? 2.416   -12.458 4.817   0.50 16.37 ? 169 LYS A CA  1 
ATOM   1061 C CA  B LYS A 1 169 ? 2.420   -12.435 4.761   0.50 16.69 ? 169 LYS A CA  1 
ATOM   1062 C C   . LYS A 1 169 ? 1.041   -12.312 5.392   1.00 17.61 ? 169 LYS A C   1 
ATOM   1063 O O   . LYS A 1 169 ? 0.084   -12.876 4.810   1.00 16.52 ? 169 LYS A O   1 
ATOM   1064 C CB  A LYS A 1 169 ? 3.185   -13.601 5.503   0.50 17.41 ? 169 LYS A CB  1 
ATOM   1065 C CB  B LYS A 1 169 ? 3.264   -13.634 5.247   0.50 17.84 ? 169 LYS A CB  1 
ATOM   1066 C CG  A LYS A 1 169 ? 4.415   -14.045 4.720   0.50 19.16 ? 169 LYS A CG  1 
ATOM   1067 C CG  B LYS A 1 169 ? 4.151   -14.195 4.150   0.50 22.11 ? 169 LYS A CG  1 
ATOM   1068 C CD  A LYS A 1 169 ? 5.207   -15.129 5.458   0.50 22.15 ? 169 LYS A CD  1 
ATOM   1069 C CD  B LYS A 1 169 ? 4.790   -13.095 3.294   0.50 24.39 ? 169 LYS A CD  1 
ATOM   1070 C CE  A LYS A 1 169 ? 6.249   -15.804 4.585   0.50 22.33 ? 169 LYS A CE  1 
ATOM   1071 C CE  B LYS A 1 169 ? 5.443   -13.707 2.056   0.50 25.22 ? 169 LYS A CE  1 
ATOM   1072 N NZ  A LYS A 1 169 ? 7.325   -16.369 5.469   0.50 24.37 ? 169 LYS A NZ  1 
ATOM   1073 N NZ  B LYS A 1 169 ? 5.657   -12.917 0.813   0.50 20.26 ? 169 LYS A NZ  1 
ATOM   1074 N N   . LEU A 1 170 ? 0.858   -11.581 6.474   1.00 14.64 ? 170 LEU A N   1 
ATOM   1075 C CA  . LEU A 1 170 ? -0.428  -11.367 7.093   1.00 19.03 ? 170 LEU A CA  1 
ATOM   1076 C C   . LEU A 1 170 ? -1.338  -10.603 6.142   1.00 16.08 ? 170 LEU A C   1 
ATOM   1077 O O   . LEU A 1 170 ? -2.549  -10.925 6.004   1.00 15.20 ? 170 LEU A O   1 
ATOM   1078 C CB  . LEU A 1 170 ? -0.309  -10.574 8.414   1.00 20.38 ? 170 LEU A CB  1 
ATOM   1079 C CG  . LEU A 1 170 ? -1.628  -10.420 9.184   1.00 23.68 ? 170 LEU A CG  1 
ATOM   1080 C CD1 . LEU A 1 170 ? -2.198  -11.823 9.488   1.00 29.32 ? 170 LEU A CD1 1 
ATOM   1081 C CD2 . LEU A 1 170 ? -1.374  -9.650  10.477  1.00 26.31 ? 170 LEU A CD2 1 
ATOM   1082 N N   . ASP A 1 171 ? -0.834  -9.520  5.526   1.00 13.81 ? 171 ASP A N   1 
ATOM   1083 C CA  . ASP A 1 171 ? -1.676  -8.802  4.527   1.00 13.29 ? 171 ASP A CA  1 
ATOM   1084 C C   . ASP A 1 171 ? -2.091  -9.736  3.410   1.00 12.82 ? 171 ASP A C   1 
ATOM   1085 O O   . ASP A 1 171 ? -3.280  -9.705  3.030   1.00 13.06 ? 171 ASP A O   1 
ATOM   1086 C CB  . ASP A 1 171 ? -0.909  -7.647  3.901   1.00 13.82 ? 171 ASP A CB  1 
ATOM   1087 C CG  . ASP A 1 171 ? -0.824  -6.419  4.737   1.00 14.95 ? 171 ASP A CG  1 
ATOM   1088 O OD1 . ASP A 1 171 ? -1.580  -6.307  5.775   1.00 18.48 ? 171 ASP A OD1 1 
ATOM   1089 O OD2 . ASP A 1 171 ? -0.106  -5.455  4.310   1.00 12.45 ? 171 ASP A OD2 1 
ATOM   1090 N N   . ILE A 1 172 ? -1.203  -10.593 2.933   1.00 12.20 ? 172 ILE A N   1 
ATOM   1091 C CA  . ILE A 1 172 ? -1.524  -11.503 1.845   1.00 12.97 ? 172 ILE A CA  1 
ATOM   1092 C C   . ILE A 1 172 ? -2.595  -12.534 2.267   1.00 14.33 ? 172 ILE A C   1 
ATOM   1093 O O   . ILE A 1 172 ? -3.626  -12.784 1.596   1.00 14.68 ? 172 ILE A O   1 
ATOM   1094 C CB  . ILE A 1 172 ? -0.277  -12.270 1.399   1.00 13.14 ? 172 ILE A CB  1 
ATOM   1095 C CG1 . ILE A 1 172 ? 0.694   -11.288 0.736   1.00 13.63 ? 172 ILE A CG1 1 
ATOM   1096 C CG2 . ILE A 1 172 ? -0.665  -13.376 0.371   1.00 15.30 ? 172 ILE A CG2 1 
ATOM   1097 C CD1 . ILE A 1 172 ? 2.083   -11.976 0.638   1.00 14.98 ? 172 ILE A CD1 1 
ATOM   1098 N N   . ASP A 1 173 ? -2.458  -13.013 3.500   1.00 14.87 ? 173 ASP A N   1 
ATOM   1099 C CA  . ASP A 1 173 ? -3.403  -14.005 4.082   1.00 14.28 ? 173 ASP A CA  1 
ATOM   1100 C C   . ASP A 1 173 ? -4.751  -13.362 4.267   1.00 16.36 ? 173 ASP A C   1 
ATOM   1101 O O   . ASP A 1 173 ? -5.802  -13.996 3.917   1.00 16.67 ? 173 ASP A O   1 
ATOM   1102 C CB  . ASP A 1 173 ? -2.899  -14.525 5.461   1.00 16.40 ? 173 ASP A CB  1 
ATOM   1103 C CG  . ASP A 1 173 ? -1.703  -15.426 5.346   1.00 17.61 ? 173 ASP A CG  1 
ATOM   1104 O OD1 . ASP A 1 173 ? -1.281  -15.822 4.244   1.00 17.65 ? 173 ASP A OD1 1 
ATOM   1105 O OD2 . ASP A 1 173 ? -1.197  -15.622 6.478   1.00 22.49 ? 173 ASP A OD2 1 
ATOM   1106 N N   . ILE A 1 174 ? -4.826  -12.121 4.735   1.00 15.07 ? 174 ILE A N   1 
ATOM   1107 C CA  . ILE A 1 174 ? -6.084  -11.403 4.858   1.00 16.04 ? 174 ILE A CA  1 
ATOM   1108 C C   . ILE A 1 174 ? -6.715  -11.208 3.501   1.00 15.02 ? 174 ILE A C   1 
ATOM   1109 O O   . ILE A 1 174 ? -7.944  -11.441 3.303   1.00 14.97 ? 174 ILE A O   1 
ATOM   1110 C CB  . ILE A 1 174 ? -5.962  -10.094 5.616   1.00 16.33 ? 174 ILE A CB  1 
ATOM   1111 C CG1 . ILE A 1 174 ? -5.613  -10.388 7.078   1.00 18.56 ? 174 ILE A CG1 1 
ATOM   1112 C CG2 . ILE A 1 174 ? -7.208  -9.224  5.492   1.00 16.49 ? 174 ILE A CG2 1 
ATOM   1113 C CD1 . ILE A 1 174 ? -5.145  -9.167  7.788   1.00 21.71 ? 174 ILE A CD1 1 
ATOM   1114 N N   . ALA A 1 175 ? -5.898  -10.766 2.521   1.00 13.86 ? 175 ALA A N   1 
ATOM   1115 C CA  . ALA A 1 175 ? -6.403  -10.645 1.170   1.00 13.36 ? 175 ALA A CA  1 
ATOM   1116 C C   . ALA A 1 175 ? -7.037  -11.903 0.680   1.00 14.62 ? 175 ALA A C   1 
ATOM   1117 O O   . ALA A 1 175 ? -8.154  -11.864 0.127   1.00 13.88 ? 175 ALA A O   1 
ATOM   1118 C CB  . ALA A 1 175 ? -5.323  -10.114 0.230   1.00 13.76 ? 175 ALA A CB  1 
ATOM   1119 N N   . ARG A 1 176 ? -6.366  -13.035 0.838   1.00 14.25 ? 176 ARG A N   1 
ATOM   1120 C CA  . ARG A 1 176 ? -6.874  -14.296 0.331   1.00 15.26 ? 176 ARG A CA  1 
ATOM   1121 C C   . ARG A 1 176 ? -8.117  -14.697 1.094   1.00 14.05 ? 176 ARG A C   1 
ATOM   1122 O O   . ARG A 1 176 ? -9.070  -15.208 0.443   1.00 15.07 ? 176 ARG A O   1 
ATOM   1123 C CB  . ARG A 1 176 ? -5.769  -15.377 0.354   1.00 17.47 ? 176 ARG A CB  1 
ATOM   1124 C CG  . ARG A 1 176 ? -4.666  -15.035 -0.699  1.00 17.01 ? 176 ARG A CG  1 
ATOM   1125 C CD  . ARG A 1 176 ? -3.747  -16.209 -1.022  1.00 20.72 ? 176 ARG A CD  1 
ATOM   1126 N NE  . ARG A 1 176 ? -2.988  -16.506 0.187   1.00 19.72 ? 176 ARG A NE  1 
ATOM   1127 C CZ  . ARG A 1 176 ? -1.670  -16.742 0.283   1.00 18.70 ? 176 ARG A CZ  1 
ATOM   1128 N NH1 . ARG A 1 176 ? -0.874  -16.739 -0.827  1.00 18.93 ? 176 ARG A NH1 1 
ATOM   1129 N NH2 . ARG A 1 176 ? -1.194  -16.961 1.511   1.00 18.90 ? 176 ARG A NH2 1 
ATOM   1130 N N   . SER A 1 177 ? -8.194  -14.437 2.365   1.00 14.60 ? 177 SER A N   1 
ATOM   1131 C CA  . SER A 1 177 ? -9.409  -14.746 3.191   1.00 17.45 ? 177 SER A CA  1 
ATOM   1132 C C   . SER A 1 177 ? -10.569 -13.969 2.671   1.00 16.94 ? 177 SER A C   1 
ATOM   1133 O O   . SER A 1 177 ? -11.765 -14.366 2.848   1.00 20.12 ? 177 SER A O   1 
ATOM   1134 C CB  . SER A 1 177 ? -9.178  -14.430 4.685   1.00 18.26 ? 177 SER A CB  1 
ATOM   1135 O OG  . SER A 1 177 ? -9.347  -13.080 5.045   1.00 19.45 ? 177 SER A OG  1 
ATOM   1136 N N   . LYS A 1 178 ? -10.353 -12.803 2.059   1.00 16.42 ? 178 LYS A N   1 
ATOM   1137 C CA  . LYS A 1 178 ? -11.431 -11.921 1.540   1.00 16.01 ? 178 LYS A CA  1 
ATOM   1138 C C   . LYS A 1 178 ? -11.617 -12.250 0.080   1.00 15.51 ? 178 LYS A C   1 
ATOM   1139 O O   . LYS A 1 178 ? -12.435 -11.602 -0.580  1.00 17.20 ? 178 LYS A O   1 
ATOM   1140 C CB  . LYS A 1 178 ? -11.031 -10.452 1.680   1.00 16.62 ? 178 LYS A CB  1 
ATOM   1141 C CG  . LYS A 1 178 ? -11.071 -9.936  3.110   1.00 18.99 ? 178 LYS A CG  1 
ATOM   1142 C CD  . LYS A 1 178 ? -10.706 -8.459  3.036   1.00 24.10 ? 178 LYS A CD  1 
ATOM   1143 C CE  . LYS A 1 178 ? -10.442 -7.832  4.385   1.00 29.17 ? 178 LYS A CE  1 
ATOM   1144 N NZ  . LYS A 1 178 ? -11.716 -7.156  4.735   1.00 29.23 ? 178 LYS A NZ  1 
ATOM   1145 N N   . GLY A 1 179 ? -10.937 -13.222 -0.489  1.00 13.43 ? 179 GLY A N   1 
ATOM   1146 C CA  . GLY A 1 179 ? -11.169 -13.539 -1.900  1.00 13.33 ? 179 GLY A CA  1 
ATOM   1147 C C   . GLY A 1 179 ? -10.531 -12.547 -2.871  1.00 13.69 ? 179 GLY A C   1 
ATOM   1148 O O   . GLY A 1 179 ? -10.887 -12.539 -4.081  1.00 14.11 ? 179 GLY A O   1 
ATOM   1149 N N   . ILE A 1 180 ? -9.556  -11.797 -2.442  1.00 13.33 ? 180 ILE A N   1 
ATOM   1150 C CA  . ILE A 1 180 ? -8.875  -10.802 -3.302  1.00 12.94 ? 180 ILE A CA  1 
ATOM   1151 C C   . ILE A 1 180 ? -7.785  -11.503 -4.115  1.00 13.68 ? 180 ILE A C   1 
ATOM   1152 O O   . ILE A 1 180 ? -6.988  -12.314 -3.542  1.00 14.99 ? 180 ILE A O   1 
ATOM   1153 C CB  . ILE A 1 180 ? -8.221  -9.727  -2.405  1.00 13.66 ? 180 ILE A CB  1 
ATOM   1154 C CG1 . ILE A 1 180 ? -9.322  -8.949  -1.724  1.00 13.71 ? 180 ILE A CG1 1 
ATOM   1155 C CG2 . ILE A 1 180 ? -7.457  -8.702  -3.241  1.00 13.94 ? 180 ILE A CG2 1 
ATOM   1156 C CD1 . ILE A 1 180 ? -8.854  -7.833  -0.759  1.00 15.94 ? 180 ILE A CD1 1 
ATOM   1157 N N   . THR A 1 181 ? -7.765  -11.363 -5.405  1.00 12.67 ? 181 THR A N   1 
ATOM   1158 C CA  . THR A 1 181 ? -6.826  -12.088 -6.255  1.00 14.16 ? 181 THR A CA  1 
ATOM   1159 C C   . THR A 1 181 ? -5.990  -11.180 -7.121  1.00 14.97 ? 181 THR A C   1 
ATOM   1160 O O   . THR A 1 181 ? -5.077  -11.696 -7.785  1.00 19.12 ? 181 THR A O   1 
ATOM   1161 C CB  . THR A 1 181 ? -7.579  -13.090 -7.170  1.00 15.20 ? 181 THR A CB  1 
ATOM   1162 O OG1 . THR A 1 181 ? -8.159  -12.415 -8.256  1.00 16.78 ? 181 THR A OG1 1 
ATOM   1163 C CG2 . THR A 1 181 ? -8.628  -13.943 -6.466  1.00 15.82 ? 181 THR A CG2 1 
ATOM   1164 N N   . ALA A 1 182 ? -6.347  -9.893  -7.294  1.00 12.29 ? 182 ALA A N   1 
ATOM   1165 C CA  . ALA A 1 182 ? -5.693  -9.028  -8.295  1.00 12.19 ? 182 ALA A CA  1 
ATOM   1166 C C   . ALA A 1 182 ? -5.415  -7.685  -7.660  1.00 10.75 ? 182 ALA A C   1 
ATOM   1167 O O   . ALA A 1 182 ? -5.993  -7.356  -6.642  1.00 11.83 ? 182 ALA A O   1 
ATOM   1168 C CB  . ALA A 1 182 ? -6.524  -8.889  -9.584  1.00 14.35 ? 182 ALA A CB  1 
ATOM   1169 N N   . THR A 1 183 ? -4.515  -6.916  -8.287  1.00 10.72 ? 183 THR A N   1 
ATOM   1170 C CA  . THR A 1 183 ? -4.123  -5.610  -7.768  1.00 9.85  ? 183 THR A CA  1 
ATOM   1171 C C   . THR A 1 183 ? -4.259  -4.531  -8.768  1.00 10.10 ? 183 THR A C   1 
ATOM   1172 O O   . THR A 1 183 ? -4.131  -4.777  -10.008 1.00 11.08 ? 183 THR A O   1 
ATOM   1173 C CB  . THR A 1 183 ? -2.655  -5.594  -7.272  1.00 9.38  ? 183 THR A CB  1 
ATOM   1174 O OG1 . THR A 1 183 ? -1.811  -6.067  -8.318  1.00 10.62 ? 183 THR A OG1 1 
ATOM   1175 C CG2 . THR A 1 183 ? -2.458  -6.553  -6.058  1.00 11.02 ? 183 THR A CG2 1 
ATOM   1176 N N   . PRO A 1 184 ? -4.634  -3.339  -8.404  1.00 10.27 ? 184 PRO A N   1 
ATOM   1177 C CA  . PRO A 1 184 ? -5.022  -2.951  -7.024  1.00 10.12 ? 184 PRO A CA  1 
ATOM   1178 C C   . PRO A 1 184 ? -6.426  -3.391  -6.708  1.00 9.75  ? 184 PRO A C   1 
ATOM   1179 O O   . PRO A 1 184 ? -7.342  -3.453  -7.609  1.00 10.90 ? 184 PRO A O   1 
ATOM   1180 C CB  . PRO A 1 184 ? -4.970  -1.400  -7.088  1.00 10.34 ? 184 PRO A CB  1 
ATOM   1181 C CG  . PRO A 1 184 ? -5.355  -1.092  -8.549  1.00 12.34 ? 184 PRO A CG  1 
ATOM   1182 C CD  . PRO A 1 184 ? -4.685  -2.171  -9.337  1.00 10.80 ? 184 PRO A CD  1 
ATOM   1183 N N   . THR A 1 185 ? -6.664  -3.758  -5.483  1.00 10.40 ? 185 THR A N   1 
ATOM   1184 C CA  . THR A 1 185 ? -8.061  -3.962  -4.987  1.00 9.27  ? 185 THR A CA  1 
ATOM   1185 C C   . THR A 1 185 ? -8.159  -3.097  -3.746  1.00 10.51 ? 185 THR A C   1 
ATOM   1186 O O   . THR A 1 185 ? -7.208  -3.010  -2.941  1.00 10.44 ? 185 THR A O   1 
ATOM   1187 C CB  . THR A 1 185 ? -8.312  -5.404  -4.609  1.00 10.91 ? 185 THR A CB  1 
ATOM   1188 O OG1 . THR A 1 185 ? -8.342  -6.175  -5.813  1.00 11.06 ? 185 THR A OG1 1 
ATOM   1189 C CG2 . THR A 1 185 ? -9.696  -5.590  -3.921  1.00 10.97 ? 185 THR A CG2 1 
ATOM   1190 N N   . LEU A 1 186 ? -9.255  -2.370  -3.626  1.00 10.29 ? 186 LEU A N   1 
ATOM   1191 C CA  . LEU A 1 186 ? -9.511  -1.491  -2.457  1.00 9.93  ? 186 LEU A CA  1 
ATOM   1192 C C   . LEU A 1 186 ? -10.468 -2.105  -1.484  1.00 10.01 ? 186 LEU A C   1 
ATOM   1193 O O   . LEU A 1 186 ? -11.456 -2.653  -1.939  1.00 11.21 ? 186 LEU A O   1 
ATOM   1194 C CB  . LEU A 1 186 ? -10.025 -0.133  -2.929  1.00 10.17 ? 186 LEU A CB  1 
ATOM   1195 C CG  . LEU A 1 186 ? -9.241  0.503   -4.053  1.00 10.52 ? 186 LEU A CG  1 
ATOM   1196 C CD1 . LEU A 1 186 ? -9.848  1.917   -4.335  1.00 12.09 ? 186 LEU A CD1 1 
ATOM   1197 C CD2 . LEU A 1 186 ? -7.742  0.625   -3.714  1.00 11.84 ? 186 LEU A CD2 1 
ATOM   1198 N N   . VAL A 1 187 ? -10.176 -1.940  -0.222  1.00 9.95  ? 187 VAL A N   1 
ATOM   1199 C CA  . VAL A 1 187 ? -11.192 -2.193  0.829   1.00 11.32 ? 187 VAL A CA  1 
ATOM   1200 C C   . VAL A 1 187 ? -11.340 -0.828  1.506   1.00 10.48 ? 187 VAL A C   1 
ATOM   1201 O O   . VAL A 1 187 ? -10.396 -0.409  2.182   1.00 9.75  ? 187 VAL A O   1 
ATOM   1202 C CB  . VAL A 1 187 ? -10.791 -3.312  1.796   1.00 11.14 ? 187 VAL A CB  1 
ATOM   1203 C CG1 . VAL A 1 187 ? -11.862 -3.375  2.933   1.00 13.90 ? 187 VAL A CG1 1 
ATOM   1204 C CG2 . VAL A 1 187 ? -10.707 -4.652  1.097   1.00 12.22 ? 187 VAL A CG2 1 
ATOM   1205 N N   . ILE A 1 188 ? -12.524 -0.212  1.367   1.00 11.09 ? 188 ILE A N   1 
ATOM   1206 C CA  . ILE A 1 188 ? -12.725 1.118   1.963   1.00 10.82 ? 188 ILE A CA  1 
ATOM   1207 C C   . ILE A 1 188 ? -13.518 0.887   3.237   1.00 11.28 ? 188 ILE A C   1 
ATOM   1208 O O   . ILE A 1 188 ? -14.588 0.324   3.191   1.00 11.25 ? 188 ILE A O   1 
ATOM   1209 C CB  . ILE A 1 188 ? -13.480 2.044   1.026   1.00 12.23 ? 188 ILE A CB  1 
ATOM   1210 C CG1 . ILE A 1 188 ? -12.779 2.139   -0.345  1.00 13.23 ? 188 ILE A CG1 1 
ATOM   1211 C CG2 . ILE A 1 188 ? -13.671 3.414   1.728   1.00 13.17 ? 188 ILE A CG2 1 
ATOM   1212 C CD1 . ILE A 1 188 ? -13.435 3.086   -1.346  1.00 18.32 ? 188 ILE A CD1 1 
ATOM   1213 N N   . ARG A 1 189 ? -12.952 1.284   4.383   1.00 11.82 ? 189 ARG A N   1 
ATOM   1214 C CA  . ARG A 1 189 ? -13.560 1.083   5.693   1.00 13.53 ? 189 ARG A CA  1 
ATOM   1215 C C   . ARG A 1 189 ? -14.048 2.446   6.186   1.00 13.39 ? 189 ARG A C   1 
ATOM   1216 O O   . ARG A 1 189 ? -13.329 3.458   6.171   1.00 13.48 ? 189 ARG A O   1 
ATOM   1217 C CB  . ARG A 1 189 ? -12.535 0.490   6.601   1.00 15.81 ? 189 ARG A CB  1 
ATOM   1218 C CG  . ARG A 1 189 ? -13.128 0.275   8.025   1.00 18.87 ? 189 ARG A CG  1 
ATOM   1219 C CD  . ARG A 1 189 ? -12.300 -0.628  8.880   1.00 24.69 ? 189 ARG A CD  1 
ATOM   1220 N NE  . ARG A 1 189 ? -11.983 -1.851  8.130   1.00 32.02 ? 189 ARG A NE  1 
ATOM   1221 C CZ  . ARG A 1 189 ? -12.783 -2.881  7.855   1.00 37.16 ? 189 ARG A CZ  1 
ATOM   1222 N NH1 . ARG A 1 189 ? -14.040 -2.934  8.297   1.00 42.11 ? 189 ARG A NH1 1 
ATOM   1223 N NH2 . ARG A 1 189 ? -12.287 -3.913  7.133   1.00 37.45 ? 189 ARG A NH2 1 
ATOM   1224 N N   . ASP A 1 190 ? -15.255 2.465   6.784   1.00 13.51 ? 190 ASP A N   1 
ATOM   1225 C CA  . ASP A 1 190 ? -15.712 3.608   7.578   1.00 13.04 ? 190 ASP A CA  1 
ATOM   1226 C C   . ASP A 1 190 ? -15.312 3.391   9.047   1.00 12.34 ? 190 ASP A C   1 
ATOM   1227 O O   . ASP A 1 190 ? -15.705 2.422   9.667   1.00 13.78 ? 190 ASP A O   1 
ATOM   1228 C CB  . ASP A 1 190 ? -17.260 3.632   7.449   1.00 13.94 ? 190 ASP A CB  1 
ATOM   1229 C CG  . ASP A 1 190 ? -17.890 4.809   8.103   1.00 14.18 ? 190 ASP A CG  1 
ATOM   1230 O OD1 . ASP A 1 190 ? -17.320 5.314   9.130   1.00 16.24 ? 190 ASP A OD1 1 
ATOM   1231 O OD2 . ASP A 1 190 ? -18.881 5.322   7.609   1.00 14.14 ? 190 ASP A OD2 1 
ATOM   1232 N N   . ASN A 1 191 ? -14.346 4.224   9.476   1.00 13.34 ? 191 ASN A N   1 
ATOM   1233 C CA  . ASN A 1 191 ? -13.760 4.062   10.802  1.00 15.08 ? 191 ASN A CA  1 
ATOM   1234 C C   . ASN A 1 191 ? -14.763 4.375   11.947  1.00 15.28 ? 191 ASN A C   1 
ATOM   1235 O O   . ASN A 1 191 ? -14.454 4.049   13.103  1.00 20.87 ? 191 ASN A O   1 
ATOM   1236 C CB  . ASN A 1 191 ? -12.504 4.920   10.880  1.00 15.61 ? 191 ASN A CB  1 
ATOM   1237 C CG  . ASN A 1 191 ? -11.425 4.430   9.922   1.00 15.33 ? 191 ASN A CG  1 
ATOM   1238 O OD1 . ASN A 1 191 ? -10.837 5.260   9.232   1.00 17.31 ? 191 ASN A OD1 1 
ATOM   1239 N ND2 . ASN A 1 191 ? -11.163 3.148   9.958   1.00 16.42 ? 191 ASN A ND2 1 
ATOM   1240 N N   . GLN A 1 192 ? -15.841 5.042   11.630  1.00 14.13 ? 192 GLN A N   1 
ATOM   1241 C CA  . GLN A 1 192 ? -16.897 5.372   12.627  1.00 14.92 ? 192 GLN A CA  1 
ATOM   1242 C C   . GLN A 1 192 ? -17.783 4.173   12.845  1.00 15.95 ? 192 GLN A C   1 
ATOM   1243 O O   . GLN A 1 192 ? -18.254 3.931   13.995  1.00 18.70 ? 192 GLN A O   1 
ATOM   1244 C CB  . GLN A 1 192 ? -17.639 6.592   12.153  1.00 17.39 ? 192 GLN A CB  1 
ATOM   1245 C CG  . GLN A 1 192 ? -18.693 7.140   13.158  1.00 21.87 ? 192 GLN A CG  1 
ATOM   1246 C CD  . GLN A 1 192 ? -19.339 8.354   12.511  1.00 21.55 ? 192 GLN A CD  1 
ATOM   1247 O OE1 . GLN A 1 192 ? -18.676 9.340   12.279  1.00 26.08 ? 192 GLN A OE1 1 
ATOM   1248 N NE2 . GLN A 1 192 ? -20.639 8.244   12.152  1.00 26.22 ? 192 GLN A NE2 1 
ATOM   1249 N N   . THR A 1 193 ? -18.089 3.389   11.818  1.00 12.74 ? 193 THR A N   1 
ATOM   1250 C CA  . THR A 1 193 ? -19.126 2.319   11.922  1.00 13.66 ? 193 THR A CA  1 
ATOM   1251 C C   . THR A 1 193 ? -18.534 0.932   11.812  1.00 14.50 ? 193 THR A C   1 
ATOM   1252 O O   . THR A 1 193 ? -19.235 -0.045  12.123  1.00 15.11 ? 193 THR A O   1 
ATOM   1253 C CB  . THR A 1 193 ? -20.177 2.471   10.791  1.00 13.08 ? 193 THR A CB  1 
ATOM   1254 O OG1 . THR A 1 193 ? -19.484 2.136   9.554   1.00 13.65 ? 193 THR A OG1 1 
ATOM   1255 C CG2 . THR A 1 193 ? -20.742 3.810   10.688  1.00 12.86 ? 193 THR A CG2 1 
ATOM   1256 N N   . GLY A 1 194 ? -17.320 0.821   11.293  1.00 15.32 ? 194 GLY A N   1 
ATOM   1257 C CA  . GLY A 1 194 ? -16.773 -0.470  11.028  1.00 16.29 ? 194 GLY A CA  1 
ATOM   1258 C C   . GLY A 1 194 ? -17.157 -1.110  9.690   1.00 15.53 ? 194 GLY A C   1 
ATOM   1259 O O   . GLY A 1 194 ? -16.586 -2.156  9.370   1.00 16.95 ? 194 GLY A O   1 
ATOM   1260 N N   . ARG A 1 195 ? -18.092 -0.528  8.935   1.00 14.24 ? 195 ARG A N   1 
ATOM   1261 C CA  . ARG A 1 195 ? -18.525 -1.148  7.711   1.00 13.41 ? 195 ARG A CA  1 
ATOM   1262 C C   . ARG A 1 195 ? -17.402 -0.947  6.652   1.00 13.59 ? 195 ARG A C   1 
ATOM   1263 O O   . ARG A 1 195 ? -16.690 0.086   6.632   1.00 13.56 ? 195 ARG A O   1 
ATOM   1264 C CB  . ARG A 1 195 ? -19.787 -0.386  7.293   1.00 14.00 ? 195 ARG A CB  1 
ATOM   1265 C CG  . ARG A 1 195 ? -20.587 -0.994  6.168   1.00 14.98 ? 195 ARG A CG  1 
ATOM   1266 C CD  . ARG A 1 195 ? -21.819 -0.198  5.864   1.00 16.25 ? 195 ARG A CD  1 
ATOM   1267 N NE  . ARG A 1 195 ? -22.661 -0.891  4.941   1.00 16.25 ? 195 ARG A NE  1 
ATOM   1268 C CZ  . ARG A 1 195 ? -23.724 -0.300  4.458   1.00 19.23 ? 195 ARG A CZ  1 
ATOM   1269 N NH1 . ARG A 1 195 ? -24.107 0.939   4.835   1.00 17.01 ? 195 ARG A NH1 1 
ATOM   1270 N NH2 . ARG A 1 195 ? -24.526 -1.057  3.670   1.00 22.20 ? 195 ARG A NH2 1 
ATOM   1271 N N   . SER A 1 196 ? -17.338 -1.901  5.727   1.00 11.87 ? 196 SER A N   1 
ATOM   1272 C CA  . SER A 1 196 ? -16.363 -1.782  4.609   1.00 12.62 ? 196 SER A CA  1 
ATOM   1273 C C   . SER A 1 196 ? -16.945 -2.281  3.324   1.00 12.60 ? 196 SER A C   1 
ATOM   1274 O O   . SER A 1 196 ? -17.977 -2.930  3.302   1.00 13.38 ? 196 SER A O   1 
ATOM   1275 C CB  . SER A 1 196 ? -15.105 -2.542  4.920   1.00 13.11 ? 196 SER A CB  1 
ATOM   1276 O OG  . SER A 1 196 ? -15.324 -3.945  4.967   1.00 17.41 ? 196 SER A OG  1 
ATOM   1277 N N   . VAL A 1 197 ? -16.314 -1.870  2.229   1.00 11.02 ? 197 VAL A N   1 
ATOM   1278 C CA  . VAL A 1 197 ? -16.720 -2.314  0.916   1.00 10.71 ? 197 VAL A CA  1 
ATOM   1279 C C   . VAL A 1 197 ? -15.475 -2.550  0.071   1.00 11.71 ? 197 VAL A C   1 
ATOM   1280 O O   . VAL A 1 197 ? -14.502 -1.783  0.112   1.00 12.17 ? 197 VAL A O   1 
ATOM   1281 C CB  . VAL A 1 197 ? -17.667 -1.294  0.282   1.00 12.15 ? 197 VAL A CB  1 
ATOM   1282 C CG1 . VAL A 1 197 ? -17.049 0.091   0.033   1.00 13.34 ? 197 VAL A CG1 1 
ATOM   1283 C CG2 . VAL A 1 197 ? -18.185 -1.748  -1.071  1.00 13.60 ? 197 VAL A CG2 1 
ATOM   1284 N N   . LYS A 1 198 ? -15.508 -3.570  -0.770  1.00 11.63 ? 198 LYS A N   1 
ATOM   1285 C CA  . LYS A 1 198 ? -14.365 -3.932  -1.622  1.00 12.00 ? 198 LYS A CA  1 
ATOM   1286 C C   . LYS A 1 198 ? -14.645 -3.466  -3.038  1.00 12.06 ? 198 LYS A C   1 
ATOM   1287 O O   . LYS A 1 198 ? -15.789 -3.630  -3.622  1.00 13.67 ? 198 LYS A O   1 
ATOM   1288 C CB  . LYS A 1 198 ? -14.208 -5.432  -1.537  1.00 13.48 ? 198 LYS A CB  1 
ATOM   1289 C CG  . LYS A 1 198 ? -13.006 -5.856  -2.353  1.00 15.34 ? 198 LYS A CG  1 
ATOM   1290 C CD  . LYS A 1 198 ? -12.943 -7.333  -2.704  1.00 17.25 ? 198 LYS A CD  1 
ATOM   1291 C CE  . LYS A 1 198 ? -13.127 -8.278  -1.558  1.00 16.15 ? 198 LYS A CE  1 
ATOM   1292 N NZ  . LYS A 1 198 ? -13.671 -9.655  -1.983  1.00 17.36 ? 198 LYS A NZ  1 
ATOM   1293 N N   . LEU A 1 199 ? -13.650 -2.979  -3.734  1.00 11.92 ? 199 LEU A N   1 
ATOM   1294 C CA  . LEU A 1 199 ? -13.748 -2.568  -5.131  1.00 11.45 ? 199 LEU A CA  1 
ATOM   1295 C C   . LEU A 1 199 ? -12.516 -3.141  -5.793  1.00 10.18 ? 199 LEU A C   1 
ATOM   1296 O O   . LEU A 1 199 ? -11.387 -2.877  -5.405  1.00 10.44 ? 199 LEU A O   1 
ATOM   1297 C CB  . LEU A 1 199 ? -13.689 -1.060  -5.311  1.00 14.44 ? 199 LEU A CB  1 
ATOM   1298 C CG  . LEU A 1 199 ? -14.598 -0.161  -4.432  1.00 14.89 ? 199 LEU A CG  1 
ATOM   1299 C CD1 . LEU A 1 199 ? -14.167 1.289   -4.491  1.00 17.87 ? 199 LEU A CD1 1 
ATOM   1300 C CD2 . LEU A 1 199 ? -15.980 -0.309  -5.033  1.00 17.55 ? 199 LEU A CD2 1 
ATOM   1301 N N   . GLU A 1 200 ? -12.691 -3.889  -6.865  1.00 11.15 ? 200 GLU A N   1 
ATOM   1302 C CA  . GLU A 1 200 ? -11.558 -4.431  -7.632  1.00 12.53 ? 200 GLU A CA  1 
ATOM   1303 C C   . GLU A 1 200 ? -11.216 -3.502  -8.706  1.00 13.71 ? 200 GLU A C   1 
ATOM   1304 O O   . GLU A 1 200 ? -12.140 -3.272  -9.513  1.00 15.67 ? 200 GLU A O   1 
ATOM   1305 C CB  . GLU A 1 200 ? -11.858 -5.860  -8.142  1.00 14.06 ? 200 GLU A CB  1 
ATOM   1306 C CG  . GLU A 1 200 ? -10.603 -6.383  -8.996  1.00 13.73 ? 200 GLU A CG  1 
ATOM   1307 C CD  . GLU A 1 200 ? -10.559 -7.905  -9.145  1.00 13.44 ? 200 GLU A CD  1 
ATOM   1308 O OE1 . GLU A 1 200 ? -11.035 -8.637  -8.223  1.00 14.68 ? 200 GLU A OE1 1 
ATOM   1309 O OE2 . GLU A 1 200 ? -10.167 -8.250  -10.301 1.00 16.36 ? 200 GLU A OE2 1 
ATOM   1310 N N   . GLY A 1 201 ? -9.939  -3.118  -8.862  1.00 13.29 ? 201 GLY A N   1 
ATOM   1311 C CA  . GLY A 1 201 ? -9.497  -2.268  -10.007 1.00 14.97 ? 201 GLY A CA  1 
ATOM   1312 C C   . GLY A 1 201 ? -9.148  -0.870  -9.608  1.00 12.06 ? 201 GLY A C   1 
ATOM   1313 O O   . GLY A 1 201 ? -9.061  -0.474  -8.416  1.00 13.04 ? 201 GLY A O   1 
ATOM   1314 N N   . MET A 1 202 ? -8.747  -0.151  -10.660 1.00 13.16 ? 202 MET A N   1 
ATOM   1315 C CA  . MET A 1 202 ? -8.353  1.254   -10.598 1.00 14.20 ? 202 MET A CA  1 
ATOM   1316 C C   . MET A 1 202 ? -9.541  2.168   -10.437 1.00 13.69 ? 202 MET A C   1 
ATOM   1317 O O   . MET A 1 202 ? -9.895  2.952   -11.374 1.00 16.22 ? 202 MET A O   1 
ATOM   1318 C CB  . MET A 1 202 ? -7.439  1.683   -11.756 1.00 13.34 ? 202 MET A CB  1 
ATOM   1319 C CG  . MET A 1 202 ? -6.159  0.839   -11.798 1.00 13.93 ? 202 MET A CG  1 
ATOM   1320 S SD  . MET A 1 202 ? -5.071  1.364   -13.173 1.00 17.14 ? 202 MET A SD  1 
ATOM   1321 C CE  . MET A 1 202 ? -6.135  1.166   -14.548 1.00 20.54 ? 202 MET A CE  1 
ATOM   1322 N N   . ALA A 1 203 ? -10.142 2.206   -9.258  1.00 13.36 ? 203 ALA A N   1 
ATOM   1323 C CA  . ALA A 1 203 ? -11.391 2.963   -9.043  1.00 14.19 ? 203 ALA A CA  1 
ATOM   1324 C C   . ALA A 1 203 ? -11.156 4.452   -9.290  1.00 14.62 ? 203 ALA A C   1 
ATOM   1325 O O   . ALA A 1 203 ? -10.316 5.072   -8.619  1.00 15.76 ? 203 ALA A O   1 
ATOM   1326 C CB  . ALA A 1 203 ? -11.847 2.730   -7.605  1.00 13.74 ? 203 ALA A CB  1 
ATOM   1327 N N   . ASP A 1 204 ? -12.034 5.043   -10.136 1.00 15.15 ? 204 ASP A N   1 
ATOM   1328 C CA  . ASP A 1 204 ? -12.027 6.448   -10.466 1.00 15.22 ? 204 ASP A CA  1 
ATOM   1329 C C   . ASP A 1 204 ? -12.808 7.247   -9.443  1.00 15.75 ? 204 ASP A C   1 
ATOM   1330 O O   . ASP A 1 204 ? -13.273 6.710   -8.422  1.00 15.37 ? 204 ASP A O   1 
ATOM   1331 C CB  . ASP A 1 204 ? -12.563 6.741   -11.894 1.00 14.81 ? 204 ASP A CB  1 
ATOM   1332 C CG  . ASP A 1 204 ? -13.945 6.364   -12.100 1.00 18.64 ? 204 ASP A CG  1 
ATOM   1333 O OD1 . ASP A 1 204 ? -14.766 6.308   -11.194 1.00 16.99 ? 204 ASP A OD1 1 
ATOM   1334 O OD2 . ASP A 1 204 ? -14.333 5.991   -13.244 1.00 25.66 ? 204 ASP A OD2 1 
ATOM   1335 N N   . GLU A 1 205 ? -12.837 8.563   -9.556  1.00 15.85 ? 205 GLU A N   1 
ATOM   1336 C CA  . GLU A 1 205 ? -13.444 9.334   -8.474  1.00 15.45 ? 205 GLU A CA  1 
ATOM   1337 C C   . GLU A 1 205 ? -14.899 8.974   -8.304  1.00 14.21 ? 205 GLU A C   1 
ATOM   1338 O O   . GLU A 1 205 ? -15.357 8.992   -7.147  1.00 13.87 ? 205 GLU A O   1 
ATOM   1339 C CB  . GLU A 1 205 ? -13.276 10.833  -8.653  1.00 17.56 ? 205 GLU A CB  1 
ATOM   1340 C CG  . GLU A 1 205 ? -13.957 11.419  -9.867  1.00 26.79 ? 205 GLU A CG  1 
ATOM   1341 C CD  . GLU A 1 205 ? -13.632 12.914  -10.081 1.00 32.66 ? 205 GLU A CD  1 
ATOM   1342 O OE1 . GLU A 1 205 ? -12.940 13.587  -9.214  1.00 31.73 ? 205 GLU A OE1 1 
ATOM   1343 O OE2 . GLU A 1 205 ? -14.120 13.429  -11.123 1.00 44.18 ? 205 GLU A OE2 1 
ATOM   1344 N N   . THR A 1 206 ? -15.639 8.670   -9.373  1.00 12.85 ? 206 THR A N   1 
ATOM   1345 C CA  . THR A 1 206 ? -17.055 8.363   -9.268  1.00 13.32 ? 206 THR A CA  1 
ATOM   1346 C C   . THR A 1 206 ? -17.262 7.077   -8.438  1.00 12.93 ? 206 THR A C   1 
ATOM   1347 O O   . THR A 1 206 ? -18.186 6.915   -7.634  1.00 12.47 ? 206 THR A O   1 
ATOM   1348 C CB  . THR A 1 206 ? -17.693 8.213   -10.609 1.00 14.36 ? 206 THR A CB  1 
ATOM   1349 O OG1 . THR A 1 206 ? -17.364 9.425   -11.322 1.00 16.00 ? 206 THR A OG1 1 
ATOM   1350 C CG2 . THR A 1 206 ? -19.212 7.959   -10.491 1.00 16.79 ? 206 THR A CG2 1 
ATOM   1351 N N   . THR A 1 207 ? -16.415 6.080   -8.724  1.00 11.96 ? 207 THR A N   1 
ATOM   1352 C CA  . THR A 1 207 ? -16.388 4.831   -8.002  1.00 11.99 ? 207 THR A CA  1 
ATOM   1353 C C   . THR A 1 207 ? -16.091 5.072   -6.505  1.00 11.39 ? 207 THR A C   1 
ATOM   1354 O O   . THR A 1 207 ? -16.794 4.510   -5.631  1.00 11.39 ? 207 THR A O   1 
ATOM   1355 C CB  . THR A 1 207 ? -15.440 3.849   -8.681  1.00 12.81 ? 207 THR A CB  1 
ATOM   1356 O OG1 . THR A 1 207 ? -15.919 3.673   -10.044 1.00 15.39 ? 207 THR A OG1 1 
ATOM   1357 C CG2 . THR A 1 207 ? -15.455 2.527   -7.919  1.00 14.11 ? 207 THR A CG2 1 
ATOM   1358 N N   . LEU A 1 208 ? -15.090 5.868   -6.184  1.00 11.01 ? 208 LEU A N   1 
ATOM   1359 C CA  . LEU A 1 208 ? -14.756 6.112   -4.815  1.00 10.21 ? 208 LEU A CA  1 
ATOM   1360 C C   . LEU A 1 208 ? -15.921 6.811   -4.099  1.00 11.22 ? 208 LEU A C   1 
ATOM   1361 O O   . LEU A 1 208 ? -16.287 6.464   -2.974  1.00 11.53 ? 208 LEU A O   1 
ATOM   1362 C CB  . LEU A 1 208 ? -13.493 6.977   -4.690  1.00 12.89 ? 208 LEU A CB  1 
ATOM   1363 C CG  . LEU A 1 208 ? -12.211 6.281   -5.171  1.00 11.87 ? 208 LEU A CG  1 
ATOM   1364 C CD1 . LEU A 1 208 ? -11.044 7.229   -5.099  1.00 14.83 ? 208 LEU A CD1 1 
ATOM   1365 C CD2 . LEU A 1 208 ? -11.874 5.017   -4.428  1.00 13.76 ? 208 LEU A CD2 1 
ATOM   1366 N N   . LEU A 1 209 ? -16.436 7.870   -4.725  1.00 11.29 ? 209 LEU A N   1 
ATOM   1367 C CA  . LEU A 1 209 ? -17.545 8.633   -4.092  1.00 11.88 ? 209 LEU A CA  1 
ATOM   1368 C C   . LEU A 1 209 ? -18.727 7.771   -3.888  1.00 10.86 ? 209 LEU A C   1 
ATOM   1369 O O   . LEU A 1 209 ? -19.449 7.854   -2.875  1.00 10.96 ? 209 LEU A O   1 
ATOM   1370 C CB  . LEU A 1 209 ? -17.950 9.851   -4.967  1.00 12.16 ? 209 LEU A CB  1 
ATOM   1371 C CG  . LEU A 1 209 ? -16.880 10.951  -5.024  1.00 12.14 ? 209 LEU A CG  1 
ATOM   1372 C CD1 . LEU A 1 209 ? -17.226 11.966  -6.115  1.00 16.13 ? 209 LEU A CD1 1 
ATOM   1373 C CD2 . LEU A 1 209 ? -16.715 11.571  -3.646  1.00 14.85 ? 209 LEU A CD2 1 
ATOM   1374 N N   . SER A 1 210 ? -19.090 6.968   -4.921  1.00 12.01 ? 210 SER A N   1 
ATOM   1375 C CA  . SER A 1 210 ? -20.256 6.105   -4.758  1.00 11.17 ? 210 SER A CA  1 
ATOM   1376 C C   . SER A 1 210 ? -20.089 4.973   -3.758  1.00 11.13 ? 210 SER A C   1 
ATOM   1377 O O   . SER A 1 210 ? -21.040 4.578   -3.099  1.00 11.19 ? 210 SER A O   1 
ATOM   1378 C CB  . SER A 1 210 ? -20.785 5.591   -6.107  1.00 11.77 ? 210 SER A CB  1 
ATOM   1379 O OG  . SER A 1 210 ? -19.880 4.774   -6.802  1.00 12.17 ? 210 SER A OG  1 
ATOM   1380 N N   . ALA A 1 211 ? -18.865 4.500   -3.614  1.00 10.73 ? 211 ALA A N   1 
ATOM   1381 C CA  . ALA A 1 211 ? -18.595 3.475   -2.549  1.00 10.84 ? 211 ALA A CA  1 
ATOM   1382 C C   . ALA A 1 211 ? -18.748 4.109   -1.179  1.00 10.62 ? 211 ALA A C   1 
ATOM   1383 O O   . ALA A 1 211 ? -19.308 3.425   -0.311  1.00 10.70 ? 211 ALA A O   1 
ATOM   1384 C CB  . ALA A 1 211 ? -17.133 2.992   -2.749  1.00 12.59 ? 211 ALA A CB  1 
ATOM   1385 N N   . ILE A 1 212 ? -18.232 5.344   -1.009  1.00 10.62 ? 212 ILE A N   1 
ATOM   1386 C CA  . ILE A 1 212 ? -18.361 5.946   0.352   1.00 10.70 ? 212 ILE A CA  1 
ATOM   1387 C C   . ILE A 1 212 ? -19.865 6.247   0.609   1.00 11.34 ? 212 ILE A C   1 
ATOM   1388 O O   . ILE A 1 212 ? -20.366 6.081   1.716   1.00 11.26 ? 212 ILE A O   1 
ATOM   1389 C CB  . ILE A 1 212 ? -17.436 7.177   0.461   1.00 11.37 ? 212 ILE A CB  1 
ATOM   1390 C CG1 . ILE A 1 212 ? -15.984 6.657   0.520   1.00 11.55 ? 212 ILE A CG1 1 
ATOM   1391 C CG2 . ILE A 1 212 ? -17.770 7.975   1.744   1.00 12.45 ? 212 ILE A CG2 1 
ATOM   1392 C CD1 . ILE A 1 212 ? -14.994 7.794   0.348   1.00 15.09 ? 212 ILE A CD1 1 
ATOM   1393 N N   . ASP A 1 213 ? -20.596 6.693   -0.421  1.00 10.27 ? 213 ASP A N   1 
ATOM   1394 C CA  . ASP A 1 213 ? -22.023 6.916   -0.320  1.00 10.77 ? 213 ASP A CA  1 
ATOM   1395 C C   . ASP A 1 213 ? -22.726 5.612   0.048   1.00 10.41 ? 213 ASP A C   1 
ATOM   1396 O O   . ASP A 1 213 ? -23.651 5.603   0.867   1.00 10.61 ? 213 ASP A O   1 
ATOM   1397 C CB  . ASP A 1 213 ? -22.503 7.508   -1.630  1.00 11.42 ? 213 ASP A CB  1 
ATOM   1398 C CG  . ASP A 1 213 ? -23.953 7.728   -1.685  1.00 12.78 ? 213 ASP A CG  1 
ATOM   1399 O OD1 . ASP A 1 213 ? -24.410 8.829   -1.407  1.00 13.86 ? 213 ASP A OD1 1 
ATOM   1400 O OD2 . ASP A 1 213 ? -24.692 6.808   -2.142  1.00 13.51 ? 213 ASP A OD2 1 
ATOM   1401 N N   . TRP A 1 214 ? -22.301 4.502   -0.574  1.00 9.72  ? 214 TRP A N   1 
ATOM   1402 C CA  . TRP A 1 214 ? -22.893 3.217   -0.178  1.00 10.37 ? 214 TRP A CA  1 
ATOM   1403 C C   . TRP A 1 214 ? -22.635 2.860   1.296   1.00 11.51 ? 214 TRP A C   1 
ATOM   1404 O O   . TRP A 1 214 ? -23.538 2.379   2.000   1.00 11.20 ? 214 TRP A O   1 
ATOM   1405 C CB  . TRP A 1 214 ? -22.330 2.146   -1.118  1.00 11.22 ? 214 TRP A CB  1 
ATOM   1406 C CG  . TRP A 1 214 ? -22.878 0.759   -0.862  1.00 10.74 ? 214 TRP A CG  1 
ATOM   1407 C CD1 . TRP A 1 214 ? -23.940 0.158   -1.570  1.00 10.67 ? 214 TRP A CD1 1 
ATOM   1408 C CD2 . TRP A 1 214 ? -22.364 -0.248  0.018   1.00 11.55 ? 214 TRP A CD2 1 
ATOM   1409 N NE1 . TRP A 1 214 ? -24.125 -1.150  -1.122  1.00 11.56 ? 214 TRP A NE1 1 
ATOM   1410 C CE2 . TRP A 1 214 ? -23.213 -1.413  -0.131  1.00 11.61 ? 214 TRP A CE2 1 
ATOM   1411 C CE3 . TRP A 1 214 ? -21.330 -0.264  0.960   1.00 11.27 ? 214 TRP A CE3 1 
ATOM   1412 C CZ2 . TRP A 1 214 ? -22.988 -2.614  0.545   1.00 12.42 ? 214 TRP A CZ2 1 
ATOM   1413 C CZ3 . TRP A 1 214 ? -21.111 -1.500  1.689   1.00 11.76 ? 214 TRP A CZ3 1 
ATOM   1414 C CH2 . TRP A 1 214 ? -21.922 -2.622  1.468   1.00 13.45 ? 214 TRP A CH2 1 
ATOM   1415 N N   . LEU A 1 215 ? -21.442 3.204   1.786   1.00 10.62 ? 215 LEU A N   1 
ATOM   1416 C CA  . LEU A 1 215 ? -21.145 2.959   3.198   1.00 11.13 ? 215 LEU A CA  1 
ATOM   1417 C C   . LEU A 1 215 ? -22.005 3.845   4.122   1.00 11.19 ? 215 LEU A C   1 
ATOM   1418 O O   . LEU A 1 215 ? -22.448 3.353   5.187   1.00 12.64 ? 215 LEU A O   1 
ATOM   1419 C CB  . LEU A 1 215 ? -19.671 3.221   3.457   1.00 11.68 ? 215 LEU A CB  1 
ATOM   1420 C CG  . LEU A 1 215 ? -18.666 2.229   2.882   1.00 10.57 ? 215 LEU A CG  1 
ATOM   1421 C CD1 . LEU A 1 215 ? -17.256 2.822   3.071   1.00 12.10 ? 215 LEU A CD1 1 
ATOM   1422 C CD2 . LEU A 1 215 ? -18.767 0.883   3.578   1.00 11.47 ? 215 LEU A CD2 1 
ATOM   1423 N N   . ALA A 1 216 ? -22.179 5.111   3.763   1.00 11.31 ? 216 ALA A N   1 
ATOM   1424 C CA  . ALA A 1 216 ? -22.436 6.099   4.778   1.00 13.20 ? 216 ALA A CA  1 
ATOM   1425 C C   . ALA A 1 216 ? -23.233 7.324   4.298   1.00 12.57 ? 216 ALA A C   1 
ATOM   1426 O O   . ALA A 1 216 ? -23.264 8.321   5.093   1.00 14.67 ? 216 ALA A O   1 
ATOM   1427 C CB  . ALA A 1 216 ? -21.044 6.621   5.293   1.00 15.30 ? 216 ALA A CB  1 
ATOM   1428 N N   . LYS A 1 217 ? -24.080 7.203   3.310   1.00 12.31 ? 217 LYS A N   1 
ATOM   1429 C CA  . LYS A 1 217 ? -24.773 8.450   2.755   1.00 12.72 ? 217 LYS A CA  1 
ATOM   1430 C C   . LYS A 1 217 ? -25.623 9.075   3.873   1.00 14.26 ? 217 LYS A C   1 
ATOM   1431 O O   . LYS A 1 217 ? -25.872 10.289  3.849   1.00 15.73 ? 217 LYS A O   1 
ATOM   1432 C CB  . LYS A 1 217 ? -25.627 8.088   1.550   1.00 13.18 ? 217 LYS A CB  1 
ATOM   1433 C CG  . LYS A 1 217 ? -26.791 7.179   1.869   1.00 13.37 ? 217 LYS A CG  1 
ATOM   1434 C CD  . LYS A 1 217 ? -27.556 6.768   0.617   1.00 15.77 ? 217 LYS A CD  1 
ATOM   1435 C CE  . LYS A 1 217 ? -26.957 5.729   -0.215  1.00 16.35 ? 217 LYS A CE  1 
ATOM   1436 N NZ  . LYS A 1 217 ? -26.575 4.455   0.418   1.00 20.67 ? 217 LYS A NZ  1 
ATOM   1437 N N   . ASP A 1 218 ? -26.236 8.303   4.802   1.00 13.65 ? 218 ASP A N   1 
ATOM   1438 C CA  . ASP A 1 218 ? -27.144 8.870   5.835   1.00 13.36 ? 218 ASP A CA  1 
ATOM   1439 C C   . ASP A 1 218 ? -26.401 9.262   7.094   1.00 15.46 ? 218 ASP A C   1 
ATOM   1440 O O   . ASP A 1 218 ? -27.027 9.711   8.057   1.00 16.75 ? 218 ASP A O   1 
ATOM   1441 C CB  . ASP A 1 218 ? -28.223 7.847   6.157   1.00 14.03 ? 218 ASP A CB  1 
ATOM   1442 C CG  . ASP A 1 218 ? -29.069 7.471   4.913   1.00 15.42 ? 218 ASP A CG  1 
ATOM   1443 O OD1 . ASP A 1 218 ? -29.607 8.452   4.342   1.00 15.64 ? 218 ASP A OD1 1 
ATOM   1444 O OD2 . ASP A 1 218 ? -29.226 6.272   4.596   1.00 16.56 ? 218 ASP A OD2 1 
ATOM   1445 N N   . LEU A 1 219 ? -25.066 9.166   7.128   1.00 16.75 ? 219 LEU A N   1 
ATOM   1446 C CA  . LEU A 1 219 ? -24.289 9.474   8.324   1.00 17.54 ? 219 LEU A CA  1 
ATOM   1447 C C   . LEU A 1 219 ? -23.261 10.525  8.044   1.00 22.43 ? 219 LEU A C   1 
ATOM   1448 O O   . LEU A 1 219 ? -22.143 10.448  8.526   1.00 26.95 ? 219 LEU A O   1 
ATOM   1449 C CB  . LEU A 1 219 ? -23.575 8.166   8.784   1.00 19.60 ? 219 LEU A CB  1 
ATOM   1450 C CG  . LEU A 1 219 ? -24.432 7.179   9.656   1.00 22.71 ? 219 LEU A CG  1 
ATOM   1451 C CD1 . LEU A 1 219 ? -25.593 6.551   8.902   1.00 22.57 ? 219 LEU A CD1 1 
ATOM   1452 C CD2 . LEU A 1 219 ? -23.583 6.095   10.319  1.00 26.94 ? 219 LEU A CD2 1 
ATOM   1453 N N   . LEU A 1 220 ? -23.713 11.578  7.360   1.00 21.74 ? 220 LEU A N   1 
ATOM   1454 C CA  . LEU A 1 220 ? -22.808 12.638  6.953   1.00 24.15 ? 220 LEU A CA  1 
ATOM   1455 C C   . LEU A 1 220 ? -23.149 13.994  7.583   1.00 28.56 ? 220 LEU A C   1 
ATOM   1456 O O   . LEU A 1 220 ? -22.353 14.943  7.382   1.00 30.74 ? 220 LEU A O   1 
ATOM   1457 C CB  . LEU A 1 220 ? -22.773 12.755  5.392   1.00 22.63 ? 220 LEU A CB  1 
ATOM   1458 C CG  . LEU A 1 220 ? -22.464 11.495  4.535   1.00 19.56 ? 220 LEU A CG  1 
ATOM   1459 C CD1 . LEU A 1 220 ? -22.381 11.861  3.058   1.00 21.33 ? 220 LEU A CD1 1 
ATOM   1460 C CD2 . LEU A 1 220 ? -21.140 10.834  4.979   1.00 24.70 ? 220 LEU A CD2 1 
ATOM   1461 N N   . GLU A 1 221 ? -24.322 14.106  8.238   1.00 33.64 ? 221 GLU A N   1 
ATOM   1462 C CA  . GLU A 1 221 ? -24.742 15.280  9.069   1.00 42.66 ? 221 GLU A CA  1 
ATOM   1463 C C   . GLU A 1 221 ? -25.599 16.320  8.370   1.00 51.35 ? 221 GLU A C   1 
ATOM   1464 O O   . GLU A 1 221 ? -25.330 17.528  8.437   1.00 57.33 ? 221 GLU A O   1 
ATOM   1465 C CB  . GLU A 1 221 ? -23.547 15.934  9.780   1.00 45.08 ? 221 GLU A CB  1 
ATOM   1466 C CG  . GLU A 1 221 ? -22.980 15.038  10.866  1.00 48.87 ? 221 GLU A CG  1 
ATOM   1467 C CD  . GLU A 1 221 ? -21.766 15.620  11.545  1.00 59.22 ? 221 GLU A CD  1 
ATOM   1468 O OE1 . GLU A 1 221 ? -20.955 16.278  10.845  1.00 67.01 ? 221 GLU A OE1 1 
ATOM   1469 O OE2 . GLU A 1 221 ? -21.622 15.408  12.779  1.00 61.56 ? 221 GLU A OE2 1 
HETATM 1470 O O   . HOH B 2 .   ? 3.460   -5.222  -1.954  1.00 13.71 ? 301 HOH A O   1 
HETATM 1471 O O   . HOH B 2 .   ? 5.171   -5.821  -4.021  1.00 11.94 ? 302 HOH A O   1 
HETATM 1472 O O   . HOH B 2 .   ? -20.503 3.190   7.263   1.00 14.94 ? 303 HOH A O   1 
HETATM 1473 O O   . HOH B 2 .   ? 2.546   -7.819  -15.184 1.00 13.09 ? 304 HOH A O   1 
HETATM 1474 O O   . HOH B 2 .   ? -8.887  -4.529  4.655   1.00 19.79 ? 305 HOH A O   1 
HETATM 1475 O O   . HOH B 2 .   ? 16.109  -0.914  7.304   1.00 12.93 ? 306 HOH A O   1 
HETATM 1476 O O   . HOH B 2 .   ? 13.740  -6.260  -7.096  1.00 14.66 ? 307 HOH A O   1 
HETATM 1477 O O   . HOH B 2 .   ? 11.642  -15.168 -1.225  1.00 30.55 ? 308 HOH A O   1 
HETATM 1478 O O   . HOH B 2 .   ? 5.277   -12.164 -5.721  1.00 15.70 ? 309 HOH A O   1 
HETATM 1479 O O   . HOH B 2 .   ? -29.875 9.305   1.739   1.00 15.21 ? 310 HOH A O   1 
HETATM 1480 O O   . HOH B 2 .   ? 4.334   6.726   -2.878  1.00 16.33 ? 311 HOH A O   1 
HETATM 1481 O O   . HOH B 2 .   ? 8.675   -4.890  -17.706 1.00 15.10 ? 312 HOH A O   1 
HETATM 1482 O O   . HOH B 2 .   ? 4.846   -2.491  -13.355 1.00 14.55 ? 313 HOH A O   1 
HETATM 1483 O O   . HOH B 2 .   ? 15.073  3.184   12.774  1.00 13.93 ? 314 HOH A O   1 
HETATM 1484 O O   . HOH B 2 .   ? 10.775  -11.797 -10.090 1.00 16.78 ? 315 HOH A O   1 
HETATM 1485 O O   . HOH B 2 .   ? -0.283  -7.155  -14.842 1.00 14.12 ? 316 HOH A O   1 
HETATM 1486 O O   . HOH B 2 .   ? 10.581  -15.455 -8.925  1.00 21.26 ? 317 HOH A O   1 
HETATM 1487 O O   . HOH B 2 .   ? 15.766  -5.443  -13.698 1.00 20.04 ? 318 HOH A O   1 
HETATM 1488 O O   . HOH B 2 .   ? 8.376   -0.228  -12.427 1.00 13.33 ? 319 HOH A O   1 
HETATM 1489 O O   . HOH B 2 .   ? -25.530 4.000   3.084   1.00 14.43 ? 320 HOH A O   1 
HETATM 1490 O O   . HOH B 2 .   ? 19.238  -3.855  8.978   1.00 13.04 ? 321 HOH A O   1 
HETATM 1491 O O   . HOH B 2 .   ? 0.269   -3.007  5.365   1.00 16.40 ? 322 HOH A O   1 
HETATM 1492 O O   . HOH B 2 .   ? 17.356  -1.813  9.720   1.00 12.44 ? 323 HOH A O   1 
HETATM 1493 O O   . HOH B 2 .   ? 6.424   -1.785  -11.263 1.00 13.80 ? 324 HOH A O   1 
HETATM 1494 O O   . HOH B 2 .   ? -27.064 1.930   4.891   1.00 16.77 ? 325 HOH A O   1 
HETATM 1495 O O   . HOH B 2 .   ? 4.267   5.305   -9.946  1.00 19.45 ? 326 HOH A O   1 
HETATM 1496 O O   . HOH B 2 .   ? -23.754 4.724   -3.564  1.00 13.46 ? 327 HOH A O   1 
HETATM 1497 O O   . HOH B 2 .   ? 2.529   0.904   -15.456 1.00 17.03 ? 328 HOH A O   1 
HETATM 1498 O O   . HOH B 2 .   ? 23.584  4.164   2.015   1.00 25.26 ? 329 HOH A O   1 
HETATM 1499 O O   . HOH B 2 .   ? 7.735   -12.824 -12.772 1.00 17.94 ? 330 HOH A O   1 
HETATM 1500 O O   . HOH B 2 .   ? -30.997 7.046   0.650   1.00 17.10 ? 331 HOH A O   1 
HETATM 1501 O O   . HOH B 2 .   ? -6.568  12.407  4.977   1.00 18.80 ? 332 HOH A O   1 
HETATM 1502 O O   . HOH B 2 .   ? -19.570 10.198  -1.192  1.00 18.10 ? 333 HOH A O   1 
HETATM 1503 O O   . HOH B 2 .   ? -0.379  -13.858 -10.084 1.00 13.14 ? 334 HOH A O   1 
HETATM 1504 O O   . HOH B 2 .   ? -9.062  -8.837  -6.305  1.00 13.38 ? 335 HOH A O   1 
HETATM 1505 O O   . HOH B 2 .   ? -7.219  -15.166 -3.554  1.00 14.94 ? 336 HOH A O   1 
HETATM 1506 O O   . HOH B 2 .   ? 18.334  -4.880  -1.754  1.00 31.95 ? 337 HOH A O   1 
HETATM 1507 O O   . HOH B 2 .   ? 5.984   7.934   10.517  1.00 25.45 ? 338 HOH A O   1 
HETATM 1508 O O   . HOH B 2 .   ? -8.943  -0.254  7.666   1.00 23.34 ? 339 HOH A O   1 
HETATM 1509 O O   . HOH B 2 .   ? -25.840 11.827  1.566   1.00 15.18 ? 340 HOH A O   1 
HETATM 1510 O O   . HOH B 2 .   ? -25.640 5.551   5.408   1.00 14.65 ? 341 HOH A O   1 
HETATM 1511 O O   . HOH B 2 .   ? -18.905 -4.263  6.524   1.00 19.21 ? 342 HOH A O   1 
HETATM 1512 O O   . HOH B 2 .   ? -3.412  -7.361  -10.992 1.00 11.91 ? 343 HOH A O   1 
HETATM 1513 O O   . HOH B 2 .   ? -12.388 -10.153 -4.381  1.00 20.58 ? 344 HOH A O   1 
HETATM 1514 O O   . HOH B 2 .   ? 6.004   -17.270 -9.666  1.00 17.29 ? 345 HOH A O   1 
HETATM 1515 O O   . HOH B 2 .   ? -26.120 12.176  5.896   1.00 18.24 ? 346 HOH A O   1 
HETATM 1516 O O   . HOH B 2 .   ? -17.352 -5.777  -0.200  1.00 21.85 ? 347 HOH A O   1 
HETATM 1517 O O   . HOH B 2 .   ? -28.106 4.307   5.979   1.00 14.51 ? 348 HOH A O   1 
HETATM 1518 O O   . HOH B 2 .   ? -25.680 0.570   1.470   1.00 22.43 ? 349 HOH A O   1 
HETATM 1519 O O   . HOH B 2 .   ? -30.204 5.114   2.481   1.00 19.01 ? 350 HOH A O   1 
HETATM 1520 O O   . HOH B 2 .   ? 4.765   -0.815  -15.410 1.00 19.98 ? 351 HOH A O   1 
HETATM 1521 O O   . HOH B 2 .   ? 7.701   9.991   8.460   1.00 27.94 ? 352 HOH A O   1 
HETATM 1522 O O   . HOH B 2 .   ? 14.443  -8.911  -7.656  1.00 23.23 ? 353 HOH A O   1 
HETATM 1523 O O   . HOH B 2 .   ? 21.865  1.604   -4.289  1.00 27.13 ? 354 HOH A O   1 
HETATM 1524 O O   . HOH B 2 .   ? -29.323 11.388  7.735   1.00 18.17 ? 355 HOH A O   1 
HETATM 1525 O O   . HOH B 2 .   ? 4.434   10.587  -0.121  1.00 30.31 ? 356 HOH A O   1 
HETATM 1526 O O   . HOH B 2 .   ? 15.587  -5.160  11.083  1.00 22.18 ? 357 HOH A O   1 
HETATM 1527 O O   . HOH B 2 .   ? 0.640   11.568  -5.951  1.00 23.87 ? 358 HOH A O   1 
HETATM 1528 O O   . HOH B 2 .   ? 0.691   11.585  4.944   1.00 21.92 ? 359 HOH A O   1 
HETATM 1529 O O   . HOH B 2 .   ? 23.831  -5.596  3.942   1.00 23.94 ? 360 HOH A O   1 
HETATM 1530 O O   . HOH B 2 .   ? 4.738   -3.753  9.163   1.00 23.79 ? 361 HOH A O   1 
HETATM 1531 O O   . HOH B 2 .   ? -6.029  -12.825 -10.226 1.00 24.21 ? 362 HOH A O   1 
HETATM 1532 O O   . HOH B 2 .   ? 2.671   -2.166  6.452   1.00 20.57 ? 363 HOH A O   1 
HETATM 1533 O O   . HOH B 2 .   ? -8.782  -1.323  -13.232 1.00 31.74 ? 364 HOH A O   1 
HETATM 1534 O O   . HOH B 2 .   ? 11.090  8.582   -4.136  1.00 21.16 ? 365 HOH A O   1 
HETATM 1535 O O   . HOH B 2 .   ? 5.121   7.068   -8.133  1.00 22.36 ? 366 HOH A O   1 
HETATM 1536 O O   . HOH B 2 .   ? 0.233   7.850   -12.614 1.00 24.67 ? 367 HOH A O   1 
HETATM 1537 O O   . HOH B 2 .   ? -19.803 -4.910  3.201   1.00 20.24 ? 368 HOH A O   1 
HETATM 1538 O O   . HOH B 2 .   ? 18.270  -7.663  0.481   1.00 27.48 ? 369 HOH A O   1 
HETATM 1539 O O   . HOH B 2 .   ? 12.765  -10.384 5.649   1.00 25.03 ? 370 HOH A O   1 
HETATM 1540 O O   . HOH B 2 .   ? 10.424  -1.542  -17.759 1.00 19.98 ? 371 HOH A O   1 
HETATM 1541 O O   . HOH B 2 .   ? 3.512   3.388   -15.887 1.00 22.07 ? 372 HOH A O   1 
HETATM 1542 O O   . HOH B 2 .   ? -11.654 -15.415 -4.897  1.00 21.47 ? 373 HOH A O   1 
HETATM 1543 O O   . HOH B 2 .   ? 9.090   5.276   -14.304 1.00 23.59 ? 374 HOH A O   1 
HETATM 1544 O O   . HOH B 2 .   ? 14.266  -9.891  0.080   1.00 27.53 ? 375 HOH A O   1 
HETATM 1545 O O   . HOH B 2 .   ? -16.002 -10.904 -3.321  1.00 22.58 ? 376 HOH A O   1 
HETATM 1546 O O   . HOH B 2 .   ? 7.682   6.728   -9.025  1.00 21.02 ? 377 HOH A O   1 
HETATM 1547 O O   . HOH B 2 .   ? -7.142  5.540   9.998   1.00 27.38 ? 378 HOH A O   1 
HETATM 1548 O O   . HOH B 2 .   ? 2.749   -4.658  -18.143 1.00 20.36 ? 379 HOH A O   1 
HETATM 1549 O O   . HOH B 2 .   ? 0.432   13.278  -3.596  1.00 27.99 ? 380 HOH A O   1 
HETATM 1550 O O   . HOH B 2 .   ? -5.401  14.088  2.990   1.00 24.01 ? 381 HOH A O   1 
HETATM 1551 O O   . HOH B 2 .   ? -18.610 12.627  8.662   1.00 37.50 ? 382 HOH A O   1 
HETATM 1552 O O   . HOH B 2 .   ? -1.506  -5.891  -17.125 1.00 19.90 ? 383 HOH A O   1 
HETATM 1553 O O   . HOH B 2 .   ? 22.767  -8.106  3.989   1.00 25.43 ? 384 HOH A O   1 
HETATM 1554 O O   . HOH B 2 .   ? -10.486 -11.343 -7.819  1.00 25.94 ? 385 HOH A O   1 
HETATM 1555 O O   . HOH B 2 .   ? -13.613 3.134   -11.806 1.00 23.21 ? 386 HOH A O   1 
HETATM 1556 O O   . HOH B 2 .   ? -12.880 0.546   -11.514 1.00 24.06 ? 387 HOH A O   1 
HETATM 1557 O O   . HOH B 2 .   ? 10.361  1.821   -14.251 1.00 17.21 ? 388 HOH A O   1 
HETATM 1558 O O   . HOH B 2 .   ? -0.609  -1.690  7.601   1.00 26.22 ? 389 HOH A O   1 
HETATM 1559 O O   . HOH B 2 .   ? -13.300 -0.640  -9.197  1.00 19.09 ? 390 HOH A O   1 
HETATM 1560 O O   . HOH B 2 .   ? 15.601  -7.976  -10.271 1.00 25.55 ? 391 HOH A O   1 
HETATM 1561 O O   . HOH B 2 .   ? -2.584  13.985  2.208   1.00 25.60 ? 392 HOH A O   1 
HETATM 1562 O O   . HOH B 2 .   ? 9.384   9.025   -8.743  1.00 32.40 ? 393 HOH A O   1 
HETATM 1563 O O   . HOH B 2 .   ? 8.317   -17.140 -7.917  1.00 27.92 ? 394 HOH A O   1 
HETATM 1564 O O   . HOH B 2 .   ? -9.443  -10.817 -10.964 1.00 21.31 ? 395 HOH A O   1 
HETATM 1565 O O   . HOH B 2 .   ? 4.789   -14.306 -4.286  1.00 27.75 ? 396 HOH A O   1 
HETATM 1566 O O   . HOH B 2 .   ? -25.389 2.597   -3.876  1.00 20.01 ? 397 HOH A O   1 
HETATM 1567 O O   . HOH B 2 .   ? 3.042   9.768   -5.410  1.00 29.85 ? 398 HOH A O   1 
HETATM 1568 O O   . HOH B 2 .   ? 7.444   0.140   -15.009 1.00 24.28 ? 399 HOH A O   1 
HETATM 1569 O O   . HOH B 2 .   ? -9.957  -13.301 -10.810 1.00 22.93 ? 400 HOH A O   1 
HETATM 1570 O O   . HOH B 2 .   ? 25.059  1.512   2.731   1.00 27.22 ? 401 HOH A O   1 
HETATM 1571 O O   . HOH B 2 .   ? 13.360  -11.219 12.869  1.00 23.47 ? 402 HOH A O   1 
HETATM 1572 O O   . HOH B 2 .   ? -19.406 -2.796  11.306  1.00 26.02 ? 403 HOH A O   1 
HETATM 1573 O O   . HOH B 2 .   ? -4.973  2.876   10.993  1.00 42.39 ? 404 HOH A O   1 
HETATM 1574 O O   . HOH B 2 .   ? -22.123 -3.775  4.617   1.00 24.15 ? 405 HOH A O   1 
HETATM 1575 O O   . HOH B 2 .   ? 2.429   9.552   4.964   1.00 27.62 ? 406 HOH A O   1 
HETATM 1576 O O   . HOH B 2 .   ? -5.792  -0.276  7.592   1.00 30.64 ? 407 HOH A O   1 
HETATM 1577 O O   . HOH B 2 .   ? -15.557 -5.547  2.574   1.00 29.61 ? 408 HOH A O   1 
HETATM 1578 O O   . HOH B 2 .   ? 2.159   0.097   -18.215 1.00 30.60 ? 409 HOH A O   1 
HETATM 1579 O O   . HOH B 2 .   ? 25.075  0.159   6.647   1.00 26.43 ? 410 HOH A O   1 
HETATM 1580 O O   . HOH B 2 .   ? -9.010  7.243   11.297  1.00 29.38 ? 411 HOH A O   1 
HETATM 1581 O O   . HOH B 2 .   ? 7.260   10.462  1.223   1.00 26.39 ? 412 HOH A O   1 
HETATM 1582 O O   . HOH B 2 .   ? 4.848   6.334   -12.170 1.00 33.64 ? 413 HOH A O   1 
HETATM 1583 O O   . HOH B 2 .   ? -15.992 13.054  9.660   1.00 41.71 ? 414 HOH A O   1 
HETATM 1584 O O   . HOH B 2 .   ? -2.221  12.622  10.775  1.00 32.08 ? 415 HOH A O   1 
HETATM 1585 O O   . HOH B 2 .   ? 18.931  -1.910  -2.160  1.00 29.24 ? 416 HOH A O   1 
HETATM 1586 O O   . HOH B 2 .   ? -9.001  1.894   9.441   1.00 31.80 ? 417 HOH A O   1 
HETATM 1587 O O   . HOH B 2 .   ? 2.052   1.034   9.494   1.00 31.52 ? 418 HOH A O   1 
HETATM 1588 O O   . HOH B 2 .   ? -6.220  -15.888 5.885   1.00 30.93 ? 419 HOH A O   1 
HETATM 1589 O O   . HOH B 2 .   ? -21.073 9.758   1.198   1.00 25.18 ? 420 HOH A O   1 
HETATM 1590 O O   . HOH B 2 .   ? -26.184 12.007  9.445   1.00 31.18 ? 421 HOH A O   1 
HETATM 1591 O O   . HOH B 2 .   ? 13.634  6.962   -7.940  1.00 29.25 ? 422 HOH A O   1 
HETATM 1592 O O   . HOH B 2 .   ? 2.460   12.542  -2.242  1.00 35.69 ? 423 HOH A O   1 
HETATM 1593 O O   . HOH B 2 .   ? 25.660  -4.914  5.954   1.00 33.20 ? 424 HOH A O   1 
HETATM 1594 O O   . HOH B 2 .   ? 11.487  8.198   -6.843  1.00 27.72 ? 425 HOH A O   1 
HETATM 1595 O O   . HOH B 2 .   ? 11.580  9.999   6.816   1.00 31.70 ? 426 HOH A O   1 
HETATM 1596 O O   . HOH B 2 .   ? 18.622  0.659   -0.859  1.00 40.15 ? 427 HOH A O   1 
HETATM 1597 O O   . HOH B 2 .   ? -20.488 -3.730  8.844   1.00 30.65 ? 428 HOH A O   1 
HETATM 1598 O O   . HOH B 2 .   ? 24.225  -9.805  6.069   1.00 33.80 ? 429 HOH A O   1 
HETATM 1599 O O   . HOH B 2 .   ? -0.733  -7.034  -12.052 1.00 12.46 ? 430 HOH A O   1 
HETATM 1600 O O   . HOH B 2 .   ? -1.358  -3.102  -17.750 1.00 25.16 ? 431 HOH A O   1 
HETATM 1601 O O   . HOH B 2 .   ? 20.936  0.983   -7.023  1.00 28.72 ? 432 HOH A O   1 
HETATM 1602 O O   . HOH B 2 .   ? 7.757   6.540   -12.116 1.00 26.11 ? 433 HOH A O   1 
HETATM 1603 O O   . HOH B 2 .   ? 24.275  -2.743  7.435   1.00 31.45 ? 434 HOH A O   1 
HETATM 1604 O O   . HOH B 2 .   ? 4.264   10.674  2.988   1.00 32.56 ? 435 HOH A O   1 
HETATM 1605 O O   . HOH B 2 .   ? 13.249  9.647   4.747   1.00 35.21 ? 436 HOH A O   1 
# 
